data_2CEN
# 
_entry.id   2CEN 
# 
_audit_conform.dict_name       mmcif_pdbx.dic 
_audit_conform.dict_version    5.382 
_audit_conform.dict_location   http://mmcif.pdb.org/dictionaries/ascii/mmcif_pdbx.dic 
# 
loop_
_database_2.database_id 
_database_2.database_code 
_database_2.pdbx_database_accession 
_database_2.pdbx_DOI 
PDB   2CEN         pdb_00002cen 10.2210/pdb2cen/pdb 
PDBE  EBI-27644    ?            ?                   
WWPDB D_1290027644 ?            ?                   
# 
loop_
_pdbx_database_related.db_name 
_pdbx_database_related.db_id 
_pdbx_database_related.content_type 
_pdbx_database_related.details 
PDB 1WBK unspecified 'HIV-1 PROTEASE IN COMPLEX WITH ASYMMETRIC INHIBITOR, BEA568' 
PDB 1WBM unspecified 'HIV-1 PROTEASE IN COMPLEX WITH SYMMETRIC INHIBITOR, BEA450' 
PDB 2CEJ unspecified 
;P1' EXTENDED HIV-1 PROTEASE INHIBITORS ENCOMPASSING A TERTIARY ALCOHOL IN THE TRANSITION-STATE MIMICKING SCAFFOLD
;
PDB 2CEM unspecified 
;P1' EXTENDED HIV-1 PROTEASE INHIBITORS ENCOMPASSING A TERTIARY ALCOHOL IN THE TRANSITION-STATE MIMICKING SCAFFOLD
;
# 
_pdbx_database_status.status_code                     REL 
_pdbx_database_status.entry_id                        2CEN 
_pdbx_database_status.deposit_site                    PDBE 
_pdbx_database_status.process_site                    PDBE 
_pdbx_database_status.SG_entry                        . 
_pdbx_database_status.recvd_initial_deposition_date   2006-02-08 
_pdbx_database_status.pdb_format_compatible           Y 
_pdbx_database_status.status_code_sf                  REL 
_pdbx_database_status.status_code_mr                  ? 
_pdbx_database_status.status_code_cs                  ? 
_pdbx_database_status.methods_development_category    ? 
_pdbx_database_status.status_code_nmr_data            ? 
# 
loop_
_audit_author.name 
_audit_author.pdbx_ordinal 
'Ginman, N.'     1 
'Ekegren, J.K.'  2 
'Johansson, A.'  3 
'Wallberg, H.'   4 
'Larhed, M.'     5 
'Samuelsson, B.' 6 
'Hallberg, A.'   7 
'Unge, T.'       8 
# 
_citation.id                        primary 
_citation.title                     
;Microwave-Accelerated Synthesis of P1'-Extended HIV-1 Protease Inhibitors Encompassing a Tertiary Alcohol in the Transition-State Mimicking Scaffold.
;
_citation.journal_abbrev            J.Med.Chem. 
_citation.journal_volume            49 
_citation.page_first                1828 
_citation.page_last                 ? 
_citation.year                      2006 
_citation.journal_id_ASTM           JMCMAR 
_citation.country                   US 
_citation.journal_id_ISSN           0022-2623 
_citation.journal_id_CSD            0151 
_citation.book_publisher            ? 
_citation.pdbx_database_id_PubMed   16509598 
_citation.pdbx_database_id_DOI      10.1021/JM051239Z 
# 
loop_
_citation_author.citation_id 
_citation_author.name 
_citation_author.ordinal 
_citation_author.identifier_ORCID 
primary 'Ekegren, J.K.'  1 ? 
primary 'Ginman, N.'     2 ? 
primary 'Johansson, A.'  3 ? 
primary 'Wallberg, H.'   4 ? 
primary 'Larhed, M.'     5 ? 
primary 'Samuelsson, B.' 6 ? 
primary 'Unge, T.'       7 ? 
primary 'Hallberg, A.'   8 ? 
# 
_cell.entry_id           2CEN 
_cell.length_a           58.350 
_cell.length_b           85.750 
_cell.length_c           46.580 
_cell.angle_alpha        90.00 
_cell.angle_beta         90.00 
_cell.angle_gamma        90.00 
_cell.Z_PDB              8 
_cell.pdbx_unique_axis   ? 
# 
_symmetry.entry_id                         2CEN 
_symmetry.space_group_name_H-M             'P 21 21 2' 
_symmetry.pdbx_full_space_group_name_H-M   ? 
_symmetry.cell_setting                     ? 
_symmetry.Int_Tables_number                18 
# 
loop_
_entity.id 
_entity.type 
_entity.src_method 
_entity.pdbx_description 
_entity.formula_weight 
_entity.pdbx_number_of_molecules 
_entity.pdbx_ec 
_entity.pdbx_mutation 
_entity.pdbx_fragment 
_entity.details 
1 polymer     man 'POL PROTEIN' 10803.756 2   3.4.23.16 ? ? 'COMPLEX WITH INHIBITOR AHA478' 
2 non-polymer syn 
;{(1S)-1-[N'-[(2S)-2-HYDROXY-2-((1S,2R)-2-HYDROXY-INDAN-1-YLCARBAMOYL)-3-PHENYL-PROPYL]-N'-[4-(PYRIDINE-2-YL)-BENZYL]-HYDRAZINOCARBONYL]-2,2-DIMETHYL-PROPYL}-CARBAMIC ACID METHYL ESTER
;
679.804   1   ?         ? ? ?                               
3 water       nat water 18.015    166 ?         ? ? ?                               
# 
_entity_name_com.entity_id   1 
_entity_name_com.name        'HIV-1 PROTEASE' 
# 
_entity_poly.entity_id                      1 
_entity_poly.type                           'polypeptide(L)' 
_entity_poly.nstd_linkage                   no 
_entity_poly.nstd_monomer                   no 
_entity_poly.pdbx_seq_one_letter_code       
;PQITLWQRPLVTIKIGGQLKEALLDTGADDTVLEEMSLPGRWKPKMIGGIGGFIKVRQYDQILIEICGHKAIGTVLVGPT
PVNIIGRNLLTQIGCTLNF
;
_entity_poly.pdbx_seq_one_letter_code_can   
;PQITLWQRPLVTIKIGGQLKEALLDTGADDTVLEEMSLPGRWKPKMIGGIGGFIKVRQYDQILIEICGHKAIGTVLVGPT
PVNIIGRNLLTQIGCTLNF
;
_entity_poly.pdbx_strand_id                 A,B 
_entity_poly.pdbx_target_identifier         ? 
# 
loop_
_entity_poly_seq.entity_id 
_entity_poly_seq.num 
_entity_poly_seq.mon_id 
_entity_poly_seq.hetero 
1 1  PRO n 
1 2  GLN n 
1 3  ILE n 
1 4  THR n 
1 5  LEU n 
1 6  TRP n 
1 7  GLN n 
1 8  ARG n 
1 9  PRO n 
1 10 LEU n 
1 11 VAL n 
1 12 THR n 
1 13 ILE n 
1 14 LYS n 
1 15 ILE n 
1 16 GLY n 
1 17 GLY n 
1 18 GLN n 
1 19 LEU n 
1 20 LYS n 
1 21 GLU n 
1 22 ALA n 
1 23 LEU n 
1 24 LEU n 
1 25 ASP n 
1 26 THR n 
1 27 GLY n 
1 28 ALA n 
1 29 ASP n 
1 30 ASP n 
1 31 THR n 
1 32 VAL n 
1 33 LEU n 
1 34 GLU n 
1 35 GLU n 
1 36 MET n 
1 37 SER n 
1 38 LEU n 
1 39 PRO n 
1 40 GLY n 
1 41 ARG n 
1 42 TRP n 
1 43 LYS n 
1 44 PRO n 
1 45 LYS n 
1 46 MET n 
1 47 ILE n 
1 48 GLY n 
1 49 GLY n 
1 50 ILE n 
1 51 GLY n 
1 52 GLY n 
1 53 PHE n 
1 54 ILE n 
1 55 LYS n 
1 56 VAL n 
1 57 ARG n 
1 58 GLN n 
1 59 TYR n 
1 60 ASP n 
1 61 GLN n 
1 62 ILE n 
1 63 LEU n 
1 64 ILE n 
1 65 GLU n 
1 66 ILE n 
1 67 CYS n 
1 68 GLY n 
1 69 HIS n 
1 70 LYS n 
1 71 ALA n 
1 72 ILE n 
1 73 GLY n 
1 74 THR n 
1 75 VAL n 
1 76 LEU n 
1 77 VAL n 
1 78 GLY n 
1 79 PRO n 
1 80 THR n 
1 81 PRO n 
1 82 VAL n 
1 83 ASN n 
1 84 ILE n 
1 85 ILE n 
1 86 GLY n 
1 87 ARG n 
1 88 ASN n 
1 89 LEU n 
1 90 LEU n 
1 91 THR n 
1 92 GLN n 
1 93 ILE n 
1 94 GLY n 
1 95 CYS n 
1 96 THR n 
1 97 LEU n 
1 98 ASN n 
1 99 PHE n 
# 
_entity_src_gen.entity_id                          1 
_entity_src_gen.pdbx_src_id                        1 
_entity_src_gen.pdbx_alt_source_flag               sample 
_entity_src_gen.pdbx_seq_type                      ? 
_entity_src_gen.pdbx_beg_seq_num                   ? 
_entity_src_gen.pdbx_end_seq_num                   ? 
_entity_src_gen.gene_src_common_name               ? 
_entity_src_gen.gene_src_genus                     ? 
_entity_src_gen.pdbx_gene_src_gene                 ? 
_entity_src_gen.gene_src_species                   ? 
_entity_src_gen.gene_src_strain                    'HIV-1 D10' 
_entity_src_gen.gene_src_tissue                    ? 
_entity_src_gen.gene_src_tissue_fraction           ? 
_entity_src_gen.gene_src_details                   ? 
_entity_src_gen.pdbx_gene_src_fragment             ? 
_entity_src_gen.pdbx_gene_src_scientific_name      'HUMAN IMMUNODEFICIENCY VIRUS 1' 
_entity_src_gen.pdbx_gene_src_ncbi_taxonomy_id     11676 
_entity_src_gen.pdbx_gene_src_variant              D10 
_entity_src_gen.pdbx_gene_src_cell_line            ? 
_entity_src_gen.pdbx_gene_src_atcc                 ? 
_entity_src_gen.pdbx_gene_src_organ                ? 
_entity_src_gen.pdbx_gene_src_organelle            ? 
_entity_src_gen.pdbx_gene_src_cell                 ? 
_entity_src_gen.pdbx_gene_src_cellular_location    ? 
_entity_src_gen.host_org_common_name               ? 
_entity_src_gen.pdbx_host_org_scientific_name      'ESCHERICHIA COLI' 
_entity_src_gen.pdbx_host_org_ncbi_taxonomy_id     562 
_entity_src_gen.host_org_genus                     ? 
_entity_src_gen.pdbx_host_org_gene                 ? 
_entity_src_gen.pdbx_host_org_organ                ? 
_entity_src_gen.host_org_species                   ? 
_entity_src_gen.pdbx_host_org_tissue               ? 
_entity_src_gen.pdbx_host_org_tissue_fraction      ? 
_entity_src_gen.pdbx_host_org_strain               ROSETTA 
_entity_src_gen.pdbx_host_org_variant              ? 
_entity_src_gen.pdbx_host_org_cell_line            ? 
_entity_src_gen.pdbx_host_org_atcc                 ? 
_entity_src_gen.pdbx_host_org_culture_collection   ? 
_entity_src_gen.pdbx_host_org_cell                 ? 
_entity_src_gen.pdbx_host_org_organelle            ? 
_entity_src_gen.pdbx_host_org_cellular_location    ? 
_entity_src_gen.pdbx_host_org_vector_type          ? 
_entity_src_gen.pdbx_host_org_vector               ? 
_entity_src_gen.host_org_details                   ? 
_entity_src_gen.expression_system_id               ? 
_entity_src_gen.plasmid_name                       PET11D 
_entity_src_gen.plasmid_details                    ? 
_entity_src_gen.pdbx_description                   ? 
# 
_struct_ref.id                         1 
_struct_ref.db_name                    UNP 
_struct_ref.db_code                    Q8Q3H0_9HIV1 
_struct_ref.entity_id                  1 
_struct_ref.pdbx_seq_one_letter_code   ? 
_struct_ref.pdbx_align_begin           ? 
_struct_ref.pdbx_db_accession          Q8Q3H0 
_struct_ref.pdbx_db_isoform            ? 
# 
loop_
_struct_ref_seq.align_id 
_struct_ref_seq.ref_id 
_struct_ref_seq.pdbx_PDB_id_code 
_struct_ref_seq.pdbx_strand_id 
_struct_ref_seq.seq_align_beg 
_struct_ref_seq.pdbx_seq_align_beg_ins_code 
_struct_ref_seq.seq_align_end 
_struct_ref_seq.pdbx_seq_align_end_ins_code 
_struct_ref_seq.pdbx_db_accession 
_struct_ref_seq.db_align_beg 
_struct_ref_seq.pdbx_db_align_beg_ins_code 
_struct_ref_seq.db_align_end 
_struct_ref_seq.pdbx_db_align_end_ins_code 
_struct_ref_seq.pdbx_auth_seq_align_beg 
_struct_ref_seq.pdbx_auth_seq_align_end 
1 1 2CEN A 1 ? 99 ? Q8Q3H0 1 ? 99 ? 1   99  
2 1 2CEN B 1 ? 99 ? Q8Q3H0 1 ? 99 ? 101 199 
# 
loop_
_chem_comp.id 
_chem_comp.type 
_chem_comp.mon_nstd_flag 
_chem_comp.name 
_chem_comp.pdbx_synonyms 
_chem_comp.formula 
_chem_comp.formula_weight 
4AH non-polymer         . 
;{(1S)-1-[N'-[(2S)-2-HYDROXY-2-((1S,2R)-2-HYDROXY-INDAN-1-YLCARBAMOYL)-3-PHENYL-PROPYL]-N'-[4-(PYRIDINE-2-YL)-BENZYL]-HYDRAZINOCARBONYL]-2,2-DIMETHYL-PROPYL}-CARBAMIC ACID METHYL ESTER
;
? 'C39 H45 N5 O6'  679.804 
ALA 'L-peptide linking' y ALANINE ? 'C3 H7 N O2'     89.093  
ARG 'L-peptide linking' y ARGININE ? 'C6 H15 N4 O2 1' 175.209 
ASN 'L-peptide linking' y ASPARAGINE ? 'C4 H8 N2 O3'    132.118 
ASP 'L-peptide linking' y 'ASPARTIC ACID' ? 'C4 H7 N O4'     133.103 
CYS 'L-peptide linking' y CYSTEINE ? 'C3 H7 N O2 S'   121.158 
GLN 'L-peptide linking' y GLUTAMINE ? 'C5 H10 N2 O3'   146.144 
GLU 'L-peptide linking' y 'GLUTAMIC ACID' ? 'C5 H9 N O4'     147.129 
GLY 'peptide linking'   y GLYCINE ? 'C2 H5 N O2'     75.067  
HIS 'L-peptide linking' y HISTIDINE ? 'C6 H10 N3 O2 1' 156.162 
HOH non-polymer         . WATER ? 'H2 O'           18.015  
ILE 'L-peptide linking' y ISOLEUCINE ? 'C6 H13 N O2'    131.173 
LEU 'L-peptide linking' y LEUCINE ? 'C6 H13 N O2'    131.173 
LYS 'L-peptide linking' y LYSINE ? 'C6 H15 N2 O2 1' 147.195 
MET 'L-peptide linking' y METHIONINE ? 'C5 H11 N O2 S'  149.211 
PHE 'L-peptide linking' y PHENYLALANINE ? 'C9 H11 N O2'    165.189 
PRO 'L-peptide linking' y PROLINE ? 'C5 H9 N O2'     115.130 
SER 'L-peptide linking' y SERINE ? 'C3 H7 N O3'     105.093 
THR 'L-peptide linking' y THREONINE ? 'C4 H9 N O3'     119.119 
TRP 'L-peptide linking' y TRYPTOPHAN ? 'C11 H12 N2 O2'  204.225 
TYR 'L-peptide linking' y TYROSINE ? 'C9 H11 N O3'    181.189 
VAL 'L-peptide linking' y VALINE ? 'C5 H11 N O2'    117.146 
# 
_exptl.entry_id          2CEN 
_exptl.method            'X-RAY DIFFRACTION' 
_exptl.crystals_number   1 
# 
_exptl_crystal.id                    1 
_exptl_crystal.density_meas          ? 
_exptl_crystal.density_Matthews      2.75 
_exptl_crystal.density_percent_sol   54.97 
_exptl_crystal.description           ? 
# 
_exptl_crystal_grow.crystal_id      1 
_exptl_crystal_grow.method          ? 
_exptl_crystal_grow.temp            ? 
_exptl_crystal_grow.temp_details    ? 
_exptl_crystal_grow.pH              5.00 
_exptl_crystal_grow.pdbx_pH_range   ? 
_exptl_crystal_grow.pdbx_details    '0.7 M NACL, 50 MM MESHCL, 14 MM BME, PH5.0, pH 5.00' 
# 
_diffrn.id                     1 
_diffrn.ambient_temp           108.0 
_diffrn.ambient_temp_details   ? 
_diffrn.crystal_id             1 
# 
_diffrn_detector.diffrn_id              1 
_diffrn_detector.detector               CCD 
_diffrn_detector.type                   MARRESEARCH 
_diffrn_detector.pdbx_collection_date   ? 
_diffrn_detector.details                ? 
# 
_diffrn_radiation.diffrn_id                        1 
_diffrn_radiation.wavelength_id                    1 
_diffrn_radiation.pdbx_monochromatic_or_laue_m_l   M 
_diffrn_radiation.monochromator                    ? 
_diffrn_radiation.pdbx_diffrn_protocol             'SINGLE WAVELENGTH' 
_diffrn_radiation.pdbx_scattering_type             x-ray 
# 
_diffrn_radiation_wavelength.id           1 
_diffrn_radiation_wavelength.wavelength   0.931 
_diffrn_radiation_wavelength.wt           1.0 
# 
_diffrn_source.diffrn_id                   1 
_diffrn_source.source                      SYNCHROTRON 
_diffrn_source.type                        'MAX II BEAMLINE I711' 
_diffrn_source.pdbx_synchrotron_site       'MAX II' 
_diffrn_source.pdbx_synchrotron_beamline   I711 
_diffrn_source.pdbx_wavelength             0.931 
_diffrn_source.pdbx_wavelength_list        ? 
# 
_reflns.pdbx_diffrn_id               1 
_reflns.pdbx_ordinal                 1 
_reflns.entry_id                     2CEN 
_reflns.observed_criterion_sigma_I   2.000 
_reflns.observed_criterion_sigma_F   ? 
_reflns.d_resolution_low             48.200 
_reflns.d_resolution_high            1.700 
_reflns.number_obs                   26399 
_reflns.number_all                   ? 
_reflns.percent_possible_obs         100.0 
_reflns.pdbx_Rmerge_I_obs            0.08000 
_reflns.pdbx_Rsym_value              ? 
_reflns.pdbx_netI_over_sigmaI        18.2000 
_reflns.B_iso_Wilson_estimate        ? 
_reflns.pdbx_redundancy              7.500 
# 
_reflns_shell.pdbx_diffrn_id         1 
_reflns_shell.pdbx_ordinal           1 
_reflns_shell.d_res_high             1.70 
_reflns_shell.d_res_low              1.79 
_reflns_shell.percent_possible_all   100.0 
_reflns_shell.Rmerge_I_obs           0.38000 
_reflns_shell.pdbx_Rsym_value        ? 
_reflns_shell.meanI_over_sigI_obs    2.000 
_reflns_shell.pdbx_redundancy        7.50 
# 
_refine.pdbx_refine_id                           'X-RAY DIFFRACTION' 
_refine.entry_id                                 2CEN 
_refine.pdbx_diffrn_id                           1 
_refine.pdbx_TLS_residual_ADP_flag               ? 
_refine.ls_number_reflns_obs                     26399 
_refine.ls_number_reflns_all                     ? 
_refine.pdbx_ls_sigma_I                          ? 
_refine.pdbx_ls_sigma_F                          0.0 
_refine.pdbx_data_cutoff_high_absF               ? 
_refine.pdbx_data_cutoff_low_absF                ? 
_refine.pdbx_data_cutoff_high_rms_absF           ? 
_refine.ls_d_res_low                             25 
_refine.ls_d_res_high                            1.7 
_refine.ls_percent_reflns_obs                    100.0 
_refine.ls_R_factor_obs                          0.2207 
_refine.ls_R_factor_all                          ? 
_refine.ls_R_factor_R_work                       0.2207 
_refine.ls_R_factor_R_free                       0.2443 
_refine.ls_R_factor_R_free_error                 ? 
_refine.ls_R_factor_R_free_error_details         ? 
_refine.ls_percent_reflns_R_free                 5.0 
_refine.ls_number_reflns_R_free                  1316 
_refine.ls_number_parameters                     ? 
_refine.ls_number_restraints                     ? 
_refine.occupancy_min                            ? 
_refine.occupancy_max                            ? 
_refine.correlation_coeff_Fo_to_Fc               ? 
_refine.correlation_coeff_Fo_to_Fc_free          ? 
_refine.B_iso_mean                               ? 
_refine.aniso_B[1][1]                            -0.825 
_refine.aniso_B[2][2]                            0.857 
_refine.aniso_B[3][3]                            -0.032 
_refine.aniso_B[1][2]                            0.000 
_refine.aniso_B[1][3]                            0.000 
_refine.aniso_B[2][3]                            0.000 
_refine.solvent_model_details                    ? 
_refine.solvent_model_param_ksol                 0.379795 
_refine.solvent_model_param_bsol                 40.7437 
_refine.pdbx_solvent_vdw_probe_radii             ? 
_refine.pdbx_solvent_ion_probe_radii             ? 
_refine.pdbx_solvent_shrinkage_radii             ? 
_refine.pdbx_ls_cross_valid_method               THROUGHOUT 
_refine.details                                  ? 
_refine.pdbx_starting_model                      'PDB ENTRY 1EBW' 
_refine.pdbx_method_to_determine_struct          'MOLECULAR REPLACEMENT' 
_refine.pdbx_isotropic_thermal_model             ? 
_refine.pdbx_stereochemistry_target_values       ? 
_refine.pdbx_stereochem_target_val_spec_case     ? 
_refine.pdbx_R_Free_selection_details            RANDOM 
_refine.pdbx_overall_ESU_R                       ? 
_refine.pdbx_overall_ESU_R_Free                  ? 
_refine.overall_SU_ML                            ? 
_refine.pdbx_overall_phase_error                 ? 
_refine.overall_SU_B                             ? 
_refine.overall_SU_R_Cruickshank_DPI             ? 
_refine.pdbx_overall_SU_R_free_Cruickshank_DPI   ? 
_refine.pdbx_overall_SU_R_Blow_DPI               ? 
_refine.pdbx_overall_SU_R_free_Blow_DPI          ? 
# 
_refine_hist.pdbx_refine_id                   'X-RAY DIFFRACTION' 
_refine_hist.cycle_id                         LAST 
_refine_hist.pdbx_number_atoms_protein        1516 
_refine_hist.pdbx_number_atoms_nucleic_acid   0 
_refine_hist.pdbx_number_atoms_ligand         50 
_refine_hist.number_atoms_solvent             166 
_refine_hist.number_atoms_total               1732 
_refine_hist.d_res_high                       1.7 
_refine_hist.d_res_low                        25 
# 
loop_
_refine_ls_restr.type 
_refine_ls_restr.dev_ideal 
_refine_ls_restr.dev_ideal_target 
_refine_ls_restr.weight 
_refine_ls_restr.number 
_refine_ls_restr.pdbx_refine_id 
_refine_ls_restr.pdbx_restraint_function 
c_bond_d                0.005959 ? ? ? 'X-RAY DIFFRACTION' ? 
c_bond_d_na             ?        ? ? ? 'X-RAY DIFFRACTION' ? 
c_bond_d_prot           ?        ? ? ? 'X-RAY DIFFRACTION' ? 
c_angle_d               ?        ? ? ? 'X-RAY DIFFRACTION' ? 
c_angle_d_na            ?        ? ? ? 'X-RAY DIFFRACTION' ? 
c_angle_d_prot          ?        ? ? ? 'X-RAY DIFFRACTION' ? 
c_angle_deg             1.37884  ? ? ? 'X-RAY DIFFRACTION' ? 
c_angle_deg_na          ?        ? ? ? 'X-RAY DIFFRACTION' ? 
c_angle_deg_prot        ?        ? ? ? 'X-RAY DIFFRACTION' ? 
c_dihedral_angle_d      ?        ? ? ? 'X-RAY DIFFRACTION' ? 
c_dihedral_angle_d_na   ?        ? ? ? 'X-RAY DIFFRACTION' ? 
c_dihedral_angle_d_prot ?        ? ? ? 'X-RAY DIFFRACTION' ? 
c_improper_angle_d      ?        ? ? ? 'X-RAY DIFFRACTION' ? 
c_improper_angle_d_na   ?        ? ? ? 'X-RAY DIFFRACTION' ? 
c_improper_angle_d_prot ?        ? ? ? 'X-RAY DIFFRACTION' ? 
c_mcbond_it             ?        ? ? ? 'X-RAY DIFFRACTION' ? 
c_mcangle_it            ?        ? ? ? 'X-RAY DIFFRACTION' ? 
c_scbond_it             ?        ? ? ? 'X-RAY DIFFRACTION' ? 
c_scangle_it            ?        ? ? ? 'X-RAY DIFFRACTION' ? 
# 
loop_
_pdbx_xplor_file.pdbx_refine_id 
_pdbx_xplor_file.serial_no 
_pdbx_xplor_file.param_file 
_pdbx_xplor_file.topol_file 
'X-RAY DIFFRACTION' 1 PROTEIN_REP.PARAM PROTEIN.TOP    
'X-RAY DIFFRACTION' 2 PAR1205MOD.TXT    TOP1205MOD.TXT 
'X-RAY DIFFRACTION' 3 WATER_REP.PARAM   WATER.TOP      
# 
_struct.entry_id                  2CEN 
_struct.title                     
;P1' Extended HIV-1 Protease Inhibitors Encompassing a Tertiary Alcohol in the Transition-State Mimicking Scaffold
;
_struct.pdbx_model_details        ? 
_struct.pdbx_CASP_flag            ? 
_struct.pdbx_model_type_details   ? 
# 
_struct_keywords.entry_id        2CEN 
_struct_keywords.pdbx_keywords   HYDROLASE 
_struct_keywords.text            'HIV-1, PROTEASE, INHIBITOR, ASPARTYL PROTEASE, HYDROLASE' 
# 
loop_
_struct_asym.id 
_struct_asym.pdbx_blank_PDB_chainid_flag 
_struct_asym.pdbx_modified 
_struct_asym.entity_id 
_struct_asym.details 
A N N 1 ? 
B N N 1 ? 
C N N 2 ? 
D N N 3 ? 
E N N 3 ? 
# 
_struct_biol.id   1 
# 
loop_
_struct_conf.conf_type_id 
_struct_conf.id 
_struct_conf.pdbx_PDB_helix_id 
_struct_conf.beg_label_comp_id 
_struct_conf.beg_label_asym_id 
_struct_conf.beg_label_seq_id 
_struct_conf.pdbx_beg_PDB_ins_code 
_struct_conf.end_label_comp_id 
_struct_conf.end_label_asym_id 
_struct_conf.end_label_seq_id 
_struct_conf.pdbx_end_PDB_ins_code 
_struct_conf.beg_auth_comp_id 
_struct_conf.beg_auth_asym_id 
_struct_conf.beg_auth_seq_id 
_struct_conf.end_auth_comp_id 
_struct_conf.end_auth_asym_id 
_struct_conf.end_auth_seq_id 
_struct_conf.pdbx_PDB_helix_class 
_struct_conf.details 
_struct_conf.pdbx_PDB_helix_length 
HELX_P HELX_P1 1 GLY A 86 ? THR A 91 ? GLY A 86  THR A 91  1 ? 6 
HELX_P HELX_P2 2 GLY B 86 ? THR B 91 ? GLY B 186 THR B 191 1 ? 6 
# 
_struct_conf_type.id          HELX_P 
_struct_conf_type.criteria    ? 
_struct_conf_type.reference   ? 
# 
loop_
_struct_sheet.id 
_struct_sheet.type 
_struct_sheet.number_strands 
_struct_sheet.details 
AA ? 4 ? 
AB ? 8 ? 
BA ? 8 ? 
# 
loop_
_struct_sheet_order.sheet_id 
_struct_sheet_order.range_id_1 
_struct_sheet_order.range_id_2 
_struct_sheet_order.offset 
_struct_sheet_order.sense 
AA 1 2 ? anti-parallel 
AA 2 3 ? anti-parallel 
AA 3 4 ? anti-parallel 
AB 1 2 ? anti-parallel 
AB 2 3 ? parallel      
AB 3 4 ? anti-parallel 
AB 4 5 ? parallel      
AB 5 6 ? anti-parallel 
AB 6 7 ? anti-parallel 
BA 1 2 ? anti-parallel 
BA 2 3 ? parallel      
BA 3 4 ? anti-parallel 
BA 4 5 ? parallel      
BA 5 6 ? anti-parallel 
BA 6 7 ? anti-parallel 
# 
loop_
_struct_sheet_range.sheet_id 
_struct_sheet_range.id 
_struct_sheet_range.beg_label_comp_id 
_struct_sheet_range.beg_label_asym_id 
_struct_sheet_range.beg_label_seq_id 
_struct_sheet_range.pdbx_beg_PDB_ins_code 
_struct_sheet_range.end_label_comp_id 
_struct_sheet_range.end_label_asym_id 
_struct_sheet_range.end_label_seq_id 
_struct_sheet_range.pdbx_end_PDB_ins_code 
_struct_sheet_range.beg_auth_comp_id 
_struct_sheet_range.beg_auth_asym_id 
_struct_sheet_range.beg_auth_seq_id 
_struct_sheet_range.end_auth_comp_id 
_struct_sheet_range.end_auth_asym_id 
_struct_sheet_range.end_auth_seq_id 
AA 1 GLN A 2  ? ILE A 3  ? GLN A 2   ILE A 3   
AA 2 THR B 96 ? ASN B 98 ? THR B 196 ASN B 198 
AA 3 THR A 96 ? ASN A 98 ? THR A 96  ASN A 98  
AA 4 GLN B 2  ? ILE B 3  ? GLN B 102 ILE B 103 
AB 1 LEU A 10 ? ILE A 15 ? LEU A 10  ILE A 15  
AB 2 GLN A 18 ? LEU A 24 ? GLN A 18  LEU A 24  
AB 3 ILE A 84 ? ILE A 85 ? ILE A 84  ILE A 85  
AB 4 VAL A 32 ? LEU A 33 ? VAL A 32  LEU A 33  
AB 5 HIS A 69 ? VAL A 77 ? HIS A 69  VAL A 77  
AB 6 GLY A 52 ? ILE A 66 ? GLY A 52  ILE A 66  
AB 7 LEU A 10 ? ILE A 15 ? LEU A 10  ILE A 15  
AB 8 LEU A 10 ? ILE A 15 ? LEU A 10  ILE A 15  
BA 1 LEU B 10 ? ILE B 15 ? LEU B 110 ILE B 115 
BA 2 GLN B 18 ? LEU B 24 ? GLN B 118 LEU B 124 
BA 3 ILE B 84 ? ILE B 85 ? ILE B 184 ILE B 185 
BA 4 VAL B 32 ? LEU B 33 ? VAL B 132 LEU B 133 
BA 5 HIS B 69 ? VAL B 77 ? HIS B 169 VAL B 177 
BA 6 GLY B 52 ? ILE B 66 ? GLY B 152 ILE B 166 
BA 7 LEU B 10 ? ILE B 15 ? LEU B 110 ILE B 115 
BA 8 LEU B 10 ? ILE B 15 ? LEU B 110 ILE B 115 
# 
loop_
_pdbx_struct_sheet_hbond.sheet_id 
_pdbx_struct_sheet_hbond.range_id_1 
_pdbx_struct_sheet_hbond.range_id_2 
_pdbx_struct_sheet_hbond.range_1_label_atom_id 
_pdbx_struct_sheet_hbond.range_1_label_comp_id 
_pdbx_struct_sheet_hbond.range_1_label_asym_id 
_pdbx_struct_sheet_hbond.range_1_label_seq_id 
_pdbx_struct_sheet_hbond.range_1_PDB_ins_code 
_pdbx_struct_sheet_hbond.range_1_auth_atom_id 
_pdbx_struct_sheet_hbond.range_1_auth_comp_id 
_pdbx_struct_sheet_hbond.range_1_auth_asym_id 
_pdbx_struct_sheet_hbond.range_1_auth_seq_id 
_pdbx_struct_sheet_hbond.range_2_label_atom_id 
_pdbx_struct_sheet_hbond.range_2_label_comp_id 
_pdbx_struct_sheet_hbond.range_2_label_asym_id 
_pdbx_struct_sheet_hbond.range_2_label_seq_id 
_pdbx_struct_sheet_hbond.range_2_PDB_ins_code 
_pdbx_struct_sheet_hbond.range_2_auth_atom_id 
_pdbx_struct_sheet_hbond.range_2_auth_comp_id 
_pdbx_struct_sheet_hbond.range_2_auth_asym_id 
_pdbx_struct_sheet_hbond.range_2_auth_seq_id 
AA 1 2 N ILE A 3  ? N ILE A 3   O LEU B 97 ? O LEU B 197 
AA 2 3 N ASN B 98 ? N ASN B 198 O THR A 96 ? O THR A 96  
AA 3 4 N LEU A 97 ? N LEU A 97  O ILE B 3  ? O ILE B 103 
AB 1 2 N ILE A 15 ? N ILE A 15  O GLN A 18 ? O GLN A 18  
AB 2 3 O LEU A 23 ? O LEU A 23  N ILE A 85 ? N ILE A 85  
AB 3 4 N ILE A 84 ? N ILE A 84  O VAL A 32 ? O VAL A 32  
AB 4 5 N LEU A 33 ? N LEU A 33  O LEU A 76 ? O LEU A 76  
AB 5 6 N VAL A 77 ? N VAL A 77  O ARG A 57 ? O ARG A 57  
AB 6 7 N GLU A 65 ? N GLU A 65  O LYS A 14 ? O LYS A 14  
BA 1 2 N ILE B 15 ? N ILE B 115 O GLN B 18 ? O GLN B 118 
BA 2 3 O LEU B 23 ? O LEU B 123 N ILE B 85 ? N ILE B 185 
BA 3 4 N ILE B 84 ? N ILE B 184 O VAL B 32 ? O VAL B 132 
BA 4 5 N LEU B 33 ? N LEU B 133 O LEU B 76 ? O LEU B 176 
BA 5 6 N VAL B 77 ? N VAL B 177 O ARG B 57 ? O ARG B 157 
BA 6 7 N GLU B 65 ? N GLU B 165 O LYS B 14 ? O LYS B 114 
# 
_struct_site.id                   AC1 
_struct_site.pdbx_evidence_code   Software 
_struct_site.pdbx_auth_asym_id    ? 
_struct_site.pdbx_auth_comp_id    ? 
_struct_site.pdbx_auth_seq_id     ? 
_struct_site.pdbx_auth_ins_code   ? 
_struct_site.pdbx_num_residues    27 
_struct_site.details              'BINDING SITE FOR RESIDUE 4AH B1200' 
# 
loop_
_struct_site_gen.id 
_struct_site_gen.site_id 
_struct_site_gen.pdbx_num_res 
_struct_site_gen.label_comp_id 
_struct_site_gen.label_asym_id 
_struct_site_gen.label_seq_id 
_struct_site_gen.pdbx_auth_ins_code 
_struct_site_gen.auth_comp_id 
_struct_site_gen.auth_asym_id 
_struct_site_gen.auth_seq_id 
_struct_site_gen.label_atom_id 
_struct_site_gen.label_alt_id 
_struct_site_gen.symmetry 
_struct_site_gen.details 
1  AC1 27 TRP A 6  ? TRP A 6    . ? 1_555 ? 
2  AC1 27 ASP A 25 ? ASP A 25   . ? 1_555 ? 
3  AC1 27 GLY A 27 ? GLY A 27   . ? 1_555 ? 
4  AC1 27 ALA A 28 ? ALA A 28   . ? 1_555 ? 
5  AC1 27 ASP A 29 ? ASP A 29   . ? 1_555 ? 
6  AC1 27 GLY A 48 ? GLY A 48   . ? 1_555 ? 
7  AC1 27 GLY A 49 ? GLY A 49   . ? 1_555 ? 
8  AC1 27 ILE A 50 ? ILE A 50   . ? 1_555 ? 
9  AC1 27 PRO A 81 ? PRO A 81   . ? 1_555 ? 
10 AC1 27 VAL A 82 ? VAL A 82   . ? 1_555 ? 
11 AC1 27 ILE A 84 ? ILE A 84   . ? 1_555 ? 
12 AC1 27 HOH D .  ? HOH A 2021 . ? 1_555 ? 
13 AC1 27 HOH D .  ? HOH A 2040 . ? 1_555 ? 
14 AC1 27 ARG B 8  ? ARG B 108  . ? 1_555 ? 
15 AC1 27 ASP B 25 ? ASP B 125  . ? 1_555 ? 
16 AC1 27 GLY B 27 ? GLY B 127  . ? 1_555 ? 
17 AC1 27 ALA B 28 ? ALA B 128  . ? 1_555 ? 
18 AC1 27 ASP B 29 ? ASP B 129  . ? 1_555 ? 
19 AC1 27 ASP B 30 ? ASP B 130  . ? 1_555 ? 
20 AC1 27 VAL B 32 ? VAL B 132  . ? 1_555 ? 
21 AC1 27 GLY B 48 ? GLY B 148  . ? 1_555 ? 
22 AC1 27 ILE B 50 ? ILE B 150  . ? 1_555 ? 
23 AC1 27 PRO B 81 ? PRO B 181  . ? 1_555 ? 
24 AC1 27 VAL B 82 ? VAL B 182  . ? 1_555 ? 
25 AC1 27 ILE B 84 ? ILE B 184  . ? 1_555 ? 
26 AC1 27 HOH E .  ? HOH B 2091 . ? 1_555 ? 
27 AC1 27 HOH E .  ? HOH B 2092 . ? 1_555 ? 
# 
_atom_sites.entry_id                    2CEN 
_atom_sites.fract_transf_matrix[1][1]   0.00378872 
_atom_sites.fract_transf_matrix[1][2]   -0.00882790 
_atom_sites.fract_transf_matrix[1][3]   -0.01419242 
_atom_sites.fract_transf_matrix[2][1]   -0.00217734 
_atom_sites.fract_transf_matrix[2][2]   0.00945877 
_atom_sites.fract_transf_matrix[2][3]   -0.00646475 
_atom_sites.fract_transf_matrix[3][1]   0.02054959 
_atom_sites.fract_transf_matrix[3][2]   0.00595016 
_atom_sites.fract_transf_matrix[3][3]   0.00178470 
_atom_sites.fract_transf_vector[1]      0.268029 
_atom_sites.fract_transf_vector[2]      0.306407 
_atom_sites.fract_transf_vector[3]      0.079487 
# 
loop_
_atom_type.symbol 
C 
N 
O 
S 
# 
loop_
_atom_site.group_PDB 
_atom_site.id 
_atom_site.type_symbol 
_atom_site.label_atom_id 
_atom_site.label_alt_id 
_atom_site.label_comp_id 
_atom_site.label_asym_id 
_atom_site.label_entity_id 
_atom_site.label_seq_id 
_atom_site.pdbx_PDB_ins_code 
_atom_site.Cartn_x 
_atom_site.Cartn_y 
_atom_site.Cartn_z 
_atom_site.occupancy 
_atom_site.B_iso_or_equiv 
_atom_site.pdbx_formal_charge 
_atom_site.auth_seq_id 
_atom_site.auth_comp_id 
_atom_site.auth_asym_id 
_atom_site.auth_atom_id 
_atom_site.pdbx_PDB_model_num 
ATOM   1    N N   . PRO A 1 1  ? 1.707   5.225   -18.418 1.00 18.18 ? 1    PRO A N   1 
ATOM   2    C CA  . PRO A 1 1  ? 1.779   3.762   -18.623 1.00 17.97 ? 1    PRO A CA  1 
ATOM   3    C C   . PRO A 1 1  ? 0.754   3.040   -17.758 1.00 16.64 ? 1    PRO A C   1 
ATOM   4    O O   . PRO A 1 1  ? 0.176   3.631   -16.849 1.00 16.32 ? 1    PRO A O   1 
ATOM   5    C CB  . PRO A 1 1  ? 3.182   3.334   -18.229 1.00 19.57 ? 1    PRO A CB  1 
ATOM   6    C CG  . PRO A 1 1  ? 3.514   4.377   -17.174 1.00 21.26 ? 1    PRO A CG  1 
ATOM   7    C CD  . PRO A 1 1  ? 2.927   5.688   -17.731 1.00 18.71 ? 1    PRO A CD  1 
ATOM   8    N N   . GLN A 1 2  ? 0.523   1.766   -18.060 1.00 16.04 ? 2    GLN A N   1 
ATOM   9    C CA  . GLN A 1 2  ? -0.402  0.956   -17.279 1.00 15.28 ? 2    GLN A CA  1 
ATOM   10   C C   . GLN A 1 2  ? 0.434   -0.109  -16.591 1.00 15.31 ? 2    GLN A C   1 
ATOM   11   O O   . GLN A 1 2  ? 1.126   -0.882  -17.249 1.00 15.66 ? 2    GLN A O   1 
ATOM   12   C CB  . GLN A 1 2  ? -1.451  0.277   -18.157 1.00 15.49 ? 2    GLN A CB  1 
ATOM   13   C CG  . GLN A 1 2  ? -2.431  -0.559  -17.337 1.00 17.16 ? 2    GLN A CG  1 
ATOM   14   C CD  . GLN A 1 2  ? -3.560  -1.134  -18.160 1.00 19.40 ? 2    GLN A CD  1 
ATOM   15   O OE1 . GLN A 1 2  ? -3.400  -2.153  -18.834 1.00 22.99 ? 2    GLN A OE1 1 
ATOM   16   N NE2 . GLN A 1 2  ? -4.713  -0.478  -18.116 1.00 17.05 ? 2    GLN A NE2 1 
ATOM   17   N N   . ILE A 1 3  ? 0.368   -0.146  -15.267 1.00 15.31 ? 3    ILE A N   1 
ATOM   18   C CA  . ILE A 1 3  ? 1.146   -1.102  -14.495 1.00 14.24 ? 3    ILE A CA  1 
ATOM   19   C C   . ILE A 1 3  ? 0.266   -2.192  -13.908 1.00 13.29 ? 3    ILE A C   1 
ATOM   20   O O   . ILE A 1 3  ? -0.671  -1.910  -13.163 1.00 11.84 ? 3    ILE A O   1 
ATOM   21   C CB  . ILE A 1 3  ? 1.900   -0.379  -13.355 1.00 14.93 ? 3    ILE A CB  1 
ATOM   22   C CG1 . ILE A 1 3  ? 2.812   0.697   -13.957 1.00 16.72 ? 3    ILE A CG1 1 
ATOM   23   C CG2 . ILE A 1 3  ? 2.706   -1.379  -12.537 1.00 14.36 ? 3    ILE A CG2 1 
ATOM   24   C CD1 . ILE A 1 3  ? 3.529   1.545   -12.939 1.00 18.95 ? 3    ILE A CD1 1 
ATOM   25   N N   . THR A 1 4  ? 0.563   -3.443  -14.252 1.00 13.74 ? 4    THR A N   1 
ATOM   26   C CA  . THR A 1 4  ? -0.218  -4.551  -13.727 1.00 14.54 ? 4    THR A CA  1 
ATOM   27   C C   . THR A 1 4  ? 0.225   -4.842  -12.302 1.00 12.59 ? 4    THR A C   1 
ATOM   28   O O   . THR A 1 4  ? 1.288   -4.392  -11.857 1.00 11.01 ? 4    THR A O   1 
ATOM   29   C CB  . THR A 1 4  ? -0.073  -5.831  -14.585 1.00 17.38 ? 4    THR A CB  1 
ATOM   30   O OG1 . THR A 1 4  ? 1.312   -6.115  -14.797 1.00 21.06 ? 4    THR A OG1 1 
ATOM   31   C CG2 . THR A 1 4  ? -0.775  -5.651  -15.925 1.00 20.69 ? 4    THR A CG2 1 
ATOM   32   N N   . LEU A 1 5  ? -0.598  -5.595  -11.585 1.00 9.90  ? 5    LEU A N   1 
ATOM   33   C CA  . LEU A 1 5  ? -0.305  -5.921  -10.204 1.00 10.09 ? 5    LEU A CA  1 
ATOM   34   C C   . LEU A 1 5  ? 0.024   -7.394  -9.991  1.00 9.71  ? 5    LEU A C   1 
ATOM   35   O O   . LEU A 1 5  ? -0.054  -7.897  -8.870  1.00 11.02 ? 5    LEU A O   1 
ATOM   36   C CB  . LEU A 1 5  ? -1.483  -5.488  -9.323  1.00 9.96  ? 5    LEU A CB  1 
ATOM   37   C CG  . LEU A 1 5  ? -1.725  -3.974  -9.380  1.00 11.62 ? 5    LEU A CG  1 
ATOM   38   C CD1 . LEU A 1 5  ? -2.998  -3.612  -8.635  1.00 11.12 ? 5    LEU A CD1 1 
ATOM   39   C CD2 . LEU A 1 5  ? -0.525  -3.248  -8.788  1.00 11.53 ? 5    LEU A CD2 1 
ATOM   40   N N   . TRP A 1 6  ? 0.404   -8.081  -11.067 1.00 10.08 ? 6    TRP A N   1 
ATOM   41   C CA  . TRP A 1 6  ? 0.782   -9.488  -10.963 1.00 10.34 ? 6    TRP A CA  1 
ATOM   42   C C   . TRP A 1 6  ? 2.038   -9.576  -10.105 1.00 9.42  ? 6    TRP A C   1 
ATOM   43   O O   . TRP A 1 6  ? 2.275   -10.575 -9.435  1.00 11.16 ? 6    TRP A O   1 
ATOM   44   C CB  . TRP A 1 6  ? 1.072   -10.079 -12.344 1.00 11.01 ? 6    TRP A CB  1 
ATOM   45   C CG  . TRP A 1 6  ? -0.128  -10.190 -13.220 1.00 11.99 ? 6    TRP A CG  1 
ATOM   46   C CD1 . TRP A 1 6  ? -0.328  -9.565  -14.416 1.00 13.99 ? 6    TRP A CD1 1 
ATOM   47   C CD2 . TRP A 1 6  ? -1.274  -11.020 -13.001 1.00 14.24 ? 6    TRP A CD2 1 
ATOM   48   N NE1 . TRP A 1 6  ? -1.528  -9.957  -14.959 1.00 16.18 ? 6    TRP A NE1 1 
ATOM   49   C CE2 . TRP A 1 6  ? -2.129  -10.851 -14.113 1.00 16.95 ? 6    TRP A CE2 1 
ATOM   50   C CE3 . TRP A 1 6  ? -1.662  -11.893 -11.976 1.00 15.30 ? 6    TRP A CE3 1 
ATOM   51   C CZ2 . TRP A 1 6  ? -3.351  -11.525 -14.231 1.00 19.56 ? 6    TRP A CZ2 1 
ATOM   52   C CZ3 . TRP A 1 6  ? -2.879  -12.566 -12.094 1.00 18.36 ? 6    TRP A CZ3 1 
ATOM   53   C CH2 . TRP A 1 6  ? -3.707  -12.375 -13.215 1.00 19.25 ? 6    TRP A CH2 1 
ATOM   54   N N   . GLN A 1 7  ? 2.853   -8.528  -10.160 1.00 10.86 ? 7    GLN A N   1 
ATOM   55   C CA  . GLN A 1 7  ? 4.075   -8.446  -9.367  1.00 10.39 ? 7    GLN A CA  1 
ATOM   56   C C   . GLN A 1 7  ? 4.019   -7.111  -8.637  1.00 10.07 ? 7    GLN A C   1 
ATOM   57   O O   . GLN A 1 7  ? 3.199   -6.256  -8.965  1.00 9.94  ? 7    GLN A O   1 
ATOM   58   C CB  . GLN A 1 7  ? 5.328   -8.463  -10.254 1.00 12.24 ? 7    GLN A CB  1 
ATOM   59   C CG  . GLN A 1 7  ? 5.563   -9.737  -11.063 1.00 15.15 ? 7    GLN A CG  1 
ATOM   60   C CD  . GLN A 1 7  ? 4.708   -9.816  -12.311 1.00 17.50 ? 7    GLN A CD  1 
ATOM   61   O OE1 . GLN A 1 7  ? 4.558   -8.831  -13.038 1.00 19.45 ? 7    GLN A OE1 1 
ATOM   62   N NE2 . GLN A 1 7  ? 4.157   -10.996 -12.578 1.00 19.54 ? 7    GLN A NE2 1 
ATOM   63   N N   . ARG A 1 8  ? 4.887   -6.924  -7.652  1.00 10.27 ? 8    ARG A N   1 
ATOM   64   C CA  . ARG A 1 8  ? 4.908   -5.660  -6.925  1.00 10.43 ? 8    ARG A CA  1 
ATOM   65   C C   . ARG A 1 8  ? 5.212   -4.557  -7.935  1.00 10.13 ? 8    ARG A C   1 
ATOM   66   O O   . ARG A 1 8  ? 6.103   -4.701  -8.774  1.00 11.08 ? 8    ARG A O   1 
ATOM   67   C CB  . ARG A 1 8  ? 5.983   -5.684  -5.841  1.00 12.22 ? 8    ARG A CB  1 
ATOM   68   C CG  . ARG A 1 8  ? 5.719   -6.690  -4.741  1.00 14.61 ? 8    ARG A CG  1 
ATOM   69   C CD  . ARG A 1 8  ? 6.956   -6.925  -3.897  1.00 20.63 ? 8    ARG A CD  1 
ATOM   70   N NE  . ARG A 1 8  ? 6.715   -7.948  -2.885  1.00 23.99 ? 8    ARG A NE  1 
ATOM   71   C CZ  . ARG A 1 8  ? 7.673   -8.570  -2.204  1.00 27.16 ? 8    ARG A CZ  1 
ATOM   72   N NH1 . ARG A 1 8  ? 8.949   -8.278  -2.426  1.00 26.26 ? 8    ARG A NH1 1 
ATOM   73   N NH2 . ARG A 1 8  ? 7.351   -9.485  -1.299  1.00 25.71 ? 8    ARG A NH2 1 
ATOM   74   N N   . PRO A 1 9  ? 4.459   -3.447  -7.878  1.00 10.73 ? 9    PRO A N   1 
ATOM   75   C CA  . PRO A 1 9  ? 4.663   -2.326  -8.799  1.00 9.84  ? 9    PRO A CA  1 
ATOM   76   C C   . PRO A 1 9  ? 5.894   -1.503  -8.433  1.00 11.21 ? 9    PRO A C   1 
ATOM   77   O O   . PRO A 1 9  ? 5.791   -0.441  -7.820  1.00 8.86  ? 9    PRO A O   1 
ATOM   78   C CB  . PRO A 1 9  ? 3.362   -1.536  -8.667  1.00 10.65 ? 9    PRO A CB  1 
ATOM   79   C CG  . PRO A 1 9  ? 3.005   -1.740  -7.229  1.00 10.66 ? 9    PRO A CG  1 
ATOM   80   C CD  . PRO A 1 9  ? 3.278   -3.219  -7.025  1.00 10.26 ? 9    PRO A CD  1 
ATOM   81   N N   . LEU A 1 10 ? 7.062   -2.012  -8.809  1.00 12.80 ? 10   LEU A N   1 
ATOM   82   C CA  . LEU A 1 10 ? 8.320   -1.330  -8.526  1.00 13.21 ? 10   LEU A CA  1 
ATOM   83   C C   . LEU A 1 10 ? 8.755   -0.483  -9.711  1.00 14.45 ? 10   LEU A C   1 
ATOM   84   O O   . LEU A 1 10 ? 8.659   -0.904  -10.867 1.00 15.47 ? 10   LEU A O   1 
ATOM   85   C CB  . LEU A 1 10 ? 9.406   -2.352  -8.191  1.00 15.01 ? 10   LEU A CB  1 
ATOM   86   C CG  . LEU A 1 10 ? 9.183   -3.168  -6.919  1.00 15.09 ? 10   LEU A CG  1 
ATOM   87   C CD1 . LEU A 1 10 ? 10.257  -4.234  -6.796  1.00 17.19 ? 10   LEU A CD1 1 
ATOM   88   C CD2 . LEU A 1 10 ? 9.209   -2.240  -5.712  1.00 15.80 ? 10   LEU A CD2 1 
ATOM   89   N N   . VAL A 1 11 ? 9.225   0.723   -9.415  1.00 14.66 ? 11   VAL A N   1 
ATOM   90   C CA  . VAL A 1 11 ? 9.678   1.633   -10.452 1.00 15.15 ? 11   VAL A CA  1 
ATOM   91   C C   . VAL A 1 11 ? 10.947  2.330   -10.015 1.00 14.51 ? 11   VAL A C   1 
ATOM   92   O O   . VAL A 1 11 ? 11.305  2.318   -8.836  1.00 13.43 ? 11   VAL A O   1 
ATOM   93   C CB  . VAL A 1 11 ? 8.622   2.718   -10.763 1.00 16.13 ? 11   VAL A CB  1 
ATOM   94   C CG1 . VAL A 1 11 ? 7.319   2.064   -11.189 1.00 17.21 ? 11   VAL A CG1 1 
ATOM   95   C CG2 . VAL A 1 11 ? 8.413   3.610   -9.547  1.00 17.72 ? 11   VAL A CG2 1 
ATOM   96   N N   . THR A 1 12 ? 11.627  2.940   -10.976 1.00 14.81 ? 12   THR A N   1 
ATOM   97   C CA  . THR A 1 12 ? 12.848  3.661   -10.682 1.00 15.87 ? 12   THR A CA  1 
ATOM   98   C C   . THR A 1 12 ? 12.491  5.115   -10.416 1.00 15.80 ? 12   THR A C   1 
ATOM   99   O O   . THR A 1 12 ? 11.644  5.692   -11.094 1.00 18.30 ? 12   THR A O   1 
ATOM   100  C CB  . THR A 1 12 ? 13.831  3.587   -11.863 1.00 17.12 ? 12   THR A CB  1 
ATOM   101  O OG1 . THR A 1 12 ? 14.125  2.215   -12.148 1.00 18.05 ? 12   THR A OG1 1 
ATOM   102  C CG2 . THR A 1 12 ? 15.125  4.316   -11.529 1.00 19.37 ? 12   THR A CG2 1 
ATOM   103  N N   . ILE A 1 13 ? 13.120  5.697   -9.408  1.00 15.97 ? 13   ILE A N   1 
ATOM   104  C CA  . ILE A 1 13 ? 12.877  7.091   -9.083  1.00 16.28 ? 13   ILE A CA  1 
ATOM   105  C C   . ILE A 1 13 ? 14.227  7.790   -9.011  1.00 16.30 ? 13   ILE A C   1 
ATOM   106  O O   . ILE A 1 13 ? 15.265  7.140   -8.872  1.00 15.68 ? 13   ILE A O   1 
ATOM   107  C CB  . ILE A 1 13 ? 12.164  7.239   -7.724  1.00 16.60 ? 13   ILE A CB  1 
ATOM   108  C CG1 . ILE A 1 13 ? 13.080  6.759   -6.596  1.00 17.48 ? 13   ILE A CG1 1 
ATOM   109  C CG2 . ILE A 1 13 ? 10.871  6.432   -7.730  1.00 15.99 ? 13   ILE A CG2 1 
ATOM   110  C CD1 . ILE A 1 13 ? 12.542  7.032   -5.207  1.00 16.38 ? 13   ILE A CD1 1 
ATOM   111  N N   . LYS A 1 14 ? 14.210  9.111   -9.120  1.00 15.49 ? 14   LYS A N   1 
ATOM   112  C CA  . LYS A 1 14 ? 15.436  9.890   -9.042  1.00 16.16 ? 14   LYS A CA  1 
ATOM   113  C C   . LYS A 1 14 ? 15.216  10.922  -7.950  1.00 15.15 ? 14   LYS A C   1 
ATOM   114  O O   . LYS A 1 14 ? 14.266  11.702  -8.006  1.00 14.90 ? 14   LYS A O   1 
ATOM   115  C CB  . LYS A 1 14 ? 15.722  10.587  -10.376 1.00 18.62 ? 14   LYS A CB  1 
ATOM   116  C CG  . LYS A 1 14 ? 17.197  10.920  -10.603 1.00 24.08 ? 14   LYS A CG  1 
ATOM   117  C CD  . LYS A 1 14 ? 17.773  11.811  -9.508  1.00 27.22 ? 14   LYS A CD  1 
ATOM   118  C CE  . LYS A 1 14 ? 17.173  13.209  -9.539  1.00 29.13 ? 14   LYS A CE  1 
ATOM   119  N NZ  . LYS A 1 14 ? 17.697  14.070  -8.437  1.00 26.38 ? 14   LYS A NZ  1 
ATOM   120  N N   . ILE A 1 15 ? 16.086  10.915  -6.948  1.00 15.81 ? 15   ILE A N   1 
ATOM   121  C CA  . ILE A 1 15 ? 15.965  11.849  -5.838  1.00 17.37 ? 15   ILE A CA  1 
ATOM   122  C C   . ILE A 1 15 ? 17.328  12.154  -5.229  1.00 18.66 ? 15   ILE A C   1 
ATOM   123  O O   . ILE A 1 15 ? 18.140  11.254  -5.022  1.00 18.31 ? 15   ILE A O   1 
ATOM   124  C CB  . ILE A 1 15 ? 15.037  11.277  -4.741  1.00 16.77 ? 15   ILE A CB  1 
ATOM   125  C CG1 . ILE A 1 15 ? 14.937  12.259  -3.573  1.00 17.50 ? 15   ILE A CG1 1 
ATOM   126  C CG2 . ILE A 1 15 ? 15.556  9.922   -4.277  1.00 17.47 ? 15   ILE A CG2 1 
ATOM   127  C CD1 . ILE A 1 15 ? 13.978  11.817  -2.484  1.00 16.27 ? 15   ILE A CD1 1 
ATOM   128  N N   . GLY A 1 16 ? 17.570  13.429  -4.948  1.00 21.29 ? 16   GLY A N   1 
ATOM   129  C CA  . GLY A 1 16 ? 18.840  13.827  -4.367  1.00 24.42 ? 16   GLY A CA  1 
ATOM   130  C C   . GLY A 1 16 ? 20.021  13.398  -5.215  1.00 25.52 ? 16   GLY A C   1 
ATOM   131  O O   . GLY A 1 16 ? 21.109  13.147  -4.696  1.00 26.96 ? 16   GLY A O   1 
ATOM   132  N N   . GLY A 1 17 ? 19.807  13.308  -6.523  1.00 26.85 ? 17   GLY A N   1 
ATOM   133  C CA  . GLY A 1 17 ? 20.876  12.910  -7.420  1.00 28.32 ? 17   GLY A CA  1 
ATOM   134  C C   . GLY A 1 17 ? 21.176  11.424  -7.349  1.00 29.19 ? 17   GLY A C   1 
ATOM   135  O O   . GLY A 1 17 ? 22.256  10.982  -7.739  1.00 30.09 ? 17   GLY A O   1 
ATOM   136  N N   . GLN A 1 18 ? 20.216  10.649  -6.855  1.00 28.03 ? 18   GLN A N   1 
ATOM   137  C CA  . GLN A 1 18 ? 20.389  9.207   -6.734  1.00 27.19 ? 18   GLN A CA  1 
ATOM   138  C C   . GLN A 1 18 ? 19.255  8.455   -7.424  1.00 25.77 ? 18   GLN A C   1 
ATOM   139  O O   . GLN A 1 18 ? 18.111  8.910   -7.428  1.00 25.54 ? 18   GLN A O   1 
ATOM   140  C CB  . GLN A 1 18 ? 20.432  8.800   -5.255  1.00 27.43 ? 18   GLN A CB  1 
ATOM   141  C CG  . GLN A 1 18 ? 21.552  9.439   -4.443  1.00 29.35 ? 18   GLN A CG  1 
ATOM   142  C CD  . GLN A 1 18 ? 21.538  9.004   -2.985  1.00 30.91 ? 18   GLN A CD  1 
ATOM   143  O OE1 . GLN A 1 18 ? 21.649  7.816   -2.678  1.00 32.21 ? 18   GLN A OE1 1 
ATOM   144  N NE2 . GLN A 1 18 ? 21.402  9.968   -2.080  1.00 30.94 ? 18   GLN A NE2 1 
ATOM   145  N N   . LEU A 1 19 ? 19.579  7.310   -8.019  1.00 24.94 ? 19   LEU A N   1 
ATOM   146  C CA  . LEU A 1 19 ? 18.576  6.478   -8.681  1.00 23.84 ? 19   LEU A CA  1 
ATOM   147  C C   . LEU A 1 19 ? 18.239  5.342   -7.724  1.00 22.55 ? 19   LEU A C   1 
ATOM   148  O O   . LEU A 1 19 ? 19.129  4.621   -7.277  1.00 21.42 ? 19   LEU A O   1 
ATOM   149  C CB  . LEU A 1 19 ? 19.115  5.902   -9.992  1.00 25.59 ? 19   LEU A CB  1 
ATOM   150  C CG  . LEU A 1 19 ? 19.236  6.838   -11.197 1.00 26.87 ? 19   LEU A CG  1 
ATOM   151  C CD1 . LEU A 1 19 ? 19.860  6.088   -12.366 1.00 27.11 ? 19   LEU A CD1 1 
ATOM   152  C CD2 . LEU A 1 19 ? 17.860  7.363   -11.579 1.00 27.79 ? 19   LEU A CD2 1 
ATOM   153  N N   . LYS A 1 20 ? 16.958  5.190   -7.405  1.00 21.31 ? 20   LYS A N   1 
ATOM   154  C CA  . LYS A 1 20 ? 16.519  4.148   -6.483  1.00 20.11 ? 20   LYS A CA  1 
ATOM   155  C C   . LYS A 1 20 ? 15.274  3.436   -6.992  1.00 18.64 ? 20   LYS A C   1 
ATOM   156  O O   . LYS A 1 20 ? 14.562  3.949   -7.854  1.00 18.44 ? 20   LYS A O   1 
ATOM   157  C CB  . LYS A 1 20 ? 16.220  4.751   -5.107  1.00 19.78 ? 20   LYS A CB  1 
ATOM   158  C CG  . LYS A 1 20 ? 17.428  5.327   -4.376  1.00 21.64 ? 20   LYS A CG  1 
ATOM   159  C CD  . LYS A 1 20 ? 16.995  6.118   -3.151  1.00 22.22 ? 20   LYS A CD  1 
ATOM   160  C CE  . LYS A 1 20 ? 18.182  6.604   -2.328  1.00 21.94 ? 20   LYS A CE  1 
ATOM   161  N NZ  . LYS A 1 20 ? 18.881  5.491   -1.619  1.00 22.76 ? 20   LYS A NZ  1 
ATOM   162  N N   . GLU A 1 21 ? 15.025  2.247   -6.452  1.00 16.98 ? 21   GLU A N   1 
ATOM   163  C CA  . GLU A 1 21 ? 13.853  1.460   -6.816  1.00 14.99 ? 21   GLU A CA  1 
ATOM   164  C C   . GLU A 1 21 ? 12.831  1.684   -5.709  1.00 12.54 ? 21   GLU A C   1 
ATOM   165  O O   . GLU A 1 21 ? 13.173  1.623   -4.533  1.00 11.74 ? 21   GLU A O   1 
ATOM   166  C CB  . GLU A 1 21 ? 14.214  -0.025  -6.893  1.00 19.11 ? 21   GLU A CB  1 
ATOM   167  C CG  . GLU A 1 21 ? 13.044  -0.934  -7.240  1.00 23.30 ? 21   GLU A CG  1 
ATOM   168  C CD  . GLU A 1 21 ? 13.429  -2.403  -7.257  1.00 27.07 ? 21   GLU A CD  1 
ATOM   169  O OE1 . GLU A 1 21 ? 13.774  -2.945  -6.184  1.00 28.63 ? 21   GLU A OE1 1 
ATOM   170  O OE2 . GLU A 1 21 ? 13.388  -3.015  -8.347  1.00 28.61 ? 21   GLU A OE2 1 
ATOM   171  N N   . ALA A 1 22 ? 11.582  1.947   -6.078  1.00 10.35 ? 22   ALA A N   1 
ATOM   172  C CA  . ALA A 1 22 ? 10.550  2.185   -5.076  1.00 8.60  ? 22   ALA A CA  1 
ATOM   173  C C   . ALA A 1 22 ? 9.238   1.515   -5.437  1.00 9.44  ? 22   ALA A C   1 
ATOM   174  O O   . ALA A 1 22 ? 8.986   1.188   -6.597  1.00 10.06 ? 22   ALA A O   1 
ATOM   175  C CB  . ALA A 1 22 ? 10.339  3.678   -4.889  1.00 9.33  ? 22   ALA A CB  1 
ATOM   176  N N   . LEU A 1 23 ? 8.394   1.339   -4.426  1.00 7.00  ? 23   LEU A N   1 
ATOM   177  C CA  . LEU A 1 23 ? 7.100   0.687   -4.587  1.00 8.14  ? 23   LEU A CA  1 
ATOM   178  C C   . LEU A 1 23 ? 5.952   1.694   -4.669  1.00 7.73  ? 23   LEU A C   1 
ATOM   179  O O   . LEU A 1 23 ? 5.807   2.536   -3.786  1.00 9.34  ? 23   LEU A O   1 
ATOM   180  C CB  . LEU A 1 23 ? 6.881   -0.248  -3.396  1.00 7.84  ? 23   LEU A CB  1 
ATOM   181  C CG  . LEU A 1 23 ? 5.593   -1.060  -3.293  1.00 8.31  ? 23   LEU A CG  1 
ATOM   182  C CD1 . LEU A 1 23 ? 5.571   -2.143  -4.359  1.00 9.42  ? 23   LEU A CD1 1 
ATOM   183  C CD2 . LEU A 1 23 ? 5.511   -1.678  -1.902  1.00 8.71  ? 23   LEU A CD2 1 
ATOM   184  N N   . LEU A 1 24 ? 5.146   1.616   -5.731  1.00 7.81  ? 24   LEU A N   1 
ATOM   185  C CA  . LEU A 1 24 ? 3.990   2.510   -5.886  1.00 7.61  ? 24   LEU A CA  1 
ATOM   186  C C   . LEU A 1 24 ? 2.954   1.918   -4.937  1.00 7.43  ? 24   LEU A C   1 
ATOM   187  O O   . LEU A 1 24 ? 2.415   0.839   -5.186  1.00 9.09  ? 24   LEU A O   1 
ATOM   188  C CB  . LEU A 1 24 ? 3.478   2.487   -7.330  1.00 7.11  ? 24   LEU A CB  1 
ATOM   189  C CG  . LEU A 1 24 ? 4.506   2.911   -8.386  1.00 7.68  ? 24   LEU A CG  1 
ATOM   190  C CD1 . LEU A 1 24 ? 3.844   2.934   -9.764  1.00 10.35 ? 24   LEU A CD1 1 
ATOM   191  C CD2 . LEU A 1 24 ? 5.067   4.286   -8.046  1.00 9.38  ? 24   LEU A CD2 1 
ATOM   192  N N   . ASP A 1 25 ? 2.668   2.640   -3.859  1.00 5.92  ? 25   ASP A N   1 
ATOM   193  C CA  . ASP A 1 25 ? 1.784   2.133   -2.812  1.00 7.18  ? 25   ASP A CA  1 
ATOM   194  C C   . ASP A 1 25 ? 0.539   2.967   -2.522  1.00 7.01  ? 25   ASP A C   1 
ATOM   195  O O   . ASP A 1 25 ? 0.602   3.947   -1.773  1.00 6.49  ? 25   ASP A O   1 
ATOM   196  C CB  . ASP A 1 25 ? 2.619   2.007   -1.538  1.00 7.58  ? 25   ASP A CB  1 
ATOM   197  C CG  . ASP A 1 25 ? 1.978   1.117   -0.503  1.00 9.68  ? 25   ASP A CG  1 
ATOM   198  O OD1 . ASP A 1 25 ? 0.750   0.918   -0.567  1.00 9.24  ? 25   ASP A OD1 1 
ATOM   199  O OD2 . ASP A 1 25 ? 2.714   0.625   0.380   1.00 12.67 ? 25   ASP A OD2 1 
ATOM   200  N N   . THR A 1 26 ? -0.599  2.556   -3.080  1.00 6.01  ? 26   THR A N   1 
ATOM   201  C CA  . THR A 1 26 ? -1.842  3.288   -2.872  1.00 5.45  ? 26   THR A CA  1 
ATOM   202  C C   . THR A 1 26 ? -2.325  3.200   -1.430  1.00 6.98  ? 26   THR A C   1 
ATOM   203  O O   . THR A 1 26 ? -3.195  3.968   -1.013  1.00 6.99  ? 26   THR A O   1 
ATOM   204  C CB  . THR A 1 26 ? -2.966  2.779   -3.806  1.00 5.01  ? 26   THR A CB  1 
ATOM   205  O OG1 . THR A 1 26 ? -3.212  1.389   -3.557  1.00 5.02  ? 26   THR A OG1 1 
ATOM   206  C CG2 . THR A 1 26 ? -2.573  2.977   -5.261  1.00 5.53  ? 26   THR A CG2 1 
ATOM   207  N N   . GLY A 1 27 ? -1.748  2.272   -0.672  1.00 5.89  ? 27   GLY A N   1 
ATOM   208  C CA  . GLY A 1 27 ? -2.136  2.114   0.719   1.00 7.04  ? 27   GLY A CA  1 
ATOM   209  C C   . GLY A 1 27 ? -1.237  2.887   1.665   1.00 7.54  ? 27   GLY A C   1 
ATOM   210  O O   . GLY A 1 27 ? -1.327  2.720   2.879   1.00 9.44  ? 27   GLY A O   1 
ATOM   211  N N   . ALA A 1 28 ? -0.368  3.729   1.116   1.00 6.53  ? 28   ALA A N   1 
ATOM   212  C CA  . ALA A 1 28 ? 0.540   4.527   1.937   1.00 6.90  ? 28   ALA A CA  1 
ATOM   213  C C   . ALA A 1 28 ? 0.169   6.004   1.863   1.00 6.77  ? 28   ALA A C   1 
ATOM   214  O O   . ALA A 1 28 ? 0.083   6.571   0.776   1.00 6.20  ? 28   ALA A O   1 
ATOM   215  C CB  . ALA A 1 28 ? 1.979   4.328   1.462   1.00 8.55  ? 28   ALA A CB  1 
ATOM   216  N N   . ASP A 1 29 ? -0.048  6.624   3.020   1.00 6.74  ? 29   ASP A N   1 
ATOM   217  C CA  . ASP A 1 29 ? -0.396  8.040   3.063   1.00 8.42  ? 29   ASP A CA  1 
ATOM   218  C C   . ASP A 1 29 ? 0.802   8.896   2.662   1.00 8.27  ? 29   ASP A C   1 
ATOM   219  O O   . ASP A 1 29 ? 0.650   9.913   1.981   1.00 8.79  ? 29   ASP A O   1 
ATOM   220  C CB  . ASP A 1 29 ? -0.810  8.455   4.479   1.00 9.31  ? 29   ASP A CB  1 
ATOM   221  C CG  . ASP A 1 29 ? -2.223  8.036   4.839   1.00 11.58 ? 29   ASP A CG  1 
ATOM   222  O OD1 . ASP A 1 29 ? -2.910  7.373   4.031   1.00 9.74  ? 29   ASP A OD1 1 
ATOM   223  O OD2 . ASP A 1 29 ? -2.650  8.387   5.959   1.00 15.41 ? 29   ASP A OD2 1 
ATOM   224  N N   . ASP A 1 30 ? 1.985   8.470   3.101   1.00 8.04  ? 30   ASP A N   1 
ATOM   225  C CA  . ASP A 1 30 ? 3.226   9.193   2.854   1.00 8.64  ? 30   ASP A CA  1 
ATOM   226  C C   . ASP A 1 30 ? 4.240   8.411   2.037   1.00 7.73  ? 30   ASP A C   1 
ATOM   227  O O   . ASP A 1 30 ? 4.082   7.219   1.778   1.00 8.12  ? 30   ASP A O   1 
ATOM   228  C CB  . ASP A 1 30 ? 3.894   9.561   4.184   1.00 10.41 ? 30   ASP A CB  1 
ATOM   229  C CG  . ASP A 1 30 ? 2.916   10.112  5.199   1.00 13.32 ? 30   ASP A CG  1 
ATOM   230  O OD1 . ASP A 1 30 ? 2.137   11.017  4.840   1.00 13.70 ? 30   ASP A OD1 1 
ATOM   231  O OD2 . ASP A 1 30 ? 2.937   9.644   6.359   1.00 16.37 ? 30   ASP A OD2 1 
ATOM   232  N N   . THR A 1 31 ? 5.299   9.109   1.650   1.00 7.01  ? 31   THR A N   1 
ATOM   233  C CA  . THR A 1 31 ? 6.388   8.515   0.900   1.00 6.98  ? 31   THR A CA  1 
ATOM   234  C C   . THR A 1 31 ? 7.518   8.372   1.907   1.00 7.35  ? 31   THR A C   1 
ATOM   235  O O   . THR A 1 31 ? 7.886   9.341   2.568   1.00 5.83  ? 31   THR A O   1 
ATOM   236  C CB  . THR A 1 31 ? 6.824   9.440   -0.251  1.00 7.16  ? 31   THR A CB  1 
ATOM   237  O OG1 . THR A 1 31 ? 5.751   9.545   -1.194  1.00 7.45  ? 31   THR A OG1 1 
ATOM   238  C CG2 . THR A 1 31 ? 8.062   8.900   -0.959  1.00 7.33  ? 31   THR A CG2 1 
ATOM   239  N N   . VAL A 1 32 ? 8.050   7.164   2.042   1.00 6.98  ? 32   VAL A N   1 
ATOM   240  C CA  . VAL A 1 32 ? 9.136   6.943   2.980   1.00 8.84  ? 32   VAL A CA  1 
ATOM   241  C C   . VAL A 1 32 ? 10.250  6.156   2.312   1.00 8.41  ? 32   VAL A C   1 
ATOM   242  O O   . VAL A 1 32 ? 10.019  5.103   1.714   1.00 8.50  ? 32   VAL A O   1 
ATOM   243  C CB  . VAL A 1 32 ? 8.652   6.196   4.246   1.00 11.49 ? 32   VAL A CB  1 
ATOM   244  C CG1 . VAL A 1 32 ? 8.070   4.852   3.879   1.00 12.70 ? 32   VAL A CG1 1 
ATOM   245  C CG2 . VAL A 1 32 ? 9.808   6.031   5.224   1.00 10.95 ? 32   VAL A CG2 1 
ATOM   246  N N   . LEU A 1 33 ? 11.462  6.688   2.419   1.00 9.30  ? 33   LEU A N   1 
ATOM   247  C CA  . LEU A 1 33 ? 12.632  6.069   1.820   1.00 9.13  ? 33   LEU A CA  1 
ATOM   248  C C   . LEU A 1 33 ? 13.621  5.598   2.871   1.00 9.32  ? 33   LEU A C   1 
ATOM   249  O O   . LEU A 1 33 ? 13.657  6.125   3.983   1.00 9.27  ? 33   LEU A O   1 
ATOM   250  C CB  . LEU A 1 33 ? 13.321  7.067   0.894   1.00 10.06 ? 33   LEU A CB  1 
ATOM   251  C CG  . LEU A 1 33 ? 12.458  7.640   -0.232  1.00 12.07 ? 33   LEU A CG  1 
ATOM   252  C CD1 . LEU A 1 33 ? 13.281  8.620   -1.045  1.00 10.85 ? 33   LEU A CD1 1 
ATOM   253  C CD2 . LEU A 1 33 ? 11.937  6.511   -1.112  1.00 12.12 ? 33   LEU A CD2 1 
ATOM   254  N N   . GLU A 1 34 ? 14.424  4.603   2.507   1.00 10.17 ? 34   GLU A N   1 
ATOM   255  C CA  . GLU A 1 34 ? 15.440  4.075   3.403   1.00 12.11 ? 34   GLU A CA  1 
ATOM   256  C C   . GLU A 1 34 ? 16.423  5.204   3.688   1.00 11.85 ? 34   GLU A C   1 
ATOM   257  O O   . GLU A 1 34 ? 16.465  6.198   2.962   1.00 11.16 ? 34   GLU A O   1 
ATOM   258  C CB  . GLU A 1 34 ? 16.164  2.900   2.745   1.00 15.81 ? 34   GLU A CB  1 
ATOM   259  C CG  . GLU A 1 34 ? 15.218  1.876   2.151   1.00 21.60 ? 34   GLU A CG  1 
ATOM   260  C CD  . GLU A 1 34 ? 15.944  0.705   1.531   1.00 26.84 ? 34   GLU A CD  1 
ATOM   261  O OE1 . GLU A 1 34 ? 16.918  0.938   0.782   1.00 28.27 ? 34   GLU A OE1 1 
ATOM   262  O OE2 . GLU A 1 34 ? 15.533  -0.447  1.785   1.00 30.24 ? 34   GLU A OE2 1 
ATOM   263  N N   . GLU A 1 35 ? 17.217  5.038   4.737   1.00 12.21 ? 35   GLU A N   1 
ATOM   264  C CA  . GLU A 1 35 ? 18.177  6.049   5.149   1.00 13.67 ? 35   GLU A CA  1 
ATOM   265  C C   . GLU A 1 35 ? 18.978  6.670   4.003   1.00 11.69 ? 35   GLU A C   1 
ATOM   266  O O   . GLU A 1 35 ? 19.599  5.971   3.203   1.00 11.96 ? 35   GLU A O   1 
ATOM   267  C CB  . GLU A 1 35 ? 19.121  5.453   6.199   1.00 17.12 ? 35   GLU A CB  1 
ATOM   268  C CG  . GLU A 1 35 ? 19.722  6.484   7.122   1.00 22.65 ? 35   GLU A CG  1 
ATOM   269  C CD  . GLU A 1 35 ? 18.666  7.343   7.793   1.00 21.66 ? 35   GLU A CD  1 
ATOM   270  O OE1 . GLU A 1 35 ? 17.925  6.836   8.665   1.00 25.53 ? 35   GLU A OE1 1 
ATOM   271  O OE2 . GLU A 1 35 ? 18.572  8.530   7.436   1.00 22.23 ? 35   GLU A OE2 1 
ATOM   272  N N   . MET A 1 36 ? 18.944  7.996   3.933   1.00 12.06 ? 36   MET A N   1 
ATOM   273  C CA  . MET A 1 36 ? 19.659  8.743   2.908   1.00 13.16 ? 36   MET A CA  1 
ATOM   274  C C   . MET A 1 36 ? 19.745  10.200  3.340   1.00 13.65 ? 36   MET A C   1 
ATOM   275  O O   . MET A 1 36 ? 19.072  10.618  4.277   1.00 13.34 ? 36   MET A O   1 
ATOM   276  C CB  . MET A 1 36 ? 18.931  8.664   1.565   1.00 12.96 ? 36   MET A CB  1 
ATOM   277  C CG  . MET A 1 36 ? 17.627  9.443   1.520   1.00 13.84 ? 36   MET A CG  1 
ATOM   278  S SD  . MET A 1 36 ? 16.906  9.482   -0.135  1.00 15.34 ? 36   MET A SD  1 
ATOM   279  C CE  . MET A 1 36 ? 18.044  10.589  -0.970  1.00 14.77 ? 36   MET A CE  1 
ATOM   280  N N   . SER A 1 37 ? 20.567  10.969  2.640   1.00 14.53 ? 37   SER A N   1 
ATOM   281  C CA  . SER A 1 37 ? 20.730  12.376  2.953   1.00 16.67 ? 37   SER A CA  1 
ATOM   282  C C   . SER A 1 37 ? 19.855  13.231  2.041   1.00 16.30 ? 37   SER A C   1 
ATOM   283  O O   . SER A 1 37 ? 19.750  12.961  0.847   1.00 16.46 ? 37   SER A O   1 
ATOM   284  C CB  . SER A 1 37 ? 22.197  12.781  2.781   1.00 18.90 ? 37   SER A CB  1 
ATOM   285  O OG  . SER A 1 37 ? 22.355  14.180  2.947   1.00 25.57 ? 37   SER A OG  1 
ATOM   286  N N   . LEU A 1 38 ? 19.220  14.248  2.618   1.00 16.27 ? 38   LEU A N   1 
ATOM   287  C CA  . LEU A 1 38 ? 18.380  15.173  1.865   1.00 16.33 ? 38   LEU A CA  1 
ATOM   288  C C   . LEU A 1 38 ? 18.681  16.585  2.349   1.00 17.57 ? 38   LEU A C   1 
ATOM   289  O O   . LEU A 1 38 ? 19.035  16.788  3.508   1.00 16.28 ? 38   LEU A O   1 
ATOM   290  C CB  . LEU A 1 38 ? 16.894  14.852  2.053   1.00 15.47 ? 38   LEU A CB  1 
ATOM   291  C CG  . LEU A 1 38 ? 16.399  13.620  1.292   1.00 15.91 ? 38   LEU A CG  1 
ATOM   292  C CD1 . LEU A 1 38 ? 14.922  13.380  1.589   1.00 15.14 ? 38   LEU A CD1 1 
ATOM   293  C CD2 . LEU A 1 38 ? 16.619  13.826  -0.205  1.00 14.28 ? 38   LEU A CD2 1 
ATOM   294  N N   . PRO A 1 39 ? 18.550  17.581  1.461   1.00 18.51 ? 39   PRO A N   1 
ATOM   295  C CA  . PRO A 1 39 ? 18.817  18.976  1.812   1.00 19.89 ? 39   PRO A CA  1 
ATOM   296  C C   . PRO A 1 39 ? 17.677  19.644  2.564   1.00 19.94 ? 39   PRO A C   1 
ATOM   297  O O   . PRO A 1 39 ? 16.535  19.188  2.523   1.00 20.87 ? 39   PRO A O   1 
ATOM   298  C CB  . PRO A 1 39 ? 19.038  19.619  0.453   1.00 21.07 ? 39   PRO A CB  1 
ATOM   299  C CG  . PRO A 1 39 ? 18.011  18.918  -0.379  1.00 21.46 ? 39   PRO A CG  1 
ATOM   300  C CD  . PRO A 1 39 ? 18.188  17.464  0.036   1.00 20.00 ? 39   PRO A CD  1 
ATOM   301  N N   . GLY A 1 40 ? 18.002  20.734  3.248   1.00 19.42 ? 40   GLY A N   1 
ATOM   302  C CA  . GLY A 1 40 ? 16.995  21.480  3.972   1.00 19.48 ? 40   GLY A CA  1 
ATOM   303  C C   . GLY A 1 40 ? 16.715  21.039  5.389   1.00 18.52 ? 40   GLY A C   1 
ATOM   304  O O   . GLY A 1 40 ? 17.373  20.156  5.937   1.00 18.17 ? 40   GLY A O   1 
ATOM   305  N N   . ARG A 1 41 ? 15.715  21.680  5.975   1.00 18.45 ? 41   ARG A N   1 
ATOM   306  C CA  . ARG A 1 41 ? 15.292  21.409  7.336   1.00 18.94 ? 41   ARG A CA  1 
ATOM   307  C C   . ARG A 1 41 ? 14.407  20.170  7.405   1.00 18.00 ? 41   ARG A C   1 
ATOM   308  O O   . ARG A 1 41 ? 13.786  19.781  6.413   1.00 16.29 ? 41   ARG A O   1 
ATOM   309  C CB  . ARG A 1 41 ? 14.534  22.623  7.886   1.00 21.75 ? 41   ARG A CB  1 
ATOM   310  C CG  . ARG A 1 41 ? 13.407  23.160  6.986   1.00 26.36 ? 41   ARG A CG  1 
ATOM   311  C CD  . ARG A 1 41 ? 13.922  23.789  5.674   1.00 27.82 ? 41   ARG A CD  1 
ATOM   312  N NE  . ARG A 1 41 ? 13.795  22.881  4.532   1.00 27.30 ? 41   ARG A NE  1 
ATOM   313  C CZ  . ARG A 1 41 ? 12.640  22.573  3.948   1.00 28.07 ? 41   ARG A CZ  1 
ATOM   314  N NH1 . ARG A 1 41 ? 11.509  23.110  4.391   1.00 28.60 ? 41   ARG A NH1 1 
ATOM   315  N NH2 . ARG A 1 41 ? 12.602  21.700  2.945   1.00 20.21 ? 41   ARG A NH2 1 
ATOM   316  N N   . TRP A 1 42 ? 14.365  19.546  8.578   1.00 17.29 ? 42   TRP A N   1 
ATOM   317  C CA  . TRP A 1 42 ? 13.537  18.365  8.776   1.00 18.11 ? 42   TRP A CA  1 
ATOM   318  C C   . TRP A 1 42 ? 12.934  18.356  10.176  1.00 17.99 ? 42   TRP A C   1 
ATOM   319  O O   . TRP A 1 42 ? 13.427  19.027  11.084  1.00 17.03 ? 42   TRP A O   1 
ATOM   320  C CB  . TRP A 1 42 ? 14.341  17.081  8.543   1.00 18.41 ? 42   TRP A CB  1 
ATOM   321  C CG  . TRP A 1 42 ? 15.507  16.899  9.465   1.00 21.21 ? 42   TRP A CG  1 
ATOM   322  C CD1 . TRP A 1 42 ? 16.785  17.343  9.273   1.00 21.34 ? 42   TRP A CD1 1 
ATOM   323  C CD2 . TRP A 1 42 ? 15.502  16.218  10.725  1.00 22.01 ? 42   TRP A CD2 1 
ATOM   324  N NE1 . TRP A 1 42 ? 17.577  16.978  10.336  1.00 21.99 ? 42   TRP A NE1 1 
ATOM   325  C CE2 . TRP A 1 42 ? 16.816  16.288  11.242  1.00 22.31 ? 42   TRP A CE2 1 
ATOM   326  C CE3 . TRP A 1 42 ? 14.515  15.556  11.468  1.00 22.41 ? 42   TRP A CE3 1 
ATOM   327  C CZ2 . TRP A 1 42 ? 17.168  15.719  12.471  1.00 23.45 ? 42   TRP A CZ2 1 
ATOM   328  C CZ3 . TRP A 1 42 ? 14.867  14.992  12.694  1.00 23.45 ? 42   TRP A CZ3 1 
ATOM   329  C CH2 . TRP A 1 42 ? 16.184  15.077  13.180  1.00 24.15 ? 42   TRP A CH2 1 
ATOM   330  N N   . LYS A 1 43 ? 11.860  17.591  10.331  1.00 17.33 ? 43   LYS A N   1 
ATOM   331  C CA  . LYS A 1 43 ? 11.140  17.469  11.595  1.00 18.46 ? 43   LYS A CA  1 
ATOM   332  C C   . LYS A 1 43 ? 10.898  15.984  11.866  1.00 15.74 ? 43   LYS A C   1 
ATOM   333  O O   . LYS A 1 43 ? 10.724  15.206  10.936  1.00 13.21 ? 43   LYS A O   1 
ATOM   334  C CB  . LYS A 1 43 ? 9.801   18.207  11.480  1.00 21.58 ? 43   LYS A CB  1 
ATOM   335  C CG  . LYS A 1 43 ? 8.773   17.883  12.550  1.00 27.71 ? 43   LYS A CG  1 
ATOM   336  C CD  . LYS A 1 43 ? 9.147   18.469  13.903  1.00 30.73 ? 43   LYS A CD  1 
ATOM   337  C CE  . LYS A 1 43 ? 8.065   18.184  14.930  1.00 31.97 ? 43   LYS A CE  1 
ATOM   338  N NZ  . LYS A 1 43 ? 7.765   16.730  15.015  1.00 29.17 ? 43   LYS A NZ  1 
ATOM   339  N N   . PRO A 1 44 ? 10.908  15.569  13.142  1.00 15.41 ? 44   PRO A N   1 
ATOM   340  C CA  . PRO A 1 44 ? 10.675  14.153  13.441  1.00 14.86 ? 44   PRO A CA  1 
ATOM   341  C C   . PRO A 1 44 ? 9.203   13.796  13.274  1.00 13.14 ? 44   PRO A C   1 
ATOM   342  O O   . PRO A 1 44 ? 8.327   14.634  13.492  1.00 12.19 ? 44   PRO A O   1 
ATOM   343  C CB  . PRO A 1 44 ? 11.117  14.025  14.900  1.00 17.23 ? 44   PRO A CB  1 
ATOM   344  C CG  . PRO A 1 44 ? 12.094  15.151  15.072  1.00 20.58 ? 44   PRO A CG  1 
ATOM   345  C CD  . PRO A 1 44 ? 11.437  16.268  14.324  1.00 16.46 ? 44   PRO A CD  1 
ATOM   346  N N   . LYS A 1 45 ? 8.937   12.551  12.889  1.00 11.86 ? 45   LYS A N   1 
ATOM   347  C CA  . LYS A 1 45 ? 7.567   12.080  12.720  1.00 10.65 ? 45   LYS A CA  1 
ATOM   348  C C   . LYS A 1 45 ? 7.494   10.587  13.002  1.00 10.09 ? 45   LYS A C   1 
ATOM   349  O O   . LYS A 1 45 ? 8.470   9.863   12.814  1.00 9.07  ? 45   LYS A O   1 
ATOM   350  C CB  . LYS A 1 45 ? 7.065   12.344  11.293  1.00 11.82 ? 45   LYS A CB  1 
ATOM   351  C CG  . LYS A 1 45 ? 5.589   11.995  11.094  1.00 10.43 ? 45   LYS A CG  1 
ATOM   352  C CD  . LYS A 1 45 ? 5.116   12.209  9.657   1.00 13.80 ? 45   LYS A CD  1 
ATOM   353  C CE  . LYS A 1 45 ? 3.599   12.059  9.563   1.00 13.57 ? 45   LYS A CE  1 
ATOM   354  N NZ  . LYS A 1 45 ? 3.078   12.132  8.167   1.00 16.09 ? 45   LYS A NZ  1 
ATOM   355  N N   . MET A 1 46 ? 6.338   10.138  13.479  1.00 8.81  ? 46   MET A N   1 
ATOM   356  C CA  . MET A 1 46 ? 6.109   8.727   13.750  1.00 10.11 ? 46   MET A CA  1 
ATOM   357  C C   . MET A 1 46 ? 5.054   8.267   12.758  1.00 8.03  ? 46   MET A C   1 
ATOM   358  O O   . MET A 1 46 ? 3.993   8.884   12.649  1.00 10.26 ? 46   MET A O   1 
ATOM   359  C CB  . MET A 1 46 ? 5.580   8.521   15.172  1.00 11.56 ? 46   MET A CB  1 
ATOM   360  C CG  . MET A 1 46 ? 6.617   8.708   16.253  1.00 15.87 ? 46   MET A CG  1 
ATOM   361  S SD  . MET A 1 46 ? 7.782   7.340   16.292  1.00 20.96 ? 46   MET A SD  1 
ATOM   362  C CE  . MET A 1 46 ? 6.905   6.206   17.347  1.00 22.14 ? 46   MET A CE  1 
ATOM   363  N N   . ILE A 1 47 ? 5.351   7.209   12.014  1.00 9.15  ? 47   ILE A N   1 
ATOM   364  C CA  . ILE A 1 47 ? 4.389   6.674   11.062  1.00 7.35  ? 47   ILE A CA  1 
ATOM   365  C C   . ILE A 1 47 ? 4.129   5.221   11.419  1.00 7.25  ? 47   ILE A C   1 
ATOM   366  O O   . ILE A 1 47 ? 5.027   4.515   11.870  1.00 8.62  ? 47   ILE A O   1 
ATOM   367  C CB  . ILE A 1 47 ? 4.882   6.790   9.596   1.00 7.81  ? 47   ILE A CB  1 
ATOM   368  C CG1 . ILE A 1 47 ? 6.223   6.083   9.417   1.00 8.10  ? 47   ILE A CG1 1 
ATOM   369  C CG2 . ILE A 1 47 ? 4.984   8.260   9.213   1.00 8.42  ? 47   ILE A CG2 1 
ATOM   370  C CD1 . ILE A 1 47 ? 6.750   6.133   7.985   1.00 9.12  ? 47   ILE A CD1 1 
ATOM   371  N N   . GLY A 1 48 ? 2.888   4.788   11.238  1.00 8.18  ? 48   GLY A N   1 
ATOM   372  C CA  . GLY A 1 48 ? 2.529   3.426   11.585  1.00 8.51  ? 48   GLY A CA  1 
ATOM   373  C C   . GLY A 1 48 ? 2.074   2.578   10.416  1.00 10.17 ? 48   GLY A C   1 
ATOM   374  O O   . GLY A 1 48 ? 1.428   3.056   9.483   1.00 10.12 ? 48   GLY A O   1 
ATOM   375  N N   . GLY A 1 49 ? 2.431   1.304   10.478  1.00 10.31 ? 49   GLY A N   1 
ATOM   376  C CA  . GLY A 1 49 ? 2.050   0.371   9.438   1.00 11.09 ? 49   GLY A CA  1 
ATOM   377  C C   . GLY A 1 49 ? 1.690   -0.920  10.131  1.00 9.97  ? 49   GLY A C   1 
ATOM   378  O O   . GLY A 1 49 ? 1.383   -0.916  11.321  1.00 9.52  ? 49   GLY A O   1 
ATOM   379  N N   . ILE A 1 50 ? 1.687   -2.022  9.396   1.00 11.20 ? 50   ILE A N   1 
ATOM   380  C CA  . ILE A 1 50 ? 1.409   -3.295  10.028  1.00 14.46 ? 50   ILE A CA  1 
ATOM   381  C C   . ILE A 1 50 ? 2.683   -3.514  10.830  1.00 14.43 ? 50   ILE A C   1 
ATOM   382  O O   . ILE A 1 50 ? 3.781   -3.282  10.327  1.00 18.31 ? 50   ILE A O   1 
ATOM   383  C CB  . ILE A 1 50 ? 1.257   -4.433  8.994   1.00 15.21 ? 50   ILE A CB  1 
ATOM   384  C CG1 . ILE A 1 50 ? -0.116  -4.357  8.329   1.00 17.28 ? 50   ILE A CG1 1 
ATOM   385  C CG2 . ILE A 1 50 ? 1.436   -5.786  9.671   1.00 18.73 ? 50   ILE A CG2 1 
ATOM   386  C CD1 . ILE A 1 50 ? -0.317  -3.138  7.485   1.00 20.61 ? 50   ILE A CD1 1 
ATOM   387  N N   . GLY A 1 51 ? 2.545   -3.936  12.075  1.00 16.87 ? 51   GLY A N   1 
ATOM   388  C CA  . GLY A 1 51 ? 3.728   -4.150  12.881  1.00 13.75 ? 51   GLY A CA  1 
ATOM   389  C C   . GLY A 1 51 ? 3.952   -3.021  13.865  1.00 13.46 ? 51   GLY A C   1 
ATOM   390  O O   . GLY A 1 51 ? 4.644   -3.199  14.862  1.00 15.11 ? 51   GLY A O   1 
ATOM   391  N N   . GLY A 1 52 ? 3.378   -1.855  13.592  1.00 9.50  ? 52   GLY A N   1 
ATOM   392  C CA  . GLY A 1 52 ? 3.548   -0.747  14.514  1.00 10.30 ? 52   GLY A CA  1 
ATOM   393  C C   . GLY A 1 52 ? 4.158   0.502   13.917  1.00 9.69  ? 52   GLY A C   1 
ATOM   394  O O   . GLY A 1 52 ? 4.141   0.695   12.703  1.00 10.17 ? 52   GLY A O   1 
ATOM   395  N N   . PHE A 1 53 ? 4.717   1.348   14.777  1.00 9.70  ? 53   PHE A N   1 
ATOM   396  C CA  . PHE A 1 53 ? 5.299   2.609   14.326  1.00 9.52  ? 53   PHE A CA  1 
ATOM   397  C C   . PHE A 1 53 ? 6.820   2.649   14.292  1.00 9.83  ? 53   PHE A C   1 
ATOM   398  O O   . PHE A 1 53 ? 7.502   1.907   15.008  1.00 10.17 ? 53   PHE A O   1 
ATOM   399  C CB  . PHE A 1 53 ? 4.825   3.763   15.223  1.00 9.34  ? 53   PHE A CB  1 
ATOM   400  C CG  . PHE A 1 53 ? 3.353   4.046   15.142  1.00 9.53  ? 53   PHE A CG  1 
ATOM   401  C CD1 . PHE A 1 53 ? 2.425   3.148   15.662  1.00 10.48 ? 53   PHE A CD1 1 
ATOM   402  C CD2 . PHE A 1 53 ? 2.894   5.222   14.556  1.00 8.56  ? 53   PHE A CD2 1 
ATOM   403  C CE1 . PHE A 1 53 ? 1.059   3.418   15.598  1.00 12.01 ? 53   PHE A CE1 1 
ATOM   404  C CE2 . PHE A 1 53 ? 1.533   5.502   14.487  1.00 9.53  ? 53   PHE A CE2 1 
ATOM   405  C CZ  . PHE A 1 53 ? 0.612   4.597   15.009  1.00 11.82 ? 53   PHE A CZ  1 
ATOM   406  N N   . ILE A 1 54 ? 7.338   3.531   13.441  1.00 10.05 ? 54   ILE A N   1 
ATOM   407  C CA  . ILE A 1 54 ? 8.773   3.758   13.326  1.00 8.92  ? 54   ILE A CA  1 
ATOM   408  C C   . ILE A 1 54 ? 8.968   5.265   13.281  1.00 9.35  ? 54   ILE A C   1 
ATOM   409  O O   . ILE A 1 54 ? 8.067   6.008   12.881  1.00 9.54  ? 54   ILE A O   1 
ATOM   410  C CB  . ILE A 1 54 ? 9.397   3.139   12.043  1.00 9.86  ? 54   ILE A CB  1 
ATOM   411  C CG1 . ILE A 1 54 ? 8.682   3.659   10.793  1.00 9.89  ? 54   ILE A CG1 1 
ATOM   412  C CG2 . ILE A 1 54 ? 9.353   1.624   12.129  1.00 9.83  ? 54   ILE A CG2 1 
ATOM   413  C CD1 . ILE A 1 54 ? 9.385   3.275   9.492   1.00 12.91 ? 54   ILE A CD1 1 
ATOM   414  N N   . LYS A 1 55 ? 10.137  5.717   13.716  1.00 8.83  ? 55   LYS A N   1 
ATOM   415  C CA  . LYS A 1 55 ? 10.446  7.141   13.720  1.00 8.95  ? 55   LYS A CA  1 
ATOM   416  C C   . LYS A 1 55 ? 11.215  7.475   12.449  1.00 9.14  ? 55   LYS A C   1 
ATOM   417  O O   . LYS A 1 55 ? 12.155  6.771   12.079  1.00 10.22 ? 55   LYS A O   1 
ATOM   418  C CB  . LYS A 1 55 ? 11.281  7.494   14.951  1.00 10.34 ? 55   LYS A CB  1 
ATOM   419  C CG  . LYS A 1 55 ? 11.642  8.966   15.064  1.00 13.00 ? 55   LYS A CG  1 
ATOM   420  C CD  . LYS A 1 55 ? 12.515  9.218   16.288  1.00 16.35 ? 55   LYS A CD  1 
ATOM   421  C CE  . LYS A 1 55 ? 12.940  10.673  16.376  1.00 19.93 ? 55   LYS A CE  1 
ATOM   422  N NZ  . LYS A 1 55 ? 11.764  11.574  16.487  1.00 27.35 ? 55   LYS A NZ  1 
ATOM   423  N N   . VAL A 1 56 ? 10.803  8.549   11.787  1.00 8.90  ? 56   VAL A N   1 
ATOM   424  C CA  . VAL A 1 56 ? 11.435  8.984   10.547  1.00 8.74  ? 56   VAL A CA  1 
ATOM   425  C C   . VAL A 1 56 ? 11.692  10.485  10.571  1.00 9.32  ? 56   VAL A C   1 
ATOM   426  O O   . VAL A 1 56 ? 11.197  11.199  11.447  1.00 10.83 ? 56   VAL A O   1 
ATOM   427  C CB  . VAL A 1 56 ? 10.528  8.675   9.322   1.00 6.94  ? 56   VAL A CB  1 
ATOM   428  C CG1 . VAL A 1 56 ? 10.270  7.180   9.219   1.00 7.68  ? 56   VAL A CG1 1 
ATOM   429  C CG2 . VAL A 1 56 ? 9.211   9.428   9.451   1.00 7.54  ? 56   VAL A CG2 1 
ATOM   430  N N   . ARG A 1 57 ? 12.487  10.958  9.617   1.00 9.28  ? 57   ARG A N   1 
ATOM   431  C CA  . ARG A 1 57 ? 12.762  12.382  9.496   1.00 9.93  ? 57   ARG A CA  1 
ATOM   432  C C   . ARG A 1 57 ? 11.895  12.879  8.348   1.00 9.71  ? 57   ARG A C   1 
ATOM   433  O O   . ARG A 1 57 ? 11.841  12.256  7.286   1.00 10.09 ? 57   ARG A O   1 
ATOM   434  C CB  . ARG A 1 57 ? 14.237  12.638  9.176   1.00 10.95 ? 57   ARG A CB  1 
ATOM   435  C CG  . ARG A 1 57 ? 15.183  12.345  10.323  1.00 13.35 ? 57   ARG A CG  1 
ATOM   436  C CD  . ARG A 1 57 ? 16.608  12.718  9.945   1.00 17.21 ? 57   ARG A CD  1 
ATOM   437  N NE  . ARG A 1 57 ? 16.968  12.106  8.671   1.00 21.68 ? 57   ARG A NE  1 
ATOM   438  C CZ  . ARG A 1 57 ? 18.130  12.270  8.054   1.00 25.89 ? 57   ARG A CZ  1 
ATOM   439  N NH1 . ARG A 1 57 ? 19.071  13.035  8.595   1.00 28.32 ? 57   ARG A NH1 1 
ATOM   440  N NH2 . ARG A 1 57 ? 18.344  11.679  6.887   1.00 23.40 ? 57   ARG A NH2 1 
ATOM   441  N N   . GLN A 1 58 ? 11.212  13.994  8.565   1.00 8.29  ? 58   GLN A N   1 
ATOM   442  C CA  . GLN A 1 58 ? 10.345  14.561  7.545   1.00 9.45  ? 58   GLN A CA  1 
ATOM   443  C C   . GLN A 1 58 ? 10.975  15.755  6.847   1.00 9.10  ? 58   GLN A C   1 
ATOM   444  O O   . GLN A 1 58 ? 11.308  16.748  7.489   1.00 9.45  ? 58   GLN A O   1 
ATOM   445  C CB  . GLN A 1 58 ? 9.026   14.995  8.173   1.00 8.27  ? 58   GLN A CB  1 
ATOM   446  C CG  . GLN A 1 58 ? 8.051   15.619  7.203   1.00 8.02  ? 58   GLN A CG  1 
ATOM   447  C CD  . GLN A 1 58 ? 6.813   16.138  7.896   1.00 11.88 ? 58   GLN A CD  1 
ATOM   448  O OE1 . GLN A 1 58 ? 6.315   15.525  8.839   1.00 13.42 ? 58   GLN A OE1 1 
ATOM   449  N NE2 . GLN A 1 58 ? 6.298   17.268  7.424   1.00 13.33 ? 58   GLN A NE2 1 
ATOM   450  N N   . TYR A 1 59 ? 11.134  15.645  5.530   1.00 8.92  ? 59   TYR A N   1 
ATOM   451  C CA  . TYR A 1 59 ? 11.690  16.721  4.711   1.00 9.07  ? 59   TYR A CA  1 
ATOM   452  C C   . TYR A 1 59 ? 10.584  17.201  3.781   1.00 10.03 ? 59   TYR A C   1 
ATOM   453  O O   . TYR A 1 59 ? 9.960   16.393  3.094   1.00 10.71 ? 59   TYR A O   1 
ATOM   454  C CB  . TYR A 1 59 ? 12.860  16.223  3.859   1.00 9.57  ? 59   TYR A CB  1 
ATOM   455  C CG  . TYR A 1 59 ? 14.083  15.799  4.636   1.00 11.86 ? 59   TYR A CG  1 
ATOM   456  C CD1 . TYR A 1 59 ? 14.159  14.537  5.229   1.00 12.62 ? 59   TYR A CD1 1 
ATOM   457  C CD2 . TYR A 1 59 ? 15.172  16.663  4.777   1.00 11.77 ? 59   TYR A CD2 1 
ATOM   458  C CE1 . TYR A 1 59 ? 15.293  14.145  5.941   1.00 14.07 ? 59   TYR A CE1 1 
ATOM   459  C CE2 . TYR A 1 59 ? 16.304  16.283  5.485   1.00 12.61 ? 59   TYR A CE2 1 
ATOM   460  C CZ  . TYR A 1 59 ? 16.360  15.025  6.063   1.00 14.29 ? 59   TYR A CZ  1 
ATOM   461  O OH  . TYR A 1 59 ? 17.487  14.645  6.756   1.00 16.35 ? 59   TYR A OH  1 
ATOM   462  N N   . ASP A 1 60 ? 10.341  18.506  3.751   1.00 11.61 ? 60   ASP A N   1 
ATOM   463  C CA  . ASP A 1 60 ? 9.294   19.035  2.890   1.00 12.68 ? 60   ASP A CA  1 
ATOM   464  C C   . ASP A 1 60 ? 9.849   19.653  1.609   1.00 13.78 ? 60   ASP A C   1 
ATOM   465  O O   . ASP A 1 60 ? 11.043  19.942  1.511   1.00 14.64 ? 60   ASP A O   1 
ATOM   466  C CB  . ASP A 1 60 ? 8.456   20.065  3.656   1.00 13.77 ? 60   ASP A CB  1 
ATOM   467  C CG  . ASP A 1 60 ? 7.795   19.474  4.893   1.00 15.58 ? 60   ASP A CG  1 
ATOM   468  O OD1 . ASP A 1 60 ? 7.206   18.379  4.785   1.00 15.10 ? 60   ASP A OD1 1 
ATOM   469  O OD2 . ASP A 1 60 ? 7.855   20.105  5.971   1.00 17.10 ? 60   ASP A OD2 1 
ATOM   470  N N   . GLN A 1 61 ? 8.975   19.829  0.623   1.00 14.98 ? 61   GLN A N   1 
ATOM   471  C CA  . GLN A 1 61 ? 9.346   20.426  -0.660  1.00 16.01 ? 61   GLN A CA  1 
ATOM   472  C C   . GLN A 1 61 ? 10.583  19.788  -1.280  1.00 15.45 ? 61   GLN A C   1 
ATOM   473  O O   . GLN A 1 61 ? 11.553  20.477  -1.616  1.00 15.62 ? 61   GLN A O   1 
ATOM   474  C CB  . GLN A 1 61 ? 9.576   21.928  -0.485  1.00 19.41 ? 61   GLN A CB  1 
ATOM   475  C CG  . GLN A 1 61 ? 8.363   22.670  0.046   1.00 24.42 ? 61   GLN A CG  1 
ATOM   476  C CD  . GLN A 1 61 ? 8.648   24.135  0.295   1.00 28.18 ? 61   GLN A CD  1 
ATOM   477  O OE1 . GLN A 1 61 ? 8.988   24.878  -0.625  1.00 32.15 ? 61   GLN A OE1 1 
ATOM   478  N NE2 . GLN A 1 61 ? 8.512   24.559  1.544   1.00 31.32 ? 61   GLN A NE2 1 
ATOM   479  N N   . ILE A 1 62 ? 10.542  18.471  -1.429  1.00 11.82 ? 62   ILE A N   1 
ATOM   480  C CA  . ILE A 1 62 ? 11.646  17.723  -2.017  1.00 13.24 ? 62   ILE A CA  1 
ATOM   481  C C   . ILE A 1 62 ? 11.282  17.341  -3.444  1.00 13.36 ? 62   ILE A C   1 
ATOM   482  O O   . ILE A 1 62 ? 10.181  16.847  -3.702  1.00 12.03 ? 62   ILE A O   1 
ATOM   483  C CB  . ILE A 1 62 ? 11.939  16.431  -1.215  1.00 13.46 ? 62   ILE A CB  1 
ATOM   484  C CG1 . ILE A 1 62 ? 12.431  16.788  0.190   1.00 13.76 ? 62   ILE A CG1 1 
ATOM   485  C CG2 . ILE A 1 62 ? 12.969  15.575  -1.950  1.00 12.96 ? 62   ILE A CG2 1 
ATOM   486  C CD1 . ILE A 1 62 ? 13.747  17.556  0.219   1.00 12.87 ? 62   ILE A CD1 1 
ATOM   487  N N   . LEU A 1 63 ? 12.208  17.575  -4.369  1.00 15.51 ? 63   LEU A N   1 
ATOM   488  C CA  . LEU A 1 63 ? 11.976  17.252  -5.768  1.00 18.61 ? 63   LEU A CA  1 
ATOM   489  C C   . LEU A 1 63 ? 12.272  15.775  -6.009  1.00 18.42 ? 63   LEU A C   1 
ATOM   490  O O   . LEU A 1 63 ? 13.272  15.241  -5.526  1.00 17.23 ? 63   LEU A O   1 
ATOM   491  C CB  . LEU A 1 63 ? 12.866  18.123  -6.664  1.00 21.82 ? 63   LEU A CB  1 
ATOM   492  C CG  . LEU A 1 63 ? 12.609  18.141  -8.177  1.00 27.52 ? 63   LEU A CG  1 
ATOM   493  C CD1 . LEU A 1 63 ? 13.473  19.219  -8.815  1.00 29.79 ? 63   LEU A CD1 1 
ATOM   494  C CD2 . LEU A 1 63 ? 12.909  16.784  -8.798  1.00 28.90 ? 63   LEU A CD2 1 
ATOM   495  N N   . ILE A 1 64 ? 11.383  15.116  -6.743  1.00 17.02 ? 64   ILE A N   1 
ATOM   496  C CA  . ILE A 1 64 ? 11.553  13.708  -7.070  1.00 18.81 ? 64   ILE A CA  1 
ATOM   497  C C   . ILE A 1 64 ? 11.017  13.452  -8.469  1.00 19.37 ? 64   ILE A C   1 
ATOM   498  O O   . ILE A 1 64 ? 10.128  14.161  -8.942  1.00 19.96 ? 64   ILE A O   1 
ATOM   499  C CB  . ILE A 1 64 ? 10.796  12.788  -6.085  1.00 21.13 ? 64   ILE A CB  1 
ATOM   500  C CG1 . ILE A 1 64 ? 11.357  12.953  -4.673  1.00 24.75 ? 64   ILE A CG1 1 
ATOM   501  C CG2 . ILE A 1 64 ? 10.930  11.331  -6.518  1.00 20.27 ? 64   ILE A CG2 1 
ATOM   502  C CD1 . ILE A 1 64 ? 10.777  11.975  -3.675  1.00 27.96 ? 64   ILE A CD1 1 
ATOM   503  N N   . GLU A 1 65 ? 11.574  12.449  -9.134  1.00 19.50 ? 65   GLU A N   1 
ATOM   504  C CA  . GLU A 1 65 ? 11.130  12.093  -10.471 1.00 19.60 ? 65   GLU A CA  1 
ATOM   505  C C   . GLU A 1 65 ? 10.758  10.618  -10.455 1.00 19.63 ? 65   GLU A C   1 
ATOM   506  O O   . GLU A 1 65 ? 11.554  9.771   -10.046 1.00 17.95 ? 65   GLU A O   1 
ATOM   507  C CB  . GLU A 1 65 ? 12.239  12.353  -11.491 1.00 22.15 ? 65   GLU A CB  1 
ATOM   508  C CG  . GLU A 1 65 ? 11.787  12.216  -12.936 1.00 26.95 ? 65   GLU A CG  1 
ATOM   509  C CD  . GLU A 1 65 ? 12.895  12.528  -13.920 1.00 30.02 ? 65   GLU A CD  1 
ATOM   510  O OE1 . GLU A 1 65 ? 13.459  13.641  -13.849 1.00 30.62 ? 65   GLU A OE1 1 
ATOM   511  O OE2 . GLU A 1 65 ? 13.201  11.661  -14.767 1.00 33.71 ? 65   GLU A OE2 1 
ATOM   512  N N   . ILE A 1 66 ? 9.538   10.322  -10.890 1.00 19.87 ? 66   ILE A N   1 
ATOM   513  C CA  . ILE A 1 66 ? 9.030   8.955   -10.919 1.00 22.15 ? 66   ILE A CA  1 
ATOM   514  C C   . ILE A 1 66 ? 8.653   8.581   -12.347 1.00 23.53 ? 66   ILE A C   1 
ATOM   515  O O   . ILE A 1 66 ? 7.736   9.163   -12.923 1.00 21.42 ? 66   ILE A O   1 
ATOM   516  C CB  . ILE A 1 66 ? 7.782   8.820   -10.022 1.00 22.17 ? 66   ILE A CB  1 
ATOM   517  C CG1 . ILE A 1 66 ? 8.116   9.280   -8.601  1.00 22.26 ? 66   ILE A CG1 1 
ATOM   518  C CG2 . ILE A 1 66 ? 7.292   7.378   -10.016 1.00 21.27 ? 66   ILE A CG2 1 
ATOM   519  C CD1 . ILE A 1 66 ? 6.904   9.473   -7.713  1.00 24.05 ? 66   ILE A CD1 1 
ATOM   520  N N   . CYS A 1 67 ? 9.359   7.609   -12.915 1.00 25.77 ? 67   CYS A N   1 
ATOM   521  C CA  . CYS A 1 67 ? 9.084   7.179   -14.281 1.00 27.92 ? 67   CYS A CA  1 
ATOM   522  C C   . CYS A 1 67 ? 9.080   8.366   -15.231 1.00 28.05 ? 67   CYS A C   1 
ATOM   523  O O   . CYS A 1 67 ? 8.230   8.462   -16.113 1.00 29.57 ? 67   CYS A O   1 
ATOM   524  C CB  . CYS A 1 67 ? 7.732   6.473   -14.356 1.00 29.33 ? 67   CYS A CB  1 
ATOM   525  S SG  . CYS A 1 67 ? 7.662   4.929   -13.448 1.00 32.42 ? 67   CYS A SG  1 
ATOM   526  N N   . GLY A 1 68 ? 10.028  9.276   -15.039 1.00 28.00 ? 68   GLY A N   1 
ATOM   527  C CA  . GLY A 1 68 ? 10.110  10.439  -15.901 1.00 28.02 ? 68   GLY A CA  1 
ATOM   528  C C   . GLY A 1 68 ? 9.186   11.572  -15.503 1.00 27.53 ? 68   GLY A C   1 
ATOM   529  O O   . GLY A 1 68 ? 9.295   12.676  -16.034 1.00 28.85 ? 68   GLY A O   1 
ATOM   530  N N   . HIS A 1 69 ? 8.273   11.310  -14.573 1.00 25.98 ? 69   HIS A N   1 
ATOM   531  C CA  . HIS A 1 69 ? 7.341   12.338  -14.125 1.00 24.92 ? 69   HIS A CA  1 
ATOM   532  C C   . HIS A 1 69 ? 7.880   13.075  -12.906 1.00 24.29 ? 69   HIS A C   1 
ATOM   533  O O   . HIS A 1 69 ? 8.111   12.474  -11.854 1.00 20.76 ? 69   HIS A O   1 
ATOM   534  C CB  . HIS A 1 69 ? 5.982   11.721  -13.785 1.00 25.48 ? 69   HIS A CB  1 
ATOM   535  C CG  . HIS A 1 69 ? 5.279   11.120  -14.963 1.00 26.66 ? 69   HIS A CG  1 
ATOM   536  N ND1 . HIS A 1 69 ? 5.749   10.005  -15.622 1.00 26.80 ? 69   HIS A ND1 1 
ATOM   537  C CD2 . HIS A 1 69 ? 4.140   11.480  -15.599 1.00 27.60 ? 69   HIS A CD2 1 
ATOM   538  C CE1 . HIS A 1 69 ? 4.929   9.704   -16.614 1.00 27.05 ? 69   HIS A CE1 1 
ATOM   539  N NE2 . HIS A 1 69 ? 3.945   10.583  -16.621 1.00 27.20 ? 69   HIS A NE2 1 
ATOM   540  N N   . LYS A 1 70 ? 8.076   14.381  -13.052 1.00 23.49 ? 70   LYS A N   1 
ATOM   541  C CA  . LYS A 1 70 ? 8.588   15.197  -11.959 1.00 23.74 ? 70   LYS A CA  1 
ATOM   542  C C   . LYS A 1 70 ? 7.487   15.595  -10.988 1.00 23.05 ? 70   LYS A C   1 
ATOM   543  O O   . LYS A 1 70 ? 6.332   15.779  -11.374 1.00 23.28 ? 70   LYS A O   1 
ATOM   544  C CB  . LYS A 1 70 ? 9.263   16.456  -12.505 1.00 25.87 ? 70   LYS A CB  1 
ATOM   545  C CG  . LYS A 1 70 ? 10.497  16.184  -13.342 1.00 28.40 ? 70   LYS A CG  1 
ATOM   546  C CD  . LYS A 1 70 ? 11.102  17.476  -13.863 1.00 31.75 ? 70   LYS A CD  1 
ATOM   547  C CE  . LYS A 1 70 ? 12.300  17.197  -14.756 1.00 32.87 ? 70   LYS A CE  1 
ATOM   548  N NZ  . LYS A 1 70 ? 11.930  16.346  -15.925 1.00 34.97 ? 70   LYS A NZ  1 
ATOM   549  N N   . ALA A 1 71 ? 7.856   15.721  -9.720  1.00 21.04 ? 71   ALA A N   1 
ATOM   550  C CA  . ALA A 1 71 ? 6.914   16.107  -8.687  1.00 19.57 ? 71   ALA A CA  1 
ATOM   551  C C   . ALA A 1 71 ? 7.673   16.698  -7.510  1.00 19.23 ? 71   ALA A C   1 
ATOM   552  O O   . ALA A 1 71 ? 8.898   16.592  -7.427  1.00 18.68 ? 71   ALA A O   1 
ATOM   553  C CB  . ALA A 1 71 ? 6.101   14.902  -8.236  1.00 19.78 ? 71   ALA A CB  1 
ATOM   554  N N   . ILE A 1 72 ? 6.937   17.336  -6.611  1.00 16.46 ? 72   ILE A N   1 
ATOM   555  C CA  . ILE A 1 72 ? 7.531   17.934  -5.430  1.00 15.91 ? 72   ILE A CA  1 
ATOM   556  C C   . ILE A 1 72 ? 6.626   17.586  -4.261  1.00 13.25 ? 72   ILE A C   1 
ATOM   557  O O   . ILE A 1 72 ? 5.406   17.558  -4.405  1.00 12.66 ? 72   ILE A O   1 
ATOM   558  C CB  . ILE A 1 72 ? 7.621   19.466  -5.559  1.00 18.21 ? 72   ILE A CB  1 
ATOM   559  C CG1 . ILE A 1 72 ? 8.303   19.839  -6.881  1.00 21.13 ? 72   ILE A CG1 1 
ATOM   560  C CG2 . ILE A 1 72 ? 8.412   20.035  -4.391  1.00 19.70 ? 72   ILE A CG2 1 
ATOM   561  C CD1 . ILE A 1 72 ? 8.282   21.327  -7.189  1.00 24.48 ? 72   ILE A CD1 1 
ATOM   562  N N   . GLY A 1 73 ? 7.224   17.302  -3.111  1.00 12.05 ? 73   GLY A N   1 
ATOM   563  C CA  . GLY A 1 73 ? 6.425   16.969  -1.950  1.00 10.71 ? 73   GLY A CA  1 
ATOM   564  C C   . GLY A 1 73 ? 7.254   16.549  -0.756  1.00 8.86  ? 73   GLY A C   1 
ATOM   565  O O   . GLY A 1 73 ? 8.485   16.589  -0.786  1.00 10.33 ? 73   GLY A O   1 
ATOM   566  N N   . THR A 1 74 ? 6.564   16.141  0.300   1.00 9.48  ? 74   THR A N   1 
ATOM   567  C CA  . THR A 1 74 ? 7.219   15.703  1.521   1.00 9.15  ? 74   THR A CA  1 
ATOM   568  C C   . THR A 1 74 ? 7.740   14.276  1.370   1.00 9.78  ? 74   THR A C   1 
ATOM   569  O O   . THR A 1 74 ? 7.051   13.400  0.845   1.00 9.58  ? 74   THR A O   1 
ATOM   570  C CB  . THR A 1 74 ? 6.237   15.762  2.715   1.00 8.72  ? 74   THR A CB  1 
ATOM   571  O OG1 . THR A 1 74 ? 5.887   17.128  2.972   1.00 11.97 ? 74   THR A OG1 1 
ATOM   572  C CG2 . THR A 1 74 ? 6.864   15.165  3.966   1.00 9.23  ? 74   THR A CG2 1 
ATOM   573  N N   . VAL A 1 75 ? 8.968   14.055  1.826   1.00 7.42  ? 75   VAL A N   1 
ATOM   574  C CA  . VAL A 1 75 ? 9.581   12.736  1.774   1.00 8.20  ? 75   VAL A CA  1 
ATOM   575  C C   . VAL A 1 75 ? 10.085  12.395  3.169   1.00 7.57  ? 75   VAL A C   1 
ATOM   576  O O   . VAL A 1 75 ? 10.781  13.193  3.807   1.00 8.77  ? 75   VAL A O   1 
ATOM   577  C CB  . VAL A 1 75 ? 10.762  12.697  0.781   1.00 7.80  ? 75   VAL A CB  1 
ATOM   578  C CG1 . VAL A 1 75 ? 11.441  11.331  0.825   1.00 9.40  ? 75   VAL A CG1 1 
ATOM   579  C CG2 . VAL A 1 75 ? 10.256  12.991  -0.621  1.00 8.26  ? 75   VAL A CG2 1 
ATOM   580  N N   . LEU A 1 76 ? 9.718   11.213  3.644   1.00 7.02  ? 76   LEU A N   1 
ATOM   581  C CA  . LEU A 1 76 ? 10.135  10.780  4.966   1.00 6.82  ? 76   LEU A CA  1 
ATOM   582  C C   . LEU A 1 76 ? 11.318  9.841   4.797   1.00 7.06  ? 76   LEU A C   1 
ATOM   583  O O   . LEU A 1 76 ? 11.373  9.065   3.845   1.00 8.48  ? 76   LEU A O   1 
ATOM   584  C CB  . LEU A 1 76 ? 8.980   10.063  5.676   1.00 6.50  ? 76   LEU A CB  1 
ATOM   585  C CG  . LEU A 1 76 ? 7.641   10.817  5.707   1.00 6.45  ? 76   LEU A CG  1 
ATOM   586  C CD1 . LEU A 1 76 ? 6.606   9.978   6.455   1.00 7.27  ? 76   LEU A CD1 1 
ATOM   587  C CD2 . LEU A 1 76 ? 7.814   12.176  6.379   1.00 7.26  ? 76   LEU A CD2 1 
ATOM   588  N N   . VAL A 1 77 ? 12.267  9.919   5.721   1.00 6.64  ? 77   VAL A N   1 
ATOM   589  C CA  . VAL A 1 77 ? 13.452  9.071   5.663   1.00 7.10  ? 77   VAL A CA  1 
ATOM   590  C C   . VAL A 1 77 ? 13.599  8.319   6.978   1.00 7.28  ? 77   VAL A C   1 
ATOM   591  O O   . VAL A 1 77 ? 13.586  8.921   8.049   1.00 9.19  ? 77   VAL A O   1 
ATOM   592  C CB  . VAL A 1 77 ? 14.722  9.909   5.421   1.00 7.45  ? 77   VAL A CB  1 
ATOM   593  C CG1 . VAL A 1 77 ? 15.948  9.003   5.411   1.00 8.66  ? 77   VAL A CG1 1 
ATOM   594  C CG2 . VAL A 1 77 ? 14.601  10.667  4.100   1.00 8.99  ? 77   VAL A CG2 1 
ATOM   595  N N   . GLY A 1 78 ? 13.741  7.001   6.895   1.00 7.62  ? 78   GLY A N   1 
ATOM   596  C CA  . GLY A 1 78 ? 13.875  6.218   8.107   1.00 8.68  ? 78   GLY A CA  1 
ATOM   597  C C   . GLY A 1 78 ? 14.074  4.735   7.866   1.00 8.49  ? 78   GLY A C   1 
ATOM   598  O O   . GLY A 1 78 ? 14.307  4.308   6.734   1.00 9.99  ? 78   GLY A O   1 
ATOM   599  N N   . PRO A 1 79 ? 13.959  3.919   8.923   1.00 9.60  ? 79   PRO A N   1 
ATOM   600  C CA  . PRO A 1 79 ? 14.133  2.466   8.852   1.00 10.43 ? 79   PRO A CA  1 
ATOM   601  C C   . PRO A 1 79 ? 13.005  1.663   8.205   1.00 10.45 ? 79   PRO A C   1 
ATOM   602  O O   . PRO A 1 79 ? 12.464  0.734   8.805   1.00 12.22 ? 79   PRO A O   1 
ATOM   603  C CB  . PRO A 1 79 ? 14.360  2.082   10.311  1.00 10.09 ? 79   PRO A CB  1 
ATOM   604  C CG  . PRO A 1 79 ? 13.476  3.051   11.042  1.00 10.14 ? 79   PRO A CG  1 
ATOM   605  C CD  . PRO A 1 79 ? 13.740  4.358   10.316  1.00 9.93  ? 79   PRO A CD  1 
ATOM   606  N N   . THR A 1 80 ? 12.649  2.017   6.977   1.00 10.51 ? 80   THR A N   1 
ATOM   607  C CA  . THR A 1 80 ? 11.613  1.279   6.271   1.00 12.02 ? 80   THR A CA  1 
ATOM   608  C C   . THR A 1 80 ? 12.298  0.137   5.525   1.00 12.81 ? 80   THR A C   1 
ATOM   609  O O   . THR A 1 80 ? 13.391  0.305   4.985   1.00 12.91 ? 80   THR A O   1 
ATOM   610  C CB  . THR A 1 80 ? 10.867  2.166   5.257   1.00 11.60 ? 80   THR A CB  1 
ATOM   611  O OG1 . THR A 1 80 ? 9.991   1.351   4.472   1.00 9.49  ? 80   THR A OG1 1 
ATOM   612  C CG2 . THR A 1 80 ? 11.851  2.879   4.341   1.00 10.55 ? 80   THR A CG2 1 
ATOM   613  N N   . PRO A 1 81 ? 11.669  -1.046  5.493   1.00 13.95 ? 81   PRO A N   1 
ATOM   614  C CA  . PRO A 1 81 ? 12.259  -2.195  4.799   1.00 15.41 ? 81   PRO A CA  1 
ATOM   615  C C   . PRO A 1 81 ? 12.378  -2.026  3.286   1.00 15.34 ? 81   PRO A C   1 
ATOM   616  O O   . PRO A 1 81 ? 13.196  -2.688  2.645   1.00 15.44 ? 81   PRO A O   1 
ATOM   617  C CB  . PRO A 1 81 ? 11.334  -3.348  5.196   1.00 16.22 ? 81   PRO A CB  1 
ATOM   618  C CG  . PRO A 1 81 ? 10.024  -2.673  5.402   1.00 15.94 ? 81   PRO A CG  1 
ATOM   619  C CD  . PRO A 1 81 ? 10.397  -1.411  6.138   1.00 16.75 ? 81   PRO A CD  1 
ATOM   620  N N   . VAL A 1 82 ? 11.567  -1.136  2.718   1.00 13.94 ? 82   VAL A N   1 
ATOM   621  C CA  . VAL A 1 82 ? 11.595  -0.884  1.279   1.00 13.91 ? 82   VAL A CA  1 
ATOM   622  C C   . VAL A 1 82 ? 11.218  0.568   0.993   1.00 11.65 ? 82   VAL A C   1 
ATOM   623  O O   . VAL A 1 82 ? 10.536  1.202   1.793   1.00 11.00 ? 82   VAL A O   1 
ATOM   624  C CB  . VAL A 1 82 ? 10.592  -1.794  0.535   1.00 17.43 ? 82   VAL A CB  1 
ATOM   625  C CG1 . VAL A 1 82 ? 9.186   -1.384  0.877   1.00 18.55 ? 82   VAL A CG1 1 
ATOM   626  C CG2 . VAL A 1 82 ? 10.807  -1.704  -0.968  1.00 21.26 ? 82   VAL A CG2 1 
ATOM   627  N N   . ASN A 1 83 ? 11.673  1.095   -0.141  1.00 10.21 ? 83   ASN A N   1 
ATOM   628  C CA  . ASN A 1 83 ? 11.336  2.463   -0.519  1.00 10.18 ? 83   ASN A CA  1 
ATOM   629  C C   . ASN A 1 83 ? 9.876   2.461   -0.950  1.00 8.99  ? 83   ASN A C   1 
ATOM   630  O O   . ASN A 1 83 ? 9.477   1.656   -1.790  1.00 10.08 ? 83   ASN A O   1 
ATOM   631  C CB  . ASN A 1 83 ? 12.213  2.948   -1.672  1.00 10.95 ? 83   ASN A CB  1 
ATOM   632  C CG  . ASN A 1 83 ? 13.666  3.088   -1.275  1.00 13.39 ? 83   ASN A CG  1 
ATOM   633  O OD1 . ASN A 1 83 ? 13.977  3.543   -0.173  1.00 14.17 ? 83   ASN A OD1 1 
ATOM   634  N ND2 . ASN A 1 83 ? 14.569  2.709   -2.177  1.00 11.77 ? 83   ASN A ND2 1 
ATOM   635  N N   . ILE A 1 84 ? 9.090   3.366   -0.378  1.00 7.69  ? 84   ILE A N   1 
ATOM   636  C CA  . ILE A 1 84 ? 7.663   3.453   -0.671  1.00 8.29  ? 84   ILE A CA  1 
ATOM   637  C C   . ILE A 1 84 ? 7.227   4.816   -1.202  1.00 6.25  ? 84   ILE A C   1 
ATOM   638  O O   . ILE A 1 84 ? 7.507   5.844   -0.587  1.00 6.15  ? 84   ILE A O   1 
ATOM   639  C CB  . ILE A 1 84 ? 6.836   3.161   0.612   1.00 6.53  ? 84   ILE A CB  1 
ATOM   640  C CG1 . ILE A 1 84 ? 7.105   1.733   1.093   1.00 7.63  ? 84   ILE A CG1 1 
ATOM   641  C CG2 . ILE A 1 84 ? 5.349   3.400   0.357   1.00 7.30  ? 84   ILE A CG2 1 
ATOM   642  C CD1 . ILE A 1 84 ? 6.631   1.471   2.514   1.00 10.01 ? 84   ILE A CD1 1 
ATOM   643  N N   . ILE A 1 85 ? 6.549   4.817   -2.349  1.00 4.66  ? 85   ILE A N   1 
ATOM   644  C CA  . ILE A 1 85 ? 6.019   6.048   -2.924  1.00 6.65  ? 85   ILE A CA  1 
ATOM   645  C C   . ILE A 1 85 ? 4.544   6.081   -2.530  1.00 6.31  ? 85   ILE A C   1 
ATOM   646  O O   . ILE A 1 85 ? 3.746   5.268   -3.013  1.00 6.49  ? 85   ILE A O   1 
ATOM   647  C CB  . ILE A 1 85 ? 6.110   6.070   -4.461  1.00 7.36  ? 85   ILE A CB  1 
ATOM   648  C CG1 . ILE A 1 85 ? 7.570   5.950   -4.902  1.00 8.75  ? 85   ILE A CG1 1 
ATOM   649  C CG2 . ILE A 1 85 ? 5.477   7.352   -5.001  1.00 9.24  ? 85   ILE A CG2 1 
ATOM   650  C CD1 . ILE A 1 85 ? 8.510   6.974   -4.268  1.00 8.73  ? 85   ILE A CD1 1 
ATOM   651  N N   . GLY A 1 86 ? 4.194   7.017   -1.652  1.00 5.25  ? 86   GLY A N   1 
ATOM   652  C CA  . GLY A 1 86 ? 2.826   7.130   -1.179  1.00 5.31  ? 86   GLY A CA  1 
ATOM   653  C C   . GLY A 1 86 ? 1.937   8.047   -1.991  1.00 5.22  ? 86   GLY A C   1 
ATOM   654  O O   . GLY A 1 86 ? 2.376   8.665   -2.963  1.00 5.84  ? 86   GLY A O   1 
ATOM   655  N N   . ARG A 1 87 ? 0.683   8.152   -1.565  1.00 6.36  ? 87   ARG A N   1 
ATOM   656  C CA  . ARG A 1 87 ? -0.307  8.971   -2.252  1.00 6.53  ? 87   ARG A CA  1 
ATOM   657  C C   . ARG A 1 87 ? 0.062   10.438  -2.402  1.00 7.01  ? 87   ARG A C   1 
ATOM   658  O O   . ARG A 1 87 ? -0.345  11.071  -3.373  1.00 7.62  ? 87   ARG A O   1 
ATOM   659  C CB  . ARG A 1 87 ? -1.668  8.868   -1.544  1.00 8.14  ? 87   ARG A CB  1 
ATOM   660  C CG  . ARG A 1 87 ? -2.290  7.476   -1.587  1.00 6.03  ? 87   ARG A CG  1 
ATOM   661  C CD  . ARG A 1 87 ? -3.713  7.447   -1.015  1.00 7.16  ? 87   ARG A CD  1 
ATOM   662  N NE  . ARG A 1 87 ? -3.766  7.829   0.396   1.00 6.90  ? 87   ARG A NE  1 
ATOM   663  C CZ  . ARG A 1 87 ? -4.076  9.045   0.841   1.00 10.35 ? 87   ARG A CZ  1 
ATOM   664  N NH1 . ARG A 1 87 ? -4.370  10.018  -0.013  1.00 7.91  ? 87   ARG A NH1 1 
ATOM   665  N NH2 . ARG A 1 87 ? -4.087  9.291   2.146   1.00 9.16  ? 87   ARG A NH2 1 
ATOM   666  N N   . ASN A 1 88 ? 0.818   10.991  -1.455  1.00 6.59  ? 88   ASN A N   1 
ATOM   667  C CA  . ASN A 1 88 ? 1.178   12.405  -1.547  1.00 6.19  ? 88   ASN A CA  1 
ATOM   668  C C   . ASN A 1 88 ? 1.938   12.716  -2.836  1.00 7.59  ? 88   ASN A C   1 
ATOM   669  O O   . ASN A 1 88 ? 1.892   13.841  -3.325  1.00 7.11  ? 88   ASN A O   1 
ATOM   670  C CB  . ASN A 1 88 ? 2.006   12.838  -0.335  1.00 7.80  ? 88   ASN A CB  1 
ATOM   671  C CG  . ASN A 1 88 ? 3.407   12.286  -0.362  1.00 5.78  ? 88   ASN A CG  1 
ATOM   672  O OD1 . ASN A 1 88 ? 3.605   11.079  -0.476  1.00 8.13  ? 88   ASN A OD1 1 
ATOM   673  N ND2 . ASN A 1 88 ? 4.397   13.171  -0.255  1.00 7.07  ? 88   ASN A ND2 1 
ATOM   674  N N   . LEU A 1 89 ? 2.633   11.723  -3.387  1.00 6.14  ? 89   LEU A N   1 
ATOM   675  C CA  . LEU A 1 89 ? 3.366   11.921  -4.633  1.00 6.41  ? 89   LEU A CA  1 
ATOM   676  C C   . LEU A 1 89 ? 2.671   11.225  -5.806  1.00 8.21  ? 89   LEU A C   1 
ATOM   677  O O   . LEU A 1 89 ? 2.786   11.663  -6.952  1.00 8.77  ? 89   LEU A O   1 
ATOM   678  C CB  . LEU A 1 89 ? 4.810   11.421  -4.498  1.00 8.82  ? 89   LEU A CB  1 
ATOM   679  C CG  . LEU A 1 89 ? 5.674   12.243  -3.539  1.00 11.01 ? 89   LEU A CG  1 
ATOM   680  C CD1 . LEU A 1 89 ? 7.094   11.680  -3.505  1.00 12.83 ? 89   LEU A CD1 1 
ATOM   681  C CD2 . LEU A 1 89 ? 5.693   13.692  -3.993  1.00 12.10 ? 89   LEU A CD2 1 
ATOM   682  N N   . LEU A 1 90 ? 1.943   10.145  -5.527  1.00 7.52  ? 90   LEU A N   1 
ATOM   683  C CA  . LEU A 1 90 ? 1.236   9.445   -6.597  1.00 7.11  ? 90   LEU A CA  1 
ATOM   684  C C   . LEU A 1 90 ? 0.207   10.371  -7.257  1.00 5.94  ? 90   LEU A C   1 
ATOM   685  O O   . LEU A 1 90 ? -0.026  10.294  -8.464  1.00 7.82  ? 90   LEU A O   1 
ATOM   686  C CB  . LEU A 1 90 ? 0.547   8.185   -6.053  1.00 7.64  ? 90   LEU A CB  1 
ATOM   687  C CG  . LEU A 1 90 ? 1.501   7.083   -5.571  1.00 7.31  ? 90   LEU A CG  1 
ATOM   688  C CD1 . LEU A 1 90 ? 0.703   5.950   -4.938  1.00 8.72  ? 90   LEU A CD1 1 
ATOM   689  C CD2 . LEU A 1 90 ? 2.324   6.565   -6.747  1.00 9.92  ? 90   LEU A CD2 1 
ATOM   690  N N   . THR A 1 91 ? -0.405  11.251  -6.473  1.00 6.84  ? 91   THR A N   1 
ATOM   691  C CA  . THR A 1 91 ? -1.391  12.178  -7.022  1.00 8.07  ? 91   THR A CA  1 
ATOM   692  C C   . THR A 1 91 ? -0.743  13.133  -8.018  1.00 7.75  ? 91   THR A C   1 
ATOM   693  O O   . THR A 1 91 ? -1.326  13.445  -9.055  1.00 8.51  ? 91   THR A O   1 
ATOM   694  C CB  . THR A 1 91 ? -2.047  13.053  -5.922  1.00 8.55  ? 91   THR A CB  1 
ATOM   695  O OG1 . THR A 1 91 ? -1.025  13.763  -5.216  1.00 7.98  ? 91   THR A OG1 1 
ATOM   696  C CG2 . THR A 1 91 ? -2.850  12.199  -4.945  1.00 7.45  ? 91   THR A CG2 1 
ATOM   697  N N   . GLN A 1 92 ? 0.471   13.580  -7.705  1.00 7.42  ? 92   GLN A N   1 
ATOM   698  C CA  . GLN A 1 92 ? 1.167   14.539  -8.556  1.00 7.43  ? 92   GLN A CA  1 
ATOM   699  C C   . GLN A 1 92 ? 1.527   14.020  -9.938  1.00 8.37  ? 92   GLN A C   1 
ATOM   700  O O   . GLN A 1 92 ? 1.599   14.795  -10.886 1.00 8.54  ? 92   GLN A O   1 
ATOM   701  C CB  . GLN A 1 92 ? 2.422   15.059  -7.843  1.00 6.11  ? 92   GLN A CB  1 
ATOM   702  C CG  . GLN A 1 92 ? 2.118   15.658  -6.470  1.00 6.94  ? 92   GLN A CG  1 
ATOM   703  C CD  . GLN A 1 92 ? 1.231   16.889  -6.551  1.00 7.87  ? 92   GLN A CD  1 
ATOM   704  O OE1 . GLN A 1 92 ? 1.679   17.966  -6.948  1.00 7.79  ? 92   GLN A OE1 1 
ATOM   705  N NE2 . GLN A 1 92 ? -0.038  16.732  -6.184  1.00 7.93  ? 92   GLN A NE2 1 
ATOM   706  N N   . ILE A 1 93 ? 1.758   12.717  -10.062 1.00 9.34  ? 93   ILE A N   1 
ATOM   707  C CA  . ILE A 1 93 ? 2.090   12.163  -11.365 1.00 10.49 ? 93   ILE A CA  1 
ATOM   708  C C   . ILE A 1 93 ? 0.825   11.675  -12.067 1.00 11.38 ? 93   ILE A C   1 
ATOM   709  O O   . ILE A 1 93 ? 0.884   11.068  -13.141 1.00 11.36 ? 93   ILE A O   1 
ATOM   710  C CB  . ILE A 1 93 ? 3.130   11.018  -11.249 1.00 12.08 ? 93   ILE A CB  1 
ATOM   711  C CG1 . ILE A 1 93 ? 2.553   9.831   -10.481 1.00 12.93 ? 93   ILE A CG1 1 
ATOM   712  C CG2 . ILE A 1 93 ? 4.382   11.534  -10.548 1.00 12.46 ? 93   ILE A CG2 1 
ATOM   713  C CD1 . ILE A 1 93 ? 3.539   8.678   -10.337 1.00 13.69 ? 93   ILE A CD1 1 
ATOM   714  N N   . GLY A 1 94 ? -0.317  11.963  -11.447 1.00 11.11 ? 94   GLY A N   1 
ATOM   715  C CA  . GLY A 1 94 ? -1.608  11.594  -12.004 1.00 11.25 ? 94   GLY A CA  1 
ATOM   716  C C   . GLY A 1 94 ? -1.915  10.112  -11.987 1.00 11.56 ? 94   GLY A C   1 
ATOM   717  O O   . GLY A 1 94 ? -2.594  9.601   -12.881 1.00 13.10 ? 94   GLY A O   1 
ATOM   718  N N   . CYS A 1 95 ? -1.428  9.424   -10.960 1.00 9.91  ? 95   CYS A N   1 
ATOM   719  C CA  . CYS A 1 95 ? -1.641  7.987   -10.835 1.00 10.24 ? 95   CYS A CA  1 
ATOM   720  C C   . CYS A 1 95 ? -3.027  7.632   -10.302 1.00 9.35  ? 95   CYS A C   1 
ATOM   721  O O   . CYS A 1 95 ? -3.491  8.206   -9.312  1.00 9.98  ? 95   CYS A O   1 
ATOM   722  C CB  . CYS A 1 95 ? -0.568  7.393   -9.923  1.00 11.35 ? 95   CYS A CB  1 
ATOM   723  S SG  . CYS A 1 95 ? -0.586  5.597   -9.838  1.00 13.55 ? 95   CYS A SG  1 
ATOM   724  N N   . THR A 1 96 ? -3.689  6.685   -10.965 1.00 8.84  ? 96   THR A N   1 
ATOM   725  C CA  . THR A 1 96 ? -5.013  6.242   -10.539 1.00 8.57  ? 96   THR A CA  1 
ATOM   726  C C   . THR A 1 96 ? -5.139  4.723   -10.563 1.00 9.20  ? 96   THR A C   1 
ATOM   727  O O   . THR A 1 96 ? -4.364  4.029   -11.231 1.00 9.70  ? 96   THR A O   1 
ATOM   728  C CB  . THR A 1 96 ? -6.138  6.802   -11.442 1.00 10.56 ? 96   THR A CB  1 
ATOM   729  O OG1 . THR A 1 96 ? -5.968  6.315   -12.778 1.00 11.57 ? 96   THR A OG1 1 
ATOM   730  C CG2 . THR A 1 96 ? -6.123  8.316   -11.439 1.00 12.90 ? 96   THR A CG2 1 
ATOM   731  N N   . LEU A 1 97 ? -6.121  4.225   -9.814  1.00 8.60  ? 97   LEU A N   1 
ATOM   732  C CA  . LEU A 1 97 ? -6.430  2.801   -9.752  1.00 10.20 ? 97   LEU A CA  1 
ATOM   733  C C   . LEU A 1 97 ? -7.579  2.593   -10.724 1.00 11.01 ? 97   LEU A C   1 
ATOM   734  O O   . LEU A 1 97 ? -8.538  3.365   -10.721 1.00 11.58 ? 97   LEU A O   1 
ATOM   735  C CB  . LEU A 1 97 ? -6.886  2.409   -8.345  1.00 10.93 ? 97   LEU A CB  1 
ATOM   736  C CG  . LEU A 1 97 ? -5.785  2.269   -7.300  1.00 12.09 ? 97   LEU A CG  1 
ATOM   737  C CD1 . LEU A 1 97 ? -6.396  2.212   -5.901  1.00 14.93 ? 97   LEU A CD1 1 
ATOM   738  C CD2 . LEU A 1 97 ? -4.978  1.013   -7.598  1.00 14.60 ? 97   LEU A CD2 1 
ATOM   739  N N   . ASN A 1 98 ? -7.486  1.562   -11.554 1.00 10.75 ? 98   ASN A N   1 
ATOM   740  C CA  . ASN A 1 98 ? -8.538  1.307   -12.527 1.00 11.86 ? 98   ASN A CA  1 
ATOM   741  C C   . ASN A 1 98 ? -8.918  -0.155  -12.648 1.00 12.21 ? 98   ASN A C   1 
ATOM   742  O O   . ASN A 1 98 ? -8.056  -1.028  -12.712 1.00 12.35 ? 98   ASN A O   1 
ATOM   743  C CB  . ASN A 1 98 ? -8.114  1.818   -13.904 1.00 11.68 ? 98   ASN A CB  1 
ATOM   744  C CG  . ASN A 1 98 ? -7.804  3.294   -13.902 1.00 11.66 ? 98   ASN A CG  1 
ATOM   745  O OD1 . ASN A 1 98 ? -6.722  3.716   -13.492 1.00 13.47 ? 98   ASN A OD1 1 
ATOM   746  N ND2 . ASN A 1 98 ? -8.764  4.094   -14.343 1.00 13.54 ? 98   ASN A ND2 1 
ATOM   747  N N   . PHE A 1 99 ? -10.221 -0.408  -12.692 1.00 14.78 ? 99   PHE A N   1 
ATOM   748  C CA  . PHE A 1 99 ? -10.750 -1.758  -12.840 1.00 15.80 ? 99   PHE A CA  1 
ATOM   749  C C   . PHE A 1 99 ? -12.218 -1.679  -13.237 1.00 17.93 ? 99   PHE A C   1 
ATOM   750  O O   . PHE A 1 99 ? -12.672 -0.554  -13.538 1.00 19.11 ? 99   PHE A O   1 
ATOM   751  C CB  . PHE A 1 99 ? -10.572 -2.564  -11.543 1.00 15.31 ? 99   PHE A CB  1 
ATOM   752  C CG  . PHE A 1 99 ? -11.349 -2.032  -10.370 1.00 17.34 ? 99   PHE A CG  1 
ATOM   753  C CD1 . PHE A 1 99 ? -12.634 -2.490  -10.105 1.00 17.92 ? 99   PHE A CD1 1 
ATOM   754  C CD2 . PHE A 1 99 ? -10.781 -1.091  -9.516  1.00 18.20 ? 99   PHE A CD2 1 
ATOM   755  C CE1 . PHE A 1 99 ? -13.344 -2.020  -9.001  1.00 20.44 ? 99   PHE A CE1 1 
ATOM   756  C CE2 . PHE A 1 99 ? -11.483 -0.613  -8.410  1.00 18.42 ? 99   PHE A CE2 1 
ATOM   757  C CZ  . PHE A 1 99 ? -12.767 -1.080  -8.152  1.00 21.18 ? 99   PHE A CZ  1 
ATOM   758  O OXT . PHE A 1 99 ? -12.886 -2.732  -13.263 1.00 19.00 ? 99   PHE A OXT 1 
ATOM   759  N N   . PRO B 1 1  ? -14.172 1.188   -12.206 1.00 21.25 ? 101  PRO B N   1 
ATOM   760  C CA  . PRO B 1 1  ? -14.120 2.654   -12.035 1.00 20.35 ? 101  PRO B CA  1 
ATOM   761  C C   . PRO B 1 1  ? -12.676 3.142   -12.012 1.00 18.97 ? 101  PRO B C   1 
ATOM   762  O O   . PRO B 1 1  ? -11.744 2.342   -12.049 1.00 17.59 ? 101  PRO B O   1 
ATOM   763  C CB  . PRO B 1 1  ? -14.792 2.954   -10.709 1.00 21.90 ? 101  PRO B CB  1 
ATOM   764  C CG  . PRO B 1 1  ? -14.451 1.701   -9.926  1.00 22.83 ? 101  PRO B CG  1 
ATOM   765  C CD  . PRO B 1 1  ? -14.615 0.557   -10.948 1.00 23.42 ? 101  PRO B CD  1 
ATOM   766  N N   . GLN B 1 2  ? -12.503 4.459   -11.967 1.00 18.12 ? 102  GLN B N   1 
ATOM   767  C CA  . GLN B 1 2  ? -11.177 5.062   -11.896 1.00 16.95 ? 102  GLN B CA  1 
ATOM   768  C C   . GLN B 1 2  ? -11.123 5.792   -10.566 1.00 16.49 ? 102  GLN B C   1 
ATOM   769  O O   . GLN B 1 2  ? -11.927 6.689   -10.300 1.00 17.36 ? 102  GLN B O   1 
ATOM   770  C CB  . GLN B 1 2  ? -10.946 6.048   -13.040 1.00 19.28 ? 102  GLN B CB  1 
ATOM   771  C CG  . GLN B 1 2  ? -9.660  6.852   -12.891 1.00 21.05 ? 102  GLN B CG  1 
ATOM   772  C CD  . GLN B 1 2  ? -9.273  7.578   -14.160 1.00 23.26 ? 102  GLN B CD  1 
ATOM   773  O OE1 . GLN B 1 2  ? -8.825  6.963   -15.126 1.00 25.01 ? 102  GLN B OE1 1 
ATOM   774  N NE2 . GLN B 1 2  ? -9.453  8.893   -14.168 1.00 26.49 ? 102  GLN B NE2 1 
ATOM   775  N N   . ILE B 1 3  ? -10.179 5.396   -9.723  1.00 14.08 ? 103  ILE B N   1 
ATOM   776  C CA  . ILE B 1 3  ? -10.054 5.994   -8.405  1.00 12.87 ? 103  ILE B CA  1 
ATOM   777  C C   . ILE B 1 3  ? -8.796  6.838   -8.265  1.00 11.19 ? 103  ILE B C   1 
ATOM   778  O O   . ILE B 1 3  ? -7.688  6.347   -8.474  1.00 10.57 ? 103  ILE B O   1 
ATOM   779  C CB  . ILE B 1 3  ? -10.047 4.895   -7.322  1.00 12.73 ? 103  ILE B CB  1 
ATOM   780  C CG1 . ILE B 1 3  ? -11.352 4.098   -7.396  1.00 13.81 ? 103  ILE B CG1 1 
ATOM   781  C CG2 . ILE B 1 3  ? -9.877  5.515   -5.942  1.00 14.25 ? 103  ILE B CG2 1 
ATOM   782  C CD1 . ILE B 1 3  ? -11.344 2.823   -6.570  1.00 13.44 ? 103  ILE B CD1 1 
ATOM   783  N N   . THR B 1 4  ? -8.978  8.113   -7.926  1.00 11.27 ? 104  THR B N   1 
ATOM   784  C CA  . THR B 1 4  ? -7.847  9.006   -7.729  1.00 10.72 ? 104  THR B CA  1 
ATOM   785  C C   . THR B 1 4  ? -7.322  8.768   -6.321  1.00 10.01 ? 104  THR B C   1 
ATOM   786  O O   . THR B 1 4  ? -7.966  8.090   -5.522  1.00 10.90 ? 104  THR B O   1 
ATOM   787  C CB  . THR B 1 4  ? -8.241  10.481  -7.919  1.00 10.34 ? 104  THR B CB  1 
ATOM   788  O OG1 . THR B 1 4  ? -9.338  10.812  -7.062  1.00 11.80 ? 104  THR B OG1 1 
ATOM   789  C CG2 . THR B 1 4  ? -8.640  10.723  -9.364  1.00 13.78 ? 104  THR B CG2 1 
ATOM   790  N N   . LEU B 1 5  ? -6.162  9.334   -6.009  1.00 9.04  ? 105  LEU B N   1 
ATOM   791  C CA  . LEU B 1 5  ? -5.549  9.088   -4.711  1.00 8.79  ? 105  LEU B CA  1 
ATOM   792  C C   . LEU B 1 5  ? -5.408  10.284  -3.773  1.00 8.95  ? 105  LEU B C   1 
ATOM   793  O O   . LEU B 1 5  ? -4.560  10.280  -2.880  1.00 8.88  ? 105  LEU B O   1 
ATOM   794  C CB  . LEU B 1 5  ? -4.183  8.440   -4.946  1.00 8.76  ? 105  LEU B CB  1 
ATOM   795  C CG  . LEU B 1 5  ? -4.267  7.124   -5.730  1.00 9.90  ? 105  LEU B CG  1 
ATOM   796  C CD1 . LEU B 1 5  ? -2.880  6.702   -6.216  1.00 8.40  ? 105  LEU B CD1 1 
ATOM   797  C CD2 . LEU B 1 5  ? -4.887  6.044   -4.845  1.00 11.47 ? 105  LEU B CD2 1 
ATOM   798  N N   . TRP B 1 6  ? -6.240  11.300  -3.958  1.00 7.17  ? 106  TRP B N   1 
ATOM   799  C CA  . TRP B 1 6  ? -6.178  12.471  -3.100  1.00 8.37  ? 106  TRP B CA  1 
ATOM   800  C C   . TRP B 1 6  ? -6.624  12.118  -1.683  1.00 9.74  ? 106  TRP B C   1 
ATOM   801  O O   . TRP B 1 6  ? -6.261  12.793  -0.721  1.00 10.73 ? 106  TRP B O   1 
ATOM   802  C CB  . TRP B 1 6  ? -7.035  13.590  -3.686  1.00 9.76  ? 106  TRP B CB  1 
ATOM   803  C CG  . TRP B 1 6  ? -6.611  13.934  -5.076  1.00 7.96  ? 106  TRP B CG  1 
ATOM   804  C CD1 . TRP B 1 6  ? -7.139  13.454  -6.242  1.00 7.83  ? 106  TRP B CD1 1 
ATOM   805  C CD2 . TRP B 1 6  ? -5.511  14.774  -5.451  1.00 9.54  ? 106  TRP B CD2 1 
ATOM   806  N NE1 . TRP B 1 6  ? -6.435  13.939  -7.319  1.00 8.89  ? 106  TRP B NE1 1 
ATOM   807  C CE2 . TRP B 1 6  ? -5.430  14.752  -6.861  1.00 9.23  ? 106  TRP B CE2 1 
ATOM   808  C CE3 . TRP B 1 6  ? -4.586  15.541  -4.730  1.00 8.77  ? 106  TRP B CE3 1 
ATOM   809  C CZ2 . TRP B 1 6  ? -4.457  15.467  -7.567  1.00 10.05 ? 106  TRP B CZ2 1 
ATOM   810  C CZ3 . TRP B 1 6  ? -3.618  16.255  -5.433  1.00 9.45  ? 106  TRP B CZ3 1 
ATOM   811  C CH2 . TRP B 1 6  ? -3.562  16.212  -6.837  1.00 10.05 ? 106  TRP B CH2 1 
ATOM   812  N N   . GLN B 1 7  ? -7.413  11.052  -1.569  1.00 9.63  ? 107  GLN B N   1 
ATOM   813  C CA  . GLN B 1 7  ? -7.879  10.567  -0.277  1.00 11.31 ? 107  GLN B CA  1 
ATOM   814  C C   . GLN B 1 7  ? -7.565  9.074   -0.296  1.00 9.70  ? 107  GLN B C   1 
ATOM   815  O O   . GLN B 1 7  ? -7.241  8.528   -1.349  1.00 9.71  ? 107  GLN B O   1 
ATOM   816  C CB  . GLN B 1 7  ? -9.392  10.760  -0.137  1.00 14.26 ? 107  GLN B CB  1 
ATOM   817  C CG  . GLN B 1 7  ? -9.932  12.011  -0.806  1.00 21.26 ? 107  GLN B CG  1 
ATOM   818  C CD  . GLN B 1 7  ? -11.448 12.085  -0.749  1.00 25.08 ? 107  GLN B CD  1 
ATOM   819  O OE1 . GLN B 1 7  ? -12.139 11.095  -0.997  1.00 27.79 ? 107  GLN B OE1 1 
ATOM   820  N NE2 . GLN B 1 7  ? -11.971 13.265  -0.436  1.00 29.48 ? 107  GLN B NE2 1 
ATOM   821  N N   . ARG B 1 8  ? -7.654  8.412   0.853   1.00 9.55  ? 108  ARG B N   1 
ATOM   822  C CA  . ARG B 1 8  ? -7.388  6.975   0.906   1.00 8.32  ? 108  ARG B CA  1 
ATOM   823  C C   . ARG B 1 8  ? -8.399  6.241   0.027   1.00 8.19  ? 108  ARG B C   1 
ATOM   824  O O   . ARG B 1 8  ? -9.595  6.529   0.074   1.00 7.72  ? 108  ARG B O   1 
ATOM   825  C CB  . ARG B 1 8  ? -7.497  6.459   2.340   1.00 10.27 ? 108  ARG B CB  1 
ATOM   826  C CG  . ARG B 1 8  ? -6.362  6.893   3.239   1.00 11.95 ? 108  ARG B CG  1 
ATOM   827  C CD  . ARG B 1 8  ? -6.581  6.430   4.672   1.00 15.39 ? 108  ARG B CD  1 
ATOM   828  N NE  . ARG B 1 8  ? -5.550  6.958   5.559   1.00 19.72 ? 108  ARG B NE  1 
ATOM   829  C CZ  . ARG B 1 8  ? -5.606  6.914   6.887   1.00 22.68 ? 108  ARG B CZ  1 
ATOM   830  N NH1 . ARG B 1 8  ? -6.650  6.361   7.492   1.00 22.95 ? 108  ARG B NH1 1 
ATOM   831  N NH2 . ARG B 1 8  ? -4.624  7.433   7.611   1.00 21.78 ? 108  ARG B NH2 1 
ATOM   832  N N   . PRO B 1 9  ? -7.927  5.289   -0.792  1.00 6.61  ? 109  PRO B N   1 
ATOM   833  C CA  . PRO B 1 9  ? -8.826  4.536   -1.668  1.00 7.16  ? 109  PRO B CA  1 
ATOM   834  C C   . PRO B 1 9  ? -9.595  3.480   -0.883  1.00 8.86  ? 109  PRO B C   1 
ATOM   835  O O   . PRO B 1 9  ? -9.337  2.279   -1.004  1.00 7.78  ? 109  PRO B O   1 
ATOM   836  C CB  . PRO B 1 9  ? -7.876  3.935   -2.700  1.00 8.62  ? 109  PRO B CB  1 
ATOM   837  C CG  . PRO B 1 9  ? -6.641  3.678   -1.890  1.00 8.88  ? 109  PRO B CG  1 
ATOM   838  C CD  . PRO B 1 9  ? -6.518  4.950   -1.062  1.00 6.09  ? 109  PRO B CD  1 
ATOM   839  N N   . LEU B 1 10 ? -10.529 3.952   -0.063  1.00 8.44  ? 110  LEU B N   1 
ATOM   840  C CA  . LEU B 1 10 ? -11.358 3.080   0.751   1.00 10.87 ? 110  LEU B CA  1 
ATOM   841  C C   . LEU B 1 10 ? -12.598 2.709   -0.043  1.00 11.18 ? 110  LEU B C   1 
ATOM   842  O O   . LEU B 1 10 ? -13.228 3.567   -0.667  1.00 13.41 ? 110  LEU B O   1 
ATOM   843  C CB  . LEU B 1 10 ? -11.759 3.791   2.046   1.00 11.28 ? 110  LEU B CB  1 
ATOM   844  C CG  . LEU B 1 10 ? -10.631 4.147   3.015   1.00 13.97 ? 110  LEU B CG  1 
ATOM   845  C CD1 . LEU B 1 10 ? -11.181 4.987   4.148   1.00 14.54 ? 110  LEU B CD1 1 
ATOM   846  C CD2 . LEU B 1 10 ? -9.996  2.878   3.553   1.00 13.82 ? 110  LEU B CD2 1 
ATOM   847  N N   . VAL B 1 11 ? -12.939 1.426   -0.033  1.00 10.36 ? 111  VAL B N   1 
ATOM   848  C CA  . VAL B 1 11 ? -14.108 0.954   -0.754  1.00 9.77  ? 111  VAL B CA  1 
ATOM   849  C C   . VAL B 1 11 ? -14.883 -0.017  0.117   1.00 9.07  ? 111  VAL B C   1 
ATOM   850  O O   . VAL B 1 11 ? -14.391 -0.469  1.148   1.00 9.42  ? 111  VAL B O   1 
ATOM   851  C CB  . VAL B 1 11 ? -13.715 0.238   -2.064  1.00 11.54 ? 111  VAL B CB  1 
ATOM   852  C CG1 . VAL B 1 11 ? -12.967 1.202   -2.977  1.00 12.07 ? 111  VAL B CG1 1 
ATOM   853  C CG2 . VAL B 1 11 ? -12.863 -0.991  -1.757  1.00 11.90 ? 111  VAL B CG2 1 
ATOM   854  N N   . THR B 1 12 ? -16.103 -0.331  -0.294  1.00 9.44  ? 112  THR B N   1 
ATOM   855  C CA  . THR B 1 12 ? -16.914 -1.264  0.461   1.00 8.61  ? 112  THR B CA  1 
ATOM   856  C C   . THR B 1 12 ? -16.691 -2.667  -0.079  1.00 8.43  ? 112  THR B C   1 
ATOM   857  O O   . THR B 1 12 ? -16.658 -2.881  -1.295  1.00 9.33  ? 112  THR B O   1 
ATOM   858  C CB  . THR B 1 12 ? -18.413 -0.921  0.347   1.00 9.42  ? 112  THR B CB  1 
ATOM   859  O OG1 . THR B 1 12 ? -18.630 0.406   0.839   1.00 13.13 ? 112  THR B OG1 1 
ATOM   860  C CG2 . THR B 1 12 ? -19.250 -1.901  1.153   1.00 10.86 ? 112  THR B CG2 1 
ATOM   861  N N   . ILE B 1 13 ? -16.515 -3.615  0.833   1.00 7.52  ? 113  ILE B N   1 
ATOM   862  C CA  . ILE B 1 13 ? -16.330 -5.008  0.456   1.00 8.15  ? 113  ILE B CA  1 
ATOM   863  C C   . ILE B 1 13 ? -17.422 -5.798  1.160   1.00 8.75  ? 113  ILE B C   1 
ATOM   864  O O   . ILE B 1 13 ? -18.030 -5.314  2.116   1.00 8.84  ? 113  ILE B O   1 
ATOM   865  C CB  . ILE B 1 13 ? -14.956 -5.556  0.907   1.00 7.12  ? 113  ILE B CB  1 
ATOM   866  C CG1 . ILE B 1 13 ? -14.859 -5.554  2.438   1.00 8.69  ? 113  ILE B CG1 1 
ATOM   867  C CG2 . ILE B 1 13 ? -13.843 -4.722  0.283   1.00 8.75  ? 113  ILE B CG2 1 
ATOM   868  C CD1 . ILE B 1 13 ? -13.669 -6.337  2.986   1.00 10.27 ? 113  ILE B CD1 1 
ATOM   869  N N   . LYS B 1 14 ? -17.680 -7.006  0.677   1.00 8.29  ? 114  LYS B N   1 
ATOM   870  C CA  . LYS B 1 14 ? -18.691 -7.856  1.290   1.00 8.48  ? 114  LYS B CA  1 
ATOM   871  C C   . LYS B 1 14 ? -18.072 -9.222  1.538   1.00 6.47  ? 114  LYS B C   1 
ATOM   872  O O   . LYS B 1 14 ? -17.568 -9.867  0.620   1.00 7.43  ? 114  LYS B O   1 
ATOM   873  C CB  . LYS B 1 14 ? -19.901 -7.986  0.367   1.00 8.44  ? 114  LYS B CB  1 
ATOM   874  C CG  . LYS B 1 14 ? -21.052 -8.787  0.940   1.00 12.64 ? 114  LYS B CG  1 
ATOM   875  C CD  . LYS B 1 14 ? -22.123 -8.925  -0.135  1.00 14.72 ? 114  LYS B CD  1 
ATOM   876  C CE  . LYS B 1 14 ? -23.329 -9.674  0.342   1.00 20.79 ? 114  LYS B CE  1 
ATOM   877  N NZ  . LYS B 1 14 ? -24.284 -9.824  -0.792  1.00 19.58 ? 114  LYS B NZ  1 
ATOM   878  N N   . ILE B 1 15 ? -18.088 -9.649  2.791   1.00 7.13  ? 115  ILE B N   1 
ATOM   879  C CA  . ILE B 1 15 ? -17.517 -10.940 3.146   1.00 7.66  ? 115  ILE B CA  1 
ATOM   880  C C   . ILE B 1 15 ? -18.367 -11.535 4.262   1.00 8.96  ? 115  ILE B C   1 
ATOM   881  O O   . ILE B 1 15 ? -18.715 -10.851 5.224   1.00 7.96  ? 115  ILE B O   1 
ATOM   882  C CB  . ILE B 1 15 ? -16.024 -10.777 3.575   1.00 8.94  ? 115  ILE B CB  1 
ATOM   883  C CG1 . ILE B 1 15 ? -15.398 -12.144 3.853   1.00 5.44  ? 115  ILE B CG1 1 
ATOM   884  C CG2 . ILE B 1 15 ? -15.910 -9.868  4.793   1.00 8.90  ? 115  ILE B CG2 1 
ATOM   885  C CD1 . ILE B 1 15 ? -13.881 -12.089 3.976   1.00 7.24  ? 115  ILE B CD1 1 
ATOM   886  N N   . GLY B 1 16 ? -18.726 -12.805 4.111   1.00 8.75  ? 116  GLY B N   1 
ATOM   887  C CA  . GLY B 1 16 ? -19.561 -13.449 5.107   1.00 9.92  ? 116  GLY B CA  1 
ATOM   888  C C   . GLY B 1 16 ? -20.883 -12.718 5.270   1.00 10.37 ? 116  GLY B C   1 
ATOM   889  O O   . GLY B 1 16 ? -21.409 -12.610 6.377   1.00 11.67 ? 116  GLY B O   1 
ATOM   890  N N   . GLY B 1 17 ? -21.408 -12.202 4.162   1.00 10.89 ? 117  GLY B N   1 
ATOM   891  C CA  . GLY B 1 17 ? -22.674 -11.489 4.184   1.00 12.16 ? 117  GLY B CA  1 
ATOM   892  C C   . GLY B 1 17 ? -22.656 -10.132 4.866   1.00 12.91 ? 117  GLY B C   1 
ATOM   893  O O   . GLY B 1 17 ? -23.704 -9.498  5.022   1.00 13.16 ? 117  GLY B O   1 
ATOM   894  N N   . GLN B 1 18 ? -21.475 -9.670  5.260   1.00 11.23 ? 118  GLN B N   1 
ATOM   895  C CA  . GLN B 1 18 ? -21.360 -8.384  5.940   1.00 12.61 ? 118  GLN B CA  1 
ATOM   896  C C   . GLN B 1 18 ? -20.557 -7.362  5.148   1.00 11.14 ? 118  GLN B C   1 
ATOM   897  O O   . GLN B 1 18 ? -19.602 -7.710  4.460   1.00 10.60 ? 118  GLN B O   1 
ATOM   898  C CB  . GLN B 1 18 ? -20.709 -8.579  7.308   1.00 15.71 ? 118  GLN B CB  1 
ATOM   899  C CG  . GLN B 1 18 ? -21.537 -9.411  8.275   1.00 21.88 ? 118  GLN B CG  1 
ATOM   900  C CD  . GLN B 1 18 ? -22.880 -8.775  8.582   1.00 25.81 ? 118  GLN B CD  1 
ATOM   901  O OE1 . GLN B 1 18 ? -22.950 -7.612  8.984   1.00 27.11 ? 118  GLN B OE1 1 
ATOM   902  N NE2 . GLN B 1 18 ? -23.955 -9.538  8.400   1.00 26.82 ? 118  GLN B NE2 1 
ATOM   903  N N   . LEU B 1 19 ? -20.954 -6.097  5.245   1.00 10.27 ? 119  LEU B N   1 
ATOM   904  C CA  . LEU B 1 19 ? -20.240 -5.037  4.552   1.00 7.50  ? 119  LEU B CA  1 
ATOM   905  C C   . LEU B 1 19 ? -19.161 -4.473  5.470   1.00 8.37  ? 119  LEU B C   1 
ATOM   906  O O   . LEU B 1 19 ? -19.374 -4.309  6.674   1.00 9.91  ? 119  LEU B O   1 
ATOM   907  C CB  . LEU B 1 19 ? -21.199 -3.916  4.142   1.00 8.78  ? 119  LEU B CB  1 
ATOM   908  C CG  . LEU B 1 19 ? -22.346 -4.284  3.198   1.00 8.63  ? 119  LEU B CG  1 
ATOM   909  C CD1 . LEU B 1 19 ? -23.160 -3.036  2.895   1.00 13.63 ? 119  LEU B CD1 1 
ATOM   910  C CD2 . LEU B 1 19 ? -21.801 -4.886  1.916   1.00 11.90 ? 119  LEU B CD2 1 
ATOM   911  N N   . LYS B 1 20 ? -17.999 -4.185  4.893   1.00 8.25  ? 120  LYS B N   1 
ATOM   912  C CA  . LYS B 1 20 ? -16.878 -3.618  5.633   1.00 8.17  ? 120  LYS B CA  1 
ATOM   913  C C   . LYS B 1 20 ? -16.178 -2.608  4.729   1.00 9.25  ? 120  LYS B C   1 
ATOM   914  O O   . LYS B 1 20 ? -16.340 -2.642  3.509   1.00 9.55  ? 120  LYS B O   1 
ATOM   915  C CB  . LYS B 1 20 ? -15.868 -4.710  6.014   1.00 9.32  ? 120  LYS B CB  1 
ATOM   916  C CG  . LYS B 1 20 ? -16.383 -5.806  6.934   1.00 11.80 ? 120  LYS B CG  1 
ATOM   917  C CD  . LYS B 1 20 ? -15.359 -6.941  7.030   1.00 13.00 ? 120  LYS B CD  1 
ATOM   918  C CE  . LYS B 1 20 ? -15.797 -8.040  7.990   1.00 15.85 ? 120  LYS B CE  1 
ATOM   919  N NZ  . LYS B 1 20 ? -15.749 -7.598  9.410   1.00 20.01 ? 120  LYS B NZ  1 
ATOM   920  N N   . GLU B 1 21 ? -15.409 -1.708  5.333   1.00 8.26  ? 121  GLU B N   1 
ATOM   921  C CA  . GLU B 1 21 ? -14.644 -0.721  4.574   1.00 9.09  ? 121  GLU B CA  1 
ATOM   922  C C   . GLU B 1 21 ? -13.223 -1.262  4.483   1.00 7.52  ? 121  GLU B C   1 
ATOM   923  O O   . GLU B 1 21 ? -12.669 -1.713  5.485   1.00 7.89  ? 121  GLU B O   1 
ATOM   924  C CB  . GLU B 1 21 ? -14.628 0.629   5.302   1.00 12.86 ? 121  GLU B CB  1 
ATOM   925  C CG  . GLU B 1 21 ? -15.898 1.451   5.143   1.00 20.13 ? 121  GLU B CG  1 
ATOM   926  C CD  . GLU B 1 21 ? -15.710 2.624   4.197   1.00 25.40 ? 121  GLU B CD  1 
ATOM   927  O OE1 . GLU B 1 21 ? -14.976 3.574   4.564   1.00 27.58 ? 121  GLU B OE1 1 
ATOM   928  O OE2 . GLU B 1 21 ? -16.286 2.596   3.086   1.00 25.67 ? 121  GLU B OE2 1 
ATOM   929  N N   . ALA B 1 22 ? -12.631 -1.219  3.293   1.00 6.30  ? 122  ALA B N   1 
ATOM   930  C CA  . ALA B 1 22 ? -11.271 -1.716  3.129   1.00 7.26  ? 122  ALA B CA  1 
ATOM   931  C C   . ALA B 1 22 ? -10.446 -0.830  2.205   1.00 8.42  ? 122  ALA B C   1 
ATOM   932  O O   . ALA B 1 22 ? -10.984 -0.128  1.348   1.00 8.52  ? 122  ALA B O   1 
ATOM   933  C CB  . ALA B 1 22 ? -11.292 -3.152  2.606   1.00 8.01  ? 122  ALA B CB  1 
ATOM   934  N N   . LEU B 1 23 ? -9.131  -0.891  2.388   1.00 6.45  ? 123  LEU B N   1 
ATOM   935  C CA  . LEU B 1 23 ? -8.182  -0.084  1.629   1.00 6.89  ? 123  LEU B CA  1 
ATOM   936  C C   . LEU B 1 23 ? -7.583  -0.817  0.425   1.00 6.35  ? 123  LEU B C   1 
ATOM   937  O O   . LEU B 1 23 ? -6.976  -1.876  0.585   1.00 7.93  ? 123  LEU B O   1 
ATOM   938  C CB  . LEU B 1 23 ? -7.050  0.351   2.569   1.00 6.09  ? 123  LEU B CB  1 
ATOM   939  C CG  . LEU B 1 23 ? -5.968  1.311   2.072   1.00 6.92  ? 123  LEU B CG  1 
ATOM   940  C CD1 . LEU B 1 23 ? -6.571  2.686   1.837   1.00 10.19 ? 123  LEU B CD1 1 
ATOM   941  C CD2 . LEU B 1 23 ? -4.856  1.399   3.110   1.00 6.65  ? 123  LEU B CD2 1 
ATOM   942  N N   . LEU B 1 24 ? -7.755  -0.265  -0.777  1.00 6.25  ? 124  LEU B N   1 
ATOM   943  C CA  . LEU B 1 24 ? -7.172  -0.885  -1.971  1.00 6.76  ? 124  LEU B CA  1 
ATOM   944  C C   . LEU B 1 24 ? -5.699  -0.527  -1.879  1.00 7.03  ? 124  LEU B C   1 
ATOM   945  O O   . LEU B 1 24 ? -5.320  0.636   -2.035  1.00 6.84  ? 124  LEU B O   1 
ATOM   946  C CB  . LEU B 1 24 ? -7.792  -0.311  -3.242  1.00 6.39  ? 124  LEU B CB  1 
ATOM   947  C CG  . LEU B 1 24 ? -9.299  -0.537  -3.374  1.00 7.65  ? 124  LEU B CG  1 
ATOM   948  C CD1 . LEU B 1 24 ? -9.744  -0.105  -4.759  1.00 8.01  ? 124  LEU B CD1 1 
ATOM   949  C CD2 . LEU B 1 24 ? -9.638  -2.004  -3.129  1.00 8.52  ? 124  LEU B CD2 1 
ATOM   950  N N   . ASP B 1 25 ? -4.874  -1.541  -1.639  1.00 5.81  ? 125  ASP B N   1 
ATOM   951  C CA  . ASP B 1 25 ? -3.448  -1.351  -1.405  1.00 7.24  ? 125  ASP B CA  1 
ATOM   952  C C   . ASP B 1 25 ? -2.486  -2.039  -2.369  1.00 6.49  ? 125  ASP B C   1 
ATOM   953  O O   . ASP B 1 25 ? -2.155  -3.213  -2.191  1.00 6.16  ? 125  ASP B O   1 
ATOM   954  C CB  . ASP B 1 25 ? -3.152  -1.831  0.017   1.00 8.26  ? 125  ASP B CB  1 
ATOM   955  C CG  . ASP B 1 25 ? -1.858  -1.289  0.554   1.00 7.91  ? 125  ASP B CG  1 
ATOM   956  O OD1 . ASP B 1 25 ? -0.982  -0.935  -0.262  1.00 8.88  ? 125  ASP B OD1 1 
ATOM   957  O OD2 . ASP B 1 25 ? -1.724  -1.225  1.795   1.00 9.37  ? 125  ASP B OD2 1 
ATOM   958  N N   . THR B 1 26 ? -1.999  -1.306  -3.364  1.00 5.48  ? 126  THR B N   1 
ATOM   959  C CA  . THR B 1 26 ? -1.084  -1.894  -4.333  1.00 6.25  ? 126  THR B CA  1 
ATOM   960  C C   . THR B 1 26 ? 0.259   -2.294  -3.720  1.00 6.95  ? 126  THR B C   1 
ATOM   961  O O   . THR B 1 26 ? 0.997   -3.089  -4.304  1.00 8.78  ? 126  THR B O   1 
ATOM   962  C CB  . THR B 1 26 ? -0.831  -0.941  -5.517  1.00 6.04  ? 126  THR B CB  1 
ATOM   963  O OG1 . THR B 1 26 ? -0.312  0.306   -5.036  1.00 5.49  ? 126  THR B OG1 1 
ATOM   964  C CG2 . THR B 1 26 ? -2.120  -0.693  -6.267  1.00 6.44  ? 126  THR B CG2 1 
ATOM   965  N N   . GLY B 1 27 ? 0.570   -1.751  -2.546  1.00 4.12  ? 127  GLY B N   1 
ATOM   966  C CA  . GLY B 1 27 ? 1.825   -2.086  -1.891  1.00 5.53  ? 127  GLY B CA  1 
ATOM   967  C C   . GLY B 1 27 ? 1.732   -3.313  -1.000  1.00 7.59  ? 127  GLY B C   1 
ATOM   968  O O   . GLY B 1 27 ? 2.724   -3.744  -0.412  1.00 9.42  ? 127  GLY B O   1 
ATOM   969  N N   . ALA B 1 28 ? 0.537   -3.883  -0.903  1.00 6.76  ? 128  ALA B N   1 
ATOM   970  C CA  . ALA B 1 28 ? 0.312   -5.064  -0.074  1.00 6.03  ? 128  ALA B CA  1 
ATOM   971  C C   . ALA B 1 28 ? 0.259   -6.318  -0.938  1.00 8.08  ? 128  ALA B C   1 
ATOM   972  O O   . ALA B 1 28 ? -0.520  -6.386  -1.885  1.00 7.39  ? 128  ALA B O   1 
ATOM   973  C CB  . ALA B 1 28 ? -0.997  -4.904  0.701   1.00 8.69  ? 128  ALA B CB  1 
ATOM   974  N N   . ASP B 1 29 ? 1.081   -7.314  -0.622  1.00 7.46  ? 129  ASP B N   1 
ATOM   975  C CA  . ASP B 1 29 ? 1.069   -8.547  -1.410  1.00 8.22  ? 129  ASP B CA  1 
ATOM   976  C C   . ASP B 1 29 ? -0.193  -9.356  -1.126  1.00 7.64  ? 129  ASP B C   1 
ATOM   977  O O   . ASP B 1 29 ? -0.749  -9.999  -2.022  1.00 8.27  ? 129  ASP B O   1 
ATOM   978  C CB  . ASP B 1 29 ? 2.271   -9.432  -1.075  1.00 10.34 ? 129  ASP B CB  1 
ATOM   979  C CG  . ASP B 1 29 ? 3.595   -8.727  -1.270  1.00 14.25 ? 129  ASP B CG  1 
ATOM   980  O OD1 . ASP B 1 29 ? 3.748   -8.005  -2.274  1.00 10.92 ? 129  ASP B OD1 1 
ATOM   981  O OD2 . ASP B 1 29 ? 4.490   -8.914  -0.418  1.00 19.37 ? 129  ASP B OD2 1 
ATOM   982  N N   . ASP B 1 30 ? -0.632  -9.311  0.130   1.00 7.37  ? 130  ASP B N   1 
ATOM   983  C CA  . ASP B 1 30 ? -1.790  -10.067 0.579   1.00 6.60  ? 130  ASP B CA  1 
ATOM   984  C C   . ASP B 1 30 ? -2.930  -9.195  1.087   1.00 5.85  ? 130  ASP B C   1 
ATOM   985  O O   . ASP B 1 30 ? -2.802  -7.980  1.214   1.00 6.98  ? 130  ASP B O   1 
ATOM   986  C CB  . ASP B 1 30 ? -1.382  -11.025 1.708   1.00 9.21  ? 130  ASP B CB  1 
ATOM   987  C CG  . ASP B 1 30 ? -0.124  -11.814 1.387   1.00 13.66 ? 130  ASP B CG  1 
ATOM   988  O OD1 . ASP B 1 30 ? -0.078  -12.467 0.322   1.00 12.23 ? 130  ASP B OD1 1 
ATOM   989  O OD2 . ASP B 1 30 ? 0.817   -11.788 2.212   1.00 14.96 ? 130  ASP B OD2 1 
ATOM   990  N N   . THR B 1 31 ? -4.041  -9.853  1.391   1.00 7.67  ? 131  THR B N   1 
ATOM   991  C CA  . THR B 1 31 ? -5.241  -9.203  1.901   1.00 6.04  ? 131  THR B CA  1 
ATOM   992  C C   . THR B 1 31 ? -5.392  -9.583  3.370   1.00 8.50  ? 131  THR B C   1 
ATOM   993  O O   . THR B 1 31 ? -5.434  -10.769 3.707   1.00 7.23  ? 131  THR B O   1 
ATOM   994  C CB  . THR B 1 31 ? -6.479  -9.684  1.117   1.00 6.69  ? 131  THR B CB  1 
ATOM   995  O OG1 . THR B 1 31 ? -6.364  -9.253  -0.241  1.00 7.89  ? 131  THR B OG1 1 
ATOM   996  C CG2 . THR B 1 31 ? -7.772  -9.126  1.722   1.00 7.97  ? 131  THR B CG2 1 
ATOM   997  N N   . VAL B 1 32 ? -5.457  -8.584  4.242   1.00 7.15  ? 132  VAL B N   1 
ATOM   998  C CA  . VAL B 1 32 ? -5.604  -8.849  5.667   1.00 8.07  ? 132  VAL B CA  1 
ATOM   999  C C   . VAL B 1 32 ? -6.739  -8.024  6.238   1.00 8.22  ? 132  VAL B C   1 
ATOM   1000 O O   . VAL B 1 32 ? -6.812  -6.812  6.031   1.00 7.82  ? 132  VAL B O   1 
ATOM   1001 C CB  . VAL B 1 32 ? -4.308  -8.532  6.434   1.00 10.05 ? 132  VAL B CB  1 
ATOM   1002 C CG1 . VAL B 1 32 ? -4.474  -8.864  7.917   1.00 10.34 ? 132  VAL B CG1 1 
ATOM   1003 C CG2 . VAL B 1 32 ? -3.173  -9.338  5.849   1.00 17.11 ? 132  VAL B CG2 1 
ATOM   1004 N N   . LEU B 1 33 ? -7.624  -8.698  6.959   1.00 8.42  ? 133  LEU B N   1 
ATOM   1005 C CA  . LEU B 1 33 ? -8.773  -8.049  7.568   1.00 8.42  ? 133  LEU B CA  1 
ATOM   1006 C C   . LEU B 1 33 ? -8.730  -8.109  9.086   1.00 8.15  ? 133  LEU B C   1 
ATOM   1007 O O   . LEU B 1 33 ? -8.122  -9.005  9.670   1.00 8.70  ? 133  LEU B O   1 
ATOM   1008 C CB  . LEU B 1 33 ? -10.061 -8.709  7.076   1.00 7.73  ? 133  LEU B CB  1 
ATOM   1009 C CG  . LEU B 1 33 ? -10.322 -8.697  5.567   1.00 8.31  ? 133  LEU B CG  1 
ATOM   1010 C CD1 . LEU B 1 33 ? -11.664 -9.364  5.286   1.00 8.63  ? 133  LEU B CD1 1 
ATOM   1011 C CD2 . LEU B 1 33 ? -10.338 -7.272  5.055   1.00 7.22  ? 133  LEU B CD2 1 
ATOM   1012 N N   . GLU B 1 34 ? -9.380  -7.140  9.718   1.00 7.57  ? 134  GLU B N   1 
ATOM   1013 C CA  . GLU B 1 34 ? -9.450  -7.080  11.168  1.00 9.47  ? 134  GLU B CA  1 
ATOM   1014 C C   . GLU B 1 34 ? -10.161 -8.326  11.686  1.00 10.29 ? 134  GLU B C   1 
ATOM   1015 O O   . GLU B 1 34 ? -10.944 -8.947  10.963  1.00 9.68  ? 134  GLU B O   1 
ATOM   1016 C CB  . GLU B 1 34 ? -10.206 -5.817  11.585  1.00 9.67  ? 134  GLU B CB  1 
ATOM   1017 C CG  . GLU B 1 34 ? -9.442  -4.536  11.280  1.00 12.94 ? 134  GLU B CG  1 
ATOM   1018 C CD  . GLU B 1 34 ? -10.341 -3.317  11.184  1.00 17.11 ? 134  GLU B CD  1 
ATOM   1019 O OE1 . GLU B 1 34 ? -11.348 -3.267  11.917  1.00 18.11 ? 134  GLU B OE1 1 
ATOM   1020 O OE2 . GLU B 1 34 ? -10.036 -2.404  10.383  1.00 18.64 ? 134  GLU B OE2 1 
ATOM   1021 N N   . GLU B 1 35 ? -9.885  -8.689  12.936  1.00 10.65 ? 135  GLU B N   1 
ATOM   1022 C CA  . GLU B 1 35 ? -10.485 -9.869  13.553  1.00 12.75 ? 135  GLU B CA  1 
ATOM   1023 C C   . GLU B 1 35 ? -11.947 -10.087 13.167  1.00 12.77 ? 135  GLU B C   1 
ATOM   1024 O O   . GLU B 1 35 ? -12.786 -9.187  13.287  1.00 11.86 ? 135  GLU B O   1 
ATOM   1025 C CB  . GLU B 1 35 ? -10.363 -9.785  15.078  1.00 14.34 ? 135  GLU B CB  1 
ATOM   1026 C CG  . GLU B 1 35 ? -10.956 -10.977 15.818  1.00 17.75 ? 135  GLU B CG  1 
ATOM   1027 C CD  . GLU B 1 35 ? -10.381 -12.302 15.350  1.00 19.81 ? 135  GLU B CD  1 
ATOM   1028 O OE1 . GLU B 1 35 ? -9.150  -12.384 15.160  1.00 19.36 ? 135  GLU B OE1 1 
ATOM   1029 O OE2 . GLU B 1 35 ? -11.160 -13.265 15.184  1.00 23.58 ? 135  GLU B OE2 1 
ATOM   1030 N N   . MET B 1 36 ? -12.237 -11.299 12.710  1.00 12.06 ? 136  MET B N   1 
ATOM   1031 C CA  . MET B 1 36 ? -13.578 -11.680 12.293  1.00 12.17 ? 136  MET B CA  1 
ATOM   1032 C C   . MET B 1 36 ? -13.631 -13.199 12.225  1.00 13.58 ? 136  MET B C   1 
ATOM   1033 O O   . MET B 1 36 ? -12.608 -13.872 12.376  1.00 13.74 ? 136  MET B O   1 
ATOM   1034 C CB  . MET B 1 36 ? -13.888 -11.107 10.908  1.00 13.46 ? 136  MET B CB  1 
ATOM   1035 C CG  . MET B 1 36 ? -13.005 -11.677 9.803   1.00 13.20 ? 136  MET B CG  1 
ATOM   1036 S SD  . MET B 1 36 ? -13.460 -11.112 8.148   1.00 14.48 ? 136  MET B SD  1 
ATOM   1037 C CE  . MET B 1 36 ? -15.021 -11.917 7.939   1.00 15.35 ? 136  MET B CE  1 
ATOM   1038 N N   . SER B 1 37 ? -14.818 -13.738 11.989  1.00 14.07 ? 137  SER B N   1 
ATOM   1039 C CA  . SER B 1 37 ? -14.975 -15.179 11.895  1.00 16.08 ? 137  SER B CA  1 
ATOM   1040 C C   . SER B 1 37 ? -15.085 -15.614 10.441  1.00 14.65 ? 137  SER B C   1 
ATOM   1041 O O   . SER B 1 37 ? -15.815 -15.007 9.658   1.00 16.10 ? 137  SER B O   1 
ATOM   1042 C CB  . SER B 1 37 ? -16.221 -15.627 12.663  1.00 19.09 ? 137  SER B CB  1 
ATOM   1043 O OG  . SER B 1 37 ? -16.111 -15.292 14.035  1.00 23.96 ? 137  SER B OG  1 
ATOM   1044 N N   . LEU B 1 38 ? -14.340 -16.657 10.086  1.00 12.76 ? 138  LEU B N   1 
ATOM   1045 C CA  . LEU B 1 38 ? -14.367 -17.212 8.738   1.00 13.08 ? 138  LEU B CA  1 
ATOM   1046 C C   . LEU B 1 38 ? -14.465 -18.727 8.845   1.00 13.61 ? 138  LEU B C   1 
ATOM   1047 O O   . LEU B 1 38 ? -14.006 -19.320 9.822   1.00 13.34 ? 138  LEU B O   1 
ATOM   1048 C CB  . LEU B 1 38 ? -13.114 -16.817 7.950   1.00 12.66 ? 138  LEU B CB  1 
ATOM   1049 C CG  . LEU B 1 38 ? -13.074 -15.365 7.468   1.00 12.97 ? 138  LEU B CG  1 
ATOM   1050 C CD1 . LEU B 1 38 ? -11.766 -15.102 6.737   1.00 12.47 ? 138  LEU B CD1 1 
ATOM   1051 C CD2 . LEU B 1 38 ? -14.262 -15.097 6.552   1.00 13.97 ? 138  LEU B CD2 1 
ATOM   1052 N N   . PRO B 1 39 ? -15.076 -19.370 7.843   1.00 14.76 ? 139  PRO B N   1 
ATOM   1053 C CA  . PRO B 1 39 ? -15.259 -20.824 7.800   1.00 15.75 ? 139  PRO B CA  1 
ATOM   1054 C C   . PRO B 1 39 ? -14.005 -21.628 7.484   1.00 15.25 ? 139  PRO B C   1 
ATOM   1055 O O   . PRO B 1 39 ? -13.043 -21.111 6.915   1.00 16.28 ? 139  PRO B O   1 
ATOM   1056 C CB  . PRO B 1 39 ? -16.320 -21.011 6.711   1.00 16.59 ? 139  PRO B CB  1 
ATOM   1057 C CG  . PRO B 1 39 ? -17.009 -19.679 6.645   1.00 20.04 ? 139  PRO B CG  1 
ATOM   1058 C CD  . PRO B 1 39 ? -15.861 -18.724 6.783   1.00 16.78 ? 139  PRO B CD  1 
ATOM   1059 N N   . GLY B 1 40 ? -14.039 -22.903 7.858   1.00 14.24 ? 140  GLY B N   1 
ATOM   1060 C CA  . GLY B 1 40 ? -12.930 -23.795 7.575   1.00 14.33 ? 140  GLY B CA  1 
ATOM   1061 C C   . GLY B 1 40 ? -11.723 -23.704 8.482   1.00 12.33 ? 140  GLY B C   1 
ATOM   1062 O O   . GLY B 1 40 ? -11.744 -23.053 9.526   1.00 13.34 ? 140  GLY B O   1 
ATOM   1063 N N   . ARG B 1 41 ? -10.663 -24.391 8.078   1.00 11.77 ? 141  ARG B N   1 
ATOM   1064 C CA  . ARG B 1 41 ? -9.429  -24.388 8.842   1.00 11.05 ? 141  ARG B CA  1 
ATOM   1065 C C   . ARG B 1 41 ? -8.538  -23.271 8.339   1.00 10.95 ? 141  ARG B C   1 
ATOM   1066 O O   . ARG B 1 41 ? -8.679  -22.809 7.203   1.00 12.47 ? 141  ARG B O   1 
ATOM   1067 C CB  . ARG B 1 41 ? -8.709  -25.728 8.696   1.00 13.64 ? 141  ARG B CB  1 
ATOM   1068 C CG  . ARG B 1 41 ? -9.421  -26.884 9.386   1.00 13.99 ? 141  ARG B CG  1 
ATOM   1069 C CD  . ARG B 1 41 ? -8.701  -28.192 9.138   1.00 15.69 ? 141  ARG B CD  1 
ATOM   1070 N NE  . ARG B 1 41 ? -7.330  -28.179 9.643   1.00 13.94 ? 141  ARG B NE  1 
ATOM   1071 C CZ  . ARG B 1 41 ? -6.996  -28.297 10.925  1.00 12.98 ? 141  ARG B CZ  1 
ATOM   1072 N NH1 . ARG B 1 41 ? -7.933  -28.437 11.854  1.00 10.05 ? 141  ARG B NH1 1 
ATOM   1073 N NH2 . ARG B 1 41 ? -5.716  -28.299 11.274  1.00 10.13 ? 141  ARG B NH2 1 
ATOM   1074 N N   . TRP B 1 42 ? -7.628  -22.827 9.195   1.00 9.57  ? 142  TRP B N   1 
ATOM   1075 C CA  . TRP B 1 42 ? -6.709  -21.772 8.820   1.00 8.96  ? 142  TRP B CA  1 
ATOM   1076 C C   . TRP B 1 42 ? -5.288  -22.260 9.019   1.00 9.16  ? 142  TRP B C   1 
ATOM   1077 O O   . TRP B 1 42 ? -5.051  -23.245 9.724   1.00 9.24  ? 142  TRP B O   1 
ATOM   1078 C CB  . TRP B 1 42 ? -6.967  -20.502 9.642   1.00 7.86  ? 142  TRP B CB  1 
ATOM   1079 C CG  . TRP B 1 42 ? -6.876  -20.662 11.137  1.00 8.37  ? 142  TRP B CG  1 
ATOM   1080 C CD1 . TRP B 1 42 ? -7.869  -21.067 11.986  1.00 7.00  ? 142  TRP B CD1 1 
ATOM   1081 C CD2 . TRP B 1 42 ? -5.741  -20.375 11.954  1.00 9.24  ? 142  TRP B CD2 1 
ATOM   1082 N NE1 . TRP B 1 42 ? -7.421  -21.042 13.288  1.00 7.05  ? 142  TRP B NE1 1 
ATOM   1083 C CE2 . TRP B 1 42 ? -6.116  -20.623 13.295  1.00 9.46  ? 142  TRP B CE2 1 
ATOM   1084 C CE3 . TRP B 1 42 ? -4.438  -19.932 11.686  1.00 7.73  ? 142  TRP B CE3 1 
ATOM   1085 C CZ2 . TRP B 1 42 ? -5.235  -20.440 14.363  1.00 10.39 ? 142  TRP B CZ2 1 
ATOM   1086 C CZ3 . TRP B 1 42 ? -3.562  -19.749 12.749  1.00 8.80  ? 142  TRP B CZ3 1 
ATOM   1087 C CH2 . TRP B 1 42 ? -3.966  -20.004 14.072  1.00 8.06  ? 142  TRP B CH2 1 
ATOM   1088 N N   . LYS B 1 43 ? -4.353  -21.577 8.367   1.00 10.27 ? 143  LYS B N   1 
ATOM   1089 C CA  . LYS B 1 43 ? -2.938  -21.904 8.444   1.00 11.22 ? 143  LYS B CA  1 
ATOM   1090 C C   . LYS B 1 43 ? -2.207  -20.676 8.960   1.00 10.92 ? 143  LYS B C   1 
ATOM   1091 O O   . LYS B 1 43 ? -2.686  -19.552 8.820   1.00 10.92 ? 143  LYS B O   1 
ATOM   1092 C CB  . LYS B 1 43 ? -2.409  -22.300 7.062   1.00 14.42 ? 143  LYS B CB  1 
ATOM   1093 C CG  . LYS B 1 43 ? -2.925  -23.648 6.585   1.00 19.56 ? 143  LYS B CG  1 
ATOM   1094 C CD  . LYS B 1 43 ? -2.341  -24.779 7.422   1.00 25.30 ? 143  LYS B CD  1 
ATOM   1095 C CE  . LYS B 1 43 ? -3.255  -25.997 7.446   1.00 27.56 ? 143  LYS B CE  1 
ATOM   1096 N NZ  . LYS B 1 43 ? -4.508  -25.751 8.232   1.00 24.03 ? 143  LYS B NZ  1 
ATOM   1097 N N   . PRO B 1 44 ? -1.031  -20.875 9.562   1.00 11.44 ? 144  PRO B N   1 
ATOM   1098 C CA  . PRO B 1 44 ? -0.270  -19.749 10.094  1.00 10.70 ? 144  PRO B CA  1 
ATOM   1099 C C   . PRO B 1 44 ? 0.497   -18.964 9.047   1.00 10.61 ? 144  PRO B C   1 
ATOM   1100 O O   . PRO B 1 44 ? 0.943   -19.515 8.038   1.00 11.74 ? 144  PRO B O   1 
ATOM   1101 C CB  . PRO B 1 44 ? 0.671   -20.425 11.079  1.00 11.65 ? 144  PRO B CB  1 
ATOM   1102 C CG  . PRO B 1 44 ? 1.027   -21.676 10.337  1.00 12.54 ? 144  PRO B CG  1 
ATOM   1103 C CD  . PRO B 1 44 ? -0.311  -22.145 9.783   1.00 11.02 ? 144  PRO B CD  1 
ATOM   1104 N N   . LYS B 1 45 ? 0.632   -17.664 9.285   1.00 9.90  ? 145  LYS B N   1 
ATOM   1105 C CA  . LYS B 1 45 ? 1.407   -16.827 8.388   1.00 11.16 ? 145  LYS B CA  1 
ATOM   1106 C C   . LYS B 1 45 ? 1.911   -15.589 9.103   1.00 10.21 ? 145  LYS B C   1 
ATOM   1107 O O   . LYS B 1 45 ? 1.243   -15.041 9.975   1.00 11.58 ? 145  LYS B O   1 
ATOM   1108 C CB  . LYS B 1 45 ? 0.606   -16.408 7.150   1.00 12.83 ? 145  LYS B CB  1 
ATOM   1109 C CG  . LYS B 1 45 ? 1.502   -15.708 6.128   1.00 14.24 ? 145  LYS B CG  1 
ATOM   1110 C CD  . LYS B 1 45 ? 0.833   -15.410 4.807   1.00 18.24 ? 145  LYS B CD  1 
ATOM   1111 C CE  . LYS B 1 45 ? 1.866   -14.844 3.832   1.00 19.70 ? 145  LYS B CE  1 
ATOM   1112 N NZ  . LYS B 1 45 ? 1.300   -14.528 2.496   1.00 23.55 ? 145  LYS B NZ  1 
ATOM   1113 N N   . MET B 1 46 ? 3.118   -15.178 8.741   1.00 11.49 ? 146  MET B N   1 
ATOM   1114 C CA  . MET B 1 46 ? 3.722   -13.985 9.304   1.00 14.37 ? 146  MET B CA  1 
ATOM   1115 C C   . MET B 1 46 ? 3.811   -13.003 8.153   1.00 13.90 ? 146  MET B C   1 
ATOM   1116 O O   . MET B 1 46 ? 4.321   -13.348 7.085   1.00 13.85 ? 146  MET B O   1 
ATOM   1117 C CB  . MET B 1 46 ? 5.132   -14.282 9.817   1.00 18.69 ? 146  MET B CB  1 
ATOM   1118 C CG  . MET B 1 46 ? 5.192   -15.191 11.027  1.00 24.46 ? 146  MET B CG  1 
ATOM   1119 S SD  . MET B 1 46 ? 4.423   -14.451 12.470  1.00 33.12 ? 146  MET B SD  1 
ATOM   1120 C CE  . MET B 1 46 ? 5.646   -13.194 12.893  1.00 29.85 ? 146  MET B CE  1 
ATOM   1121 N N   . ILE B 1 47 ? 3.288   -11.797 8.347   1.00 12.83 ? 147  ILE B N   1 
ATOM   1122 C CA  . ILE B 1 47 ? 3.364   -10.787 7.302   1.00 11.20 ? 147  ILE B CA  1 
ATOM   1123 C C   . ILE B 1 47 ? 4.098   -9.576  7.858   1.00 12.58 ? 147  ILE B C   1 
ATOM   1124 O O   . ILE B 1 47 ? 3.888   -9.178  9.005   1.00 13.75 ? 147  ILE B O   1 
ATOM   1125 C CB  . ILE B 1 47 ? 1.967   -10.371 6.780   1.00 11.93 ? 147  ILE B CB  1 
ATOM   1126 C CG1 . ILE B 1 47 ? 1.087   -9.882  7.931   1.00 11.32 ? 147  ILE B CG1 1 
ATOM   1127 C CG2 . ILE B 1 47 ? 1.329   -11.546 6.044   1.00 13.15 ? 147  ILE B CG2 1 
ATOM   1128 C CD1 . ILE B 1 47 ? -0.259  -9.345  7.484   1.00 12.57 ? 147  ILE B CD1 1 
ATOM   1129 N N   . GLY B 1 48 ? 4.970   -9.004  7.039   1.00 10.36 ? 148  GLY B N   1 
ATOM   1130 C CA  . GLY B 1 48 ? 5.745   -7.865  7.487   1.00 9.92  ? 148  GLY B CA  1 
ATOM   1131 C C   . GLY B 1 48 ? 5.379   -6.544  6.855   1.00 8.75  ? 148  GLY B C   1 
ATOM   1132 O O   . GLY B 1 48 ? 5.134   -6.458  5.653   1.00 9.76  ? 148  GLY B O   1 
ATOM   1133 N N   . GLY B 1 49 ? 5.353   -5.510  7.689   1.00 9.34  ? 149  GLY B N   1 
ATOM   1134 C CA  . GLY B 1 49 ? 5.041   -4.174  7.228   1.00 10.59 ? 149  GLY B CA  1 
ATOM   1135 C C   . GLY B 1 49 ? 6.056   -3.189  7.780   1.00 10.08 ? 149  GLY B C   1 
ATOM   1136 O O   . GLY B 1 49 ? 7.122   -3.582  8.257   1.00 10.08 ? 149  GLY B O   1 
ATOM   1137 N N   . ILE B 1 50 ? 5.713   -1.908  7.732   1.00 11.29 ? 150  ILE B N   1 
ATOM   1138 C CA  . ILE B 1 50 ? 6.595   -0.845  8.202   1.00 14.71 ? 150  ILE B CA  1 
ATOM   1139 C C   . ILE B 1 50 ? 7.184   -0.972  9.604   1.00 17.53 ? 150  ILE B C   1 
ATOM   1140 O O   . ILE B 1 50 ? 8.368   -0.690  9.808   1.00 20.22 ? 150  ILE B O   1 
ATOM   1141 C CB  . ILE B 1 50 ? 5.885   0.527   8.066   1.00 15.23 ? 150  ILE B CB  1 
ATOM   1142 C CG1 . ILE B 1 50 ? 6.119   1.068   6.657   1.00 20.08 ? 150  ILE B CG1 1 
ATOM   1143 C CG2 . ILE B 1 50 ? 6.376   1.505   9.131   1.00 17.53 ? 150  ILE B CG2 1 
ATOM   1144 C CD1 . ILE B 1 50 ? 7.574   1.285   6.328   1.00 21.96 ? 150  ILE B CD1 1 
ATOM   1145 N N   . GLY B 1 51 ? 6.374   -1.392  10.568  1.00 16.70 ? 151  GLY B N   1 
ATOM   1146 C CA  . GLY B 1 51 ? 6.874   -1.511  11.928  1.00 16.24 ? 151  GLY B CA  1 
ATOM   1147 C C   . GLY B 1 51 ? 7.267   -2.906  12.372  1.00 14.99 ? 151  GLY B C   1 
ATOM   1148 O O   . GLY B 1 51 ? 7.536   -3.130  13.552  1.00 16.54 ? 151  GLY B O   1 
ATOM   1149 N N   . GLY B 1 52 ? 7.310   -3.846  11.436  1.00 13.50 ? 152  GLY B N   1 
ATOM   1150 C CA  . GLY B 1 52 ? 7.677   -5.207  11.786  1.00 14.09 ? 152  GLY B CA  1 
ATOM   1151 C C   . GLY B 1 52 ? 6.665   -6.218  11.290  1.00 12.76 ? 152  GLY B C   1 
ATOM   1152 O O   . GLY B 1 52 ? 5.879   -5.920  10.396  1.00 12.90 ? 152  GLY B O   1 
ATOM   1153 N N   . PHE B 1 53 ? 6.680   -7.412  11.876  1.00 14.55 ? 153  PHE B N   1 
ATOM   1154 C CA  . PHE B 1 53 ? 5.766   -8.478  11.480  1.00 15.68 ? 153  PHE B CA  1 
ATOM   1155 C C   . PHE B 1 53 ? 4.660   -8.744  12.493  1.00 15.95 ? 153  PHE B C   1 
ATOM   1156 O O   . PHE B 1 53 ? 4.775   -8.414  13.674  1.00 15.89 ? 153  PHE B O   1 
ATOM   1157 C CB  . PHE B 1 53 ? 6.523   -9.797  11.277  1.00 18.60 ? 153  PHE B CB  1 
ATOM   1158 C CG  . PHE B 1 53 ? 7.469   -9.789  10.116  1.00 19.92 ? 153  PHE B CG  1 
ATOM   1159 C CD1 . PHE B 1 53 ? 8.629   -9.023  10.149  1.00 21.91 ? 153  PHE B CD1 1 
ATOM   1160 C CD2 . PHE B 1 53 ? 7.204   -10.557 8.986   1.00 22.25 ? 153  PHE B CD2 1 
ATOM   1161 C CE1 . PHE B 1 53 ? 9.512   -9.019  9.075   1.00 23.06 ? 153  PHE B CE1 1 
ATOM   1162 C CE2 . PHE B 1 53 ? 8.079   -10.562 7.906   1.00 23.04 ? 153  PHE B CE2 1 
ATOM   1163 C CZ  . PHE B 1 53 ? 9.236   -9.790  7.951   1.00 23.28 ? 153  PHE B CZ  1 
ATOM   1164 N N   . ILE B 1 54 ? 3.581   -9.346  12.009  1.00 14.67 ? 154  ILE B N   1 
ATOM   1165 C CA  . ILE B 1 54 ? 2.469   -9.725  12.867  1.00 14.09 ? 154  ILE B CA  1 
ATOM   1166 C C   . ILE B 1 54 ? 2.019   -11.102 12.410  1.00 13.75 ? 154  ILE B C   1 
ATOM   1167 O O   . ILE B 1 54 ? 2.187   -11.468 11.245  1.00 12.77 ? 154  ILE B O   1 
ATOM   1168 C CB  . ILE B 1 54 ? 1.270   -8.749  12.781  1.00 15.13 ? 154  ILE B CB  1 
ATOM   1169 C CG1 . ILE B 1 54 ? 0.686   -8.740  11.367  1.00 14.19 ? 154  ILE B CG1 1 
ATOM   1170 C CG2 . ILE B 1 54 ? 1.705   -7.355  13.219  1.00 16.19 ? 154  ILE B CG2 1 
ATOM   1171 C CD1 . ILE B 1 54 ? -0.655  -8.041  11.270  1.00 14.90 ? 154  ILE B CD1 1 
ATOM   1172 N N   . LYS B 1 55 ? 1.474   -11.871 13.343  1.00 14.37 ? 155  LYS B N   1 
ATOM   1173 C CA  . LYS B 1 55 ? 0.989   -13.207 13.047  1.00 12.87 ? 155  LYS B CA  1 
ATOM   1174 C C   . LYS B 1 55 ? -0.479  -13.075 12.654  1.00 12.24 ? 155  LYS B C   1 
ATOM   1175 O O   . LYS B 1 55 ? -1.234  -12.336 13.284  1.00 12.68 ? 155  LYS B O   1 
ATOM   1176 C CB  . LYS B 1 55 ? 1.135   -14.091 14.290  1.00 15.93 ? 155  LYS B CB  1 
ATOM   1177 C CG  . LYS B 1 55 ? 0.880   -15.568 14.057  1.00 21.73 ? 155  LYS B CG  1 
ATOM   1178 C CD  . LYS B 1 55 ? -0.593  -15.871 13.855  1.00 25.44 ? 155  LYS B CD  1 
ATOM   1179 C CE  . LYS B 1 55 ? -0.777  -17.305 13.407  1.00 25.87 ? 155  LYS B CE  1 
ATOM   1180 N NZ  . LYS B 1 55 ? 0.022   -17.544 12.181  1.00 24.51 ? 155  LYS B NZ  1 
ATOM   1181 N N   . VAL B 1 56 ? -0.878  -13.785 11.605  1.00 10.65 ? 156  VAL B N   1 
ATOM   1182 C CA  . VAL B 1 56 ? -2.257  -13.738 11.144  1.00 9.39  ? 156  VAL B CA  1 
ATOM   1183 C C   . VAL B 1 56 ? -2.749  -15.145 10.829  1.00 9.93  ? 156  VAL B C   1 
ATOM   1184 O O   . VAL B 1 56 ? -1.961  -16.086 10.757  1.00 10.35 ? 156  VAL B O   1 
ATOM   1185 C CB  . VAL B 1 56 ? -2.401  -12.866 9.868   1.00 9.16  ? 156  VAL B CB  1 
ATOM   1186 C CG1 . VAL B 1 56 ? -2.021  -11.429 10.174  1.00 8.60  ? 156  VAL B CG1 1 
ATOM   1187 C CG2 . VAL B 1 56 ? -1.522  -13.419 8.753   1.00 7.08  ? 156  VAL B CG2 1 
ATOM   1188 N N   . ARG B 1 57 ? -4.058  -15.276 10.653  1.00 9.72  ? 157  ARG B N   1 
ATOM   1189 C CA  . ARG B 1 57 ? -4.664  -16.557 10.326  1.00 9.75  ? 157  ARG B CA  1 
ATOM   1190 C C   . ARG B 1 57 ? -4.972  -16.536 8.836   1.00 9.91  ? 157  ARG B C   1 
ATOM   1191 O O   . ARG B 1 57 ? -5.614  -15.604 8.348   1.00 8.69  ? 157  ARG B O   1 
ATOM   1192 C CB  . ARG B 1 57 ? -5.956  -16.758 11.121  1.00 9.73  ? 157  ARG B CB  1 
ATOM   1193 C CG  . ARG B 1 57 ? -5.790  -16.623 12.634  1.00 10.25 ? 157  ARG B CG  1 
ATOM   1194 C CD  . ARG B 1 57 ? -6.924  -17.310 13.381  1.00 12.07 ? 157  ARG B CD  1 
ATOM   1195 N NE  . ARG B 1 57 ? -8.244  -16.811 13.007  1.00 11.81 ? 157  ARG B NE  1 
ATOM   1196 C CZ  . ARG B 1 57 ? -8.755  -15.650 13.409  1.00 12.94 ? 157  ARG B CZ  1 
ATOM   1197 N NH1 . ARG B 1 57 ? -8.063  -14.850 14.206  1.00 13.65 ? 157  ARG B NH1 1 
ATOM   1198 N NH2 . ARG B 1 57 ? -9.968  -15.293 13.014  1.00 15.08 ? 157  ARG B NH2 1 
ATOM   1199 N N   . GLN B 1 58 ? -4.513  -17.557 8.114   1.00 8.71  ? 158  GLN B N   1 
ATOM   1200 C CA  . GLN B 1 58 ? -4.743  -17.621 6.671   1.00 8.91  ? 158  GLN B CA  1 
ATOM   1201 C C   . GLN B 1 58 ? -5.883  -18.551 6.281   1.00 7.99  ? 158  GLN B C   1 
ATOM   1202 O O   . GLN B 1 58 ? -5.831  -19.752 6.551   1.00 9.15  ? 158  GLN B O   1 
ATOM   1203 C CB  . GLN B 1 58 ? -3.472  -18.077 5.942   1.00 9.04  ? 158  GLN B CB  1 
ATOM   1204 C CG  . GLN B 1 58 ? -3.630  -18.112 4.420   1.00 10.80 ? 158  GLN B CG  1 
ATOM   1205 C CD  . GLN B 1 58 ? -2.380  -18.576 3.696   1.00 12.56 ? 158  GLN B CD  1 
ATOM   1206 O OE1 . GLN B 1 58 ? -1.262  -18.240 4.087   1.00 13.59 ? 158  GLN B OE1 1 
ATOM   1207 N NE2 . GLN B 1 58 ? -2.565  -19.336 2.622   1.00 11.57 ? 158  GLN B NE2 1 
ATOM   1208 N N   . TYR B 1 59 ? -6.908  -17.990 5.646   1.00 8.19  ? 159  TYR B N   1 
ATOM   1209 C CA  . TYR B 1 59 ? -8.049  -18.774 5.175   1.00 7.79  ? 159  TYR B CA  1 
ATOM   1210 C C   . TYR B 1 59 ? -7.997  -18.749 3.654   1.00 8.59  ? 159  TYR B C   1 
ATOM   1211 O O   . TYR B 1 59 ? -7.829  -17.684 3.056   1.00 8.40  ? 159  TYR B O   1 
ATOM   1212 C CB  . TYR B 1 59 ? -9.376  -18.164 5.644   1.00 7.26  ? 159  TYR B CB  1 
ATOM   1213 C CG  . TYR B 1 59 ? -9.568  -18.174 7.138   1.00 6.82  ? 159  TYR B CG  1 
ATOM   1214 C CD1 . TYR B 1 59 ? -9.030  -17.169 7.937   1.00 8.21  ? 159  TYR B CD1 1 
ATOM   1215 C CD2 . TYR B 1 59 ? -10.289 -19.196 7.758   1.00 7.92  ? 159  TYR B CD2 1 
ATOM   1216 C CE1 . TYR B 1 59 ? -9.207  -17.178 9.320   1.00 9.98  ? 159  TYR B CE1 1 
ATOM   1217 C CE2 . TYR B 1 59 ? -10.469 -19.215 9.135   1.00 8.31  ? 159  TYR B CE2 1 
ATOM   1218 C CZ  . TYR B 1 59 ? -9.927  -18.203 9.910   1.00 9.02  ? 159  TYR B CZ  1 
ATOM   1219 O OH  . TYR B 1 59 ? -10.104 -18.212 11.275  1.00 9.91  ? 159  TYR B OH  1 
ATOM   1220 N N   . ASP B 1 60 ? -8.140  -19.909 3.022   1.00 9.65  ? 160  ASP B N   1 
ATOM   1221 C CA  . ASP B 1 60 ? -8.093  -19.968 1.565   1.00 10.07 ? 160  ASP B CA  1 
ATOM   1222 C C   . ASP B 1 60 ? -9.459  -20.153 0.911   1.00 10.89 ? 160  ASP B C   1 
ATOM   1223 O O   . ASP B 1 60 ? -10.408 -20.641 1.532   1.00 10.15 ? 160  ASP B O   1 
ATOM   1224 C CB  . ASP B 1 60 ? -7.164  -21.099 1.106   1.00 12.70 ? 160  ASP B CB  1 
ATOM   1225 C CG  . ASP B 1 60 ? -5.730  -20.899 1.554   1.00 15.02 ? 160  ASP B CG  1 
ATOM   1226 O OD1 . ASP B 1 60 ? -5.210  -19.775 1.412   1.00 14.32 ? 160  ASP B OD1 1 
ATOM   1227 O OD2 . ASP B 1 60 ? -5.116  -21.874 2.038   1.00 17.18 ? 160  ASP B OD2 1 
ATOM   1228 N N   . GLN B 1 61 ? -9.542  -19.739 -0.351  1.00 10.59 ? 161  GLN B N   1 
ATOM   1229 C CA  . GLN B 1 61 ? -10.751 -19.867 -1.160  1.00 10.04 ? 161  GLN B CA  1 
ATOM   1230 C C   . GLN B 1 61 ? -11.981 -19.269 -0.486  1.00 11.09 ? 161  GLN B C   1 
ATOM   1231 O O   . GLN B 1 61 ? -13.049 -19.895 -0.413  1.00 11.79 ? 161  GLN B O   1 
ATOM   1232 C CB  . GLN B 1 61 ? -10.982 -21.343 -1.486  1.00 12.71 ? 161  GLN B CB  1 
ATOM   1233 C CG  . GLN B 1 61 ? -11.486 -21.590 -2.893  1.00 15.11 ? 161  GLN B CG  1 
ATOM   1234 C CD  . GLN B 1 61 ? -11.335 -23.042 -3.315  1.00 14.59 ? 161  GLN B CD  1 
ATOM   1235 O OE1 . GLN B 1 61 ? -10.279 -23.649 -3.126  1.00 18.45 ? 161  GLN B OE1 1 
ATOM   1236 N NE2 . GLN B 1 61 ? -12.385 -23.600 -3.903  1.00 14.75 ? 161  GLN B NE2 1 
ATOM   1237 N N   . ILE B 1 62 ? -11.820 -18.040 -0.014  1.00 8.11  ? 162  ILE B N   1 
ATOM   1238 C CA  . ILE B 1 62 ? -12.883 -17.308 0.664   1.00 9.07  ? 162  ILE B CA  1 
ATOM   1239 C C   . ILE B 1 62 ? -13.578 -16.380 -0.320  1.00 8.04  ? 162  ILE B C   1 
ATOM   1240 O O   . ILE B 1 62 ? -12.918 -15.684 -1.096  1.00 7.41  ? 162  ILE B O   1 
ATOM   1241 C CB  . ILE B 1 62 ? -12.302 -16.451 1.813   1.00 8.29  ? 162  ILE B CB  1 
ATOM   1242 C CG1 . ILE B 1 62 ? -11.698 -17.356 2.890   1.00 9.33  ? 162  ILE B CG1 1 
ATOM   1243 C CG2 . ILE B 1 62 ? -13.382 -15.532 2.387   1.00 9.63  ? 162  ILE B CG2 1 
ATOM   1244 C CD1 . ILE B 1 62 ? -12.695 -18.266 3.584   1.00 9.35  ? 162  ILE B CD1 1 
ATOM   1245 N N   . LEU B 1 63 ? -14.907 -16.375 -0.293  1.00 9.71  ? 163  LEU B N   1 
ATOM   1246 C CA  . LEU B 1 63 ? -15.670 -15.501 -1.173  1.00 9.98  ? 163  LEU B CA  1 
ATOM   1247 C C   . LEU B 1 63 ? -15.650 -14.086 -0.610  1.00 9.70  ? 163  LEU B C   1 
ATOM   1248 O O   . LEU B 1 63 ? -15.912 -13.868 0.573   1.00 10.23 ? 163  LEU B O   1 
ATOM   1249 C CB  . LEU B 1 63 ? -17.120 -15.970 -1.302  1.00 12.30 ? 163  LEU B CB  1 
ATOM   1250 C CG  . LEU B 1 63 ? -18.015 -14.993 -2.077  1.00 18.24 ? 163  LEU B CG  1 
ATOM   1251 C CD1 . LEU B 1 63 ? -17.509 -14.836 -3.509  1.00 19.68 ? 163  LEU B CD1 1 
ATOM   1252 C CD2 . LEU B 1 63 ? -19.452 -15.495 -2.069  1.00 21.59 ? 163  LEU B CD2 1 
ATOM   1253 N N   . ILE B 1 64 ? -15.330 -13.126 -1.465  1.00 9.54  ? 164  ILE B N   1 
ATOM   1254 C CA  . ILE B 1 64 ? -15.274 -11.737 -1.042  1.00 10.84 ? 164  ILE B CA  1 
ATOM   1255 C C   . ILE B 1 64 ? -15.573 -10.836 -2.229  1.00 11.72 ? 164  ILE B C   1 
ATOM   1256 O O   . ILE B 1 64 ? -15.025 -11.017 -3.317  1.00 12.91 ? 164  ILE B O   1 
ATOM   1257 C CB  . ILE B 1 64 ? -13.885 -11.397 -0.452  1.00 11.52 ? 164  ILE B CB  1 
ATOM   1258 C CG1 . ILE B 1 64 ? -13.810 -9.912  -0.097  1.00 11.67 ? 164  ILE B CG1 1 
ATOM   1259 C CG2 . ILE B 1 64 ? -12.791 -11.792 -1.431  1.00 10.35 ? 164  ILE B CG2 1 
ATOM   1260 C CD1 . ILE B 1 64 ? -12.521 -9.525  0.618   1.00 14.86 ? 164  ILE B CD1 1 
ATOM   1261 N N   . GLU B 1 65 ? -16.459 -9.873  -2.010  1.00 10.60 ? 165  GLU B N   1 
ATOM   1262 C CA  . GLU B 1 65 ? -16.853 -8.937  -3.053  1.00 11.42 ? 165  GLU B CA  1 
ATOM   1263 C C   . GLU B 1 65 ? -16.159 -7.607  -2.784  1.00 9.59  ? 165  GLU B C   1 
ATOM   1264 O O   . GLU B 1 65 ? -16.135 -7.133  -1.651  1.00 10.78 ? 165  GLU B O   1 
ATOM   1265 C CB  . GLU B 1 65 ? -18.369 -8.761  -3.023  1.00 14.48 ? 165  GLU B CB  1 
ATOM   1266 C CG  . GLU B 1 65 ? -18.993 -8.333  -4.327  1.00 18.60 ? 165  GLU B CG  1 
ATOM   1267 C CD  . GLU B 1 65 ? -20.501 -8.239  -4.210  1.00 22.40 ? 165  GLU B CD  1 
ATOM   1268 O OE1 . GLU B 1 65 ? -20.990 -7.278  -3.576  1.00 23.67 ? 165  GLU B OE1 1 
ATOM   1269 O OE2 . GLU B 1 65 ? -21.194 -9.137  -4.735  1.00 24.47 ? 165  GLU B OE2 1 
ATOM   1270 N N   . ILE B 1 66 ? -15.591 -7.014  -3.826  1.00 8.75  ? 166  ILE B N   1 
ATOM   1271 C CA  . ILE B 1 66 ? -14.884 -5.743  -3.695  1.00 9.68  ? 166  ILE B CA  1 
ATOM   1272 C C   . ILE B 1 66 ? -15.481 -4.762  -4.694  1.00 11.03 ? 166  ILE B C   1 
ATOM   1273 O O   . ILE B 1 66 ? -15.320 -4.925  -5.899  1.00 10.72 ? 166  ILE B O   1 
ATOM   1274 C CB  . ILE B 1 66 ? -13.391 -5.935  -3.989  1.00 9.16  ? 166  ILE B CB  1 
ATOM   1275 C CG1 . ILE B 1 66 ? -12.835 -7.032  -3.079  1.00 11.99 ? 166  ILE B CG1 1 
ATOM   1276 C CG2 . ILE B 1 66 ? -12.641 -4.624  -3.791  1.00 8.17  ? 166  ILE B CG2 1 
ATOM   1277 C CD1 . ILE B 1 66 ? -11.491 -7.574  -3.520  1.00 13.44 ? 166  ILE B CD1 1 
ATOM   1278 N N   . CYS B 1 67 ? -16.168 -3.744  -4.188  1.00 12.60 ? 167  CYS B N   1 
ATOM   1279 C CA  . CYS B 1 67 ? -16.807 -2.766  -5.059  1.00 16.37 ? 167  CYS B CA  1 
ATOM   1280 C C   . CYS B 1 67 ? -17.732 -3.473  -6.034  1.00 17.25 ? 167  CYS B C   1 
ATOM   1281 O O   . CYS B 1 67 ? -17.837 -3.081  -7.197  1.00 18.22 ? 167  CYS B O   1 
ATOM   1282 C CB  . CYS B 1 67 ? -15.768 -1.976  -5.848  1.00 18.70 ? 167  CYS B CB  1 
ATOM   1283 S SG  . CYS B 1 67 ? -14.945 -0.720  -4.897  1.00 27.63 ? 167  CYS B SG  1 
ATOM   1284 N N   . GLY B 1 68 ? -18.390 -4.524  -5.561  1.00 17.28 ? 168  GLY B N   1 
ATOM   1285 C CA  . GLY B 1 68 ? -19.305 -5.259  -6.414  1.00 15.81 ? 168  GLY B CA  1 
ATOM   1286 C C   . GLY B 1 68 ? -18.658 -6.338  -7.259  1.00 16.29 ? 168  GLY B C   1 
ATOM   1287 O O   . GLY B 1 68 ? -19.361 -7.166  -7.841  1.00 16.48 ? 168  GLY B O   1 
ATOM   1288 N N   . HIS B 1 69 ? -17.328 -6.328  -7.345  1.00 13.65 ? 169  HIS B N   1 
ATOM   1289 C CA  . HIS B 1 69 ? -16.610 -7.334  -8.123  1.00 14.03 ? 169  HIS B CA  1 
ATOM   1290 C C   . HIS B 1 69 ? -16.345 -8.558  -7.261  1.00 14.17 ? 169  HIS B C   1 
ATOM   1291 O O   . HIS B 1 69 ? -15.719 -8.461  -6.208  1.00 12.70 ? 169  HIS B O   1 
ATOM   1292 C CB  . HIS B 1 69 ? -15.280 -6.778  -8.635  1.00 16.32 ? 169  HIS B CB  1 
ATOM   1293 C CG  . HIS B 1 69 ? -15.428 -5.782  -9.741  1.00 16.99 ? 169  HIS B CG  1 
ATOM   1294 N ND1 . HIS B 1 69 ? -16.086 -4.582  -9.577  1.00 20.52 ? 169  HIS B ND1 1 
ATOM   1295 C CD2 . HIS B 1 69 ? -15.017 -5.815  -11.030 1.00 16.76 ? 169  HIS B CD2 1 
ATOM   1296 C CE1 . HIS B 1 69 ? -16.073 -3.917  -10.719 1.00 19.26 ? 169  HIS B CE1 1 
ATOM   1297 N NE2 . HIS B 1 69 ? -15.431 -4.644  -11.616 1.00 20.09 ? 169  HIS B NE2 1 
ATOM   1298 N N   . LYS B 1 70 ? -16.824 -9.710  -7.713  1.00 14.83 ? 170  LYS B N   1 
ATOM   1299 C CA  . LYS B 1 70 ? -16.645 -10.942 -6.963  1.00 15.29 ? 170  LYS B CA  1 
ATOM   1300 C C   . LYS B 1 70 ? -15.271 -11.567 -7.146  1.00 14.04 ? 170  LYS B C   1 
ATOM   1301 O O   . LYS B 1 70 ? -14.731 -11.617 -8.253  1.00 14.71 ? 170  LYS B O   1 
ATOM   1302 C CB  . LYS B 1 70 ? -17.730 -11.951 -7.348  1.00 18.78 ? 170  LYS B CB  1 
ATOM   1303 C CG  . LYS B 1 70 ? -19.128 -11.527 -6.926  1.00 22.88 ? 170  LYS B CG  1 
ATOM   1304 C CD  . LYS B 1 70 ? -20.172 -12.570 -7.291  1.00 26.88 ? 170  LYS B CD  1 
ATOM   1305 C CE  . LYS B 1 70 ? -21.548 -12.157 -6.792  1.00 28.30 ? 170  LYS B CE  1 
ATOM   1306 N NZ  . LYS B 1 70 ? -22.596 -13.165 -7.133  1.00 32.12 ? 170  LYS B NZ  1 
ATOM   1307 N N   . ALA B 1 71 ? -14.712 -12.034 -6.035  1.00 11.45 ? 171  ALA B N   1 
ATOM   1308 C CA  . ALA B 1 71 ? -13.415 -12.685 -6.025  1.00 9.93  ? 171  ALA B CA  1 
ATOM   1309 C C   . ALA B 1 71 ? -13.489 -13.850 -5.048  1.00 9.50  ? 171  ALA B C   1 
ATOM   1310 O O   . ALA B 1 71 ? -14.362 -13.892 -4.180  1.00 10.27 ? 171  ALA B O   1 
ATOM   1311 C CB  . ALA B 1 71 ? -12.330 -11.702 -5.587  1.00 10.77 ? 171  ALA B CB  1 
ATOM   1312 N N   . ILE B 1 72 ? -12.590 -14.810 -5.212  1.00 8.07  ? 172  ILE B N   1 
ATOM   1313 C CA  . ILE B 1 72 ? -12.531 -15.958 -4.320  1.00 7.45  ? 172  ILE B CA  1 
ATOM   1314 C C   . ILE B 1 72 ? -11.059 -16.237 -4.125  1.00 6.80  ? 172  ILE B C   1 
ATOM   1315 O O   . ILE B 1 72 ? -10.376 -16.693 -5.040  1.00 9.43  ? 172  ILE B O   1 
ATOM   1316 C CB  . ILE B 1 72 ? -13.209 -17.209 -4.919  1.00 7.40  ? 172  ILE B CB  1 
ATOM   1317 C CG1 . ILE B 1 72 ? -14.667 -16.896 -5.261  1.00 7.39  ? 172  ILE B CG1 1 
ATOM   1318 C CG2 . ILE B 1 72 ? -13.154 -18.355 -3.906  1.00 7.90  ? 172  ILE B CG2 1 
ATOM   1319 C CD1 . ILE B 1 72 ? -15.428 -18.085 -5.840  1.00 8.00  ? 172  ILE B CD1 1 
ATOM   1320 N N   . GLY B 1 73 ? -10.555 -15.940 -2.935  1.00 7.30  ? 173  GLY B N   1 
ATOM   1321 C CA  . GLY B 1 73 ? -9.145  -16.161 -2.701  1.00 8.02  ? 173  GLY B CA  1 
ATOM   1322 C C   . GLY B 1 73 ? -8.748  -16.180 -1.247  1.00 8.78  ? 173  GLY B C   1 
ATOM   1323 O O   . GLY B 1 73 ? -9.582  -16.323 -0.351  1.00 9.05  ? 173  GLY B O   1 
ATOM   1324 N N   . THR B 1 74 ? -7.450  -16.027 -1.021  1.00 7.65  ? 174  THR B N   1 
ATOM   1325 C CA  . THR B 1 74 ? -6.898  -16.056 0.323   1.00 7.76  ? 174  THR B CA  1 
ATOM   1326 C C   . THR B 1 74 ? -7.110  -14.761 1.083   1.00 7.35  ? 174  THR B C   1 
ATOM   1327 O O   . THR B 1 74 ? -6.812  -13.670 0.591   1.00 6.71  ? 174  THR B O   1 
ATOM   1328 C CB  . THR B 1 74 ? -5.398  -16.377 0.278   1.00 8.02  ? 174  THR B CB  1 
ATOM   1329 O OG1 . THR B 1 74 ? -5.211  -17.650 -0.348  1.00 11.89 ? 174  THR B OG1 1 
ATOM   1330 C CG2 . THR B 1 74 ? -4.819  -16.416 1.680   1.00 7.82  ? 174  THR B CG2 1 
ATOM   1331 N N   . VAL B 1 75 ? -7.630  -14.900 2.295   1.00 6.28  ? 175  VAL B N   1 
ATOM   1332 C CA  . VAL B 1 75 ? -7.896  -13.765 3.163   1.00 8.48  ? 175  VAL B CA  1 
ATOM   1333 C C   . VAL B 1 75 ? -7.219  -14.030 4.500   1.00 8.19  ? 175  VAL B C   1 
ATOM   1334 O O   . VAL B 1 75 ? -7.425  -15.082 5.106   1.00 8.78  ? 175  VAL B O   1 
ATOM   1335 C CB  . VAL B 1 75 ? -9.409  -13.596 3.398   1.00 7.81  ? 175  VAL B CB  1 
ATOM   1336 C CG1 . VAL B 1 75 ? -9.666  -12.532 4.452   1.00 9.45  ? 175  VAL B CG1 1 
ATOM   1337 C CG2 . VAL B 1 75 ? -10.094 -13.219 2.096   1.00 9.37  ? 175  VAL B CG2 1 
ATOM   1338 N N   . LEU B 1 76 ? -6.406  -13.080 4.948   1.00 7.58  ? 176  LEU B N   1 
ATOM   1339 C CA  . LEU B 1 76 ? -5.708  -13.211 6.219   1.00 7.62  ? 176  LEU B CA  1 
ATOM   1340 C C   . LEU B 1 76 ? -6.488  -12.424 7.267   1.00 8.82  ? 176  LEU B C   1 
ATOM   1341 O O   . LEU B 1 76 ? -7.096  -11.395 6.959   1.00 8.92  ? 176  LEU B O   1 
ATOM   1342 C CB  . LEU B 1 76 ? -4.283  -12.658 6.106   1.00 7.32  ? 176  LEU B CB  1 
ATOM   1343 C CG  . LEU B 1 76 ? -3.442  -13.162 4.930   1.00 5.81  ? 176  LEU B CG  1 
ATOM   1344 C CD1 . LEU B 1 76 ? -2.075  -12.490 4.950   1.00 8.53  ? 176  LEU B CD1 1 
ATOM   1345 C CD2 . LEU B 1 76 ? -3.295  -14.674 5.006   1.00 7.37  ? 176  LEU B CD2 1 
ATOM   1346 N N   . VAL B 1 77 ? -6.482  -12.919 8.500   1.00 7.72  ? 177  VAL B N   1 
ATOM   1347 C CA  . VAL B 1 77 ? -7.191  -12.253 9.587   1.00 8.19  ? 177  VAL B CA  1 
ATOM   1348 C C   . VAL B 1 77 ? -6.231  -12.059 10.750  1.00 7.84  ? 177  VAL B C   1 
ATOM   1349 O O   . VAL B 1 77 ? -5.543  -12.992 11.164  1.00 8.27  ? 177  VAL B O   1 
ATOM   1350 C CB  . VAL B 1 77 ? -8.406  -13.083 10.064  1.00 7.28  ? 177  VAL B CB  1 
ATOM   1351 C CG1 . VAL B 1 77 ? -9.116  -12.359 11.202  1.00 7.59  ? 177  VAL B CG1 1 
ATOM   1352 C CG2 . VAL B 1 77 ? -9.369  -13.311 8.908   1.00 10.74 ? 177  VAL B CG2 1 
ATOM   1353 N N   . GLY B 1 78 ? -6.183  -10.838 11.271  1.00 9.28  ? 178  GLY B N   1 
ATOM   1354 C CA  . GLY B 1 78 ? -5.289  -10.552 12.375  1.00 9.85  ? 178  GLY B CA  1 
ATOM   1355 C C   . GLY B 1 78 ? -5.377  -9.113  12.832  1.00 9.82  ? 178  GLY B C   1 
ATOM   1356 O O   . GLY B 1 78 ? -6.233  -8.358  12.362  1.00 9.97  ? 178  GLY B O   1 
ATOM   1357 N N   . PRO B 1 79 ? -4.479  -8.700  13.742  1.00 11.85 ? 179  PRO B N   1 
ATOM   1358 C CA  . PRO B 1 79 ? -4.406  -7.354  14.311  1.00 12.72 ? 179  PRO B CA  1 
ATOM   1359 C C   . PRO B 1 79 ? -3.865  -6.287  13.367  1.00 11.73 ? 179  PRO B C   1 
ATOM   1360 O O   . PRO B 1 79 ? -2.849  -5.651  13.653  1.00 14.12 ? 179  PRO B O   1 
ATOM   1361 C CB  . PRO B 1 79 ? -3.510  -7.554  15.525  1.00 13.43 ? 179  PRO B CB  1 
ATOM   1362 C CG  . PRO B 1 79 ? -2.524  -8.557  15.019  1.00 12.36 ? 179  PRO B CG  1 
ATOM   1363 C CD  . PRO B 1 79 ? -3.409  -9.555  14.293  1.00 12.28 ? 179  PRO B CD  1 
ATOM   1364 N N   . THR B 1 80 ? -4.539  -6.096  12.240  1.00 11.78 ? 180  THR B N   1 
ATOM   1365 C CA  . THR B 1 80 ? -4.116  -5.084  11.281  1.00 9.77  ? 180  THR B CA  1 
ATOM   1366 C C   . THR B 1 80 ? -4.761  -3.750  11.634  1.00 9.60  ? 180  THR B C   1 
ATOM   1367 O O   . THR B 1 80 ? -5.881  -3.706  12.146  1.00 9.82  ? 180  THR B O   1 
ATOM   1368 C CB  . THR B 1 80 ? -4.525  -5.461  9.841   1.00 8.35  ? 180  THR B CB  1 
ATOM   1369 O OG1 . THR B 1 80 ? -4.157  -4.398  8.953   1.00 8.09  ? 180  THR B OG1 1 
ATOM   1370 C CG2 . THR B 1 80 ? -6.025  -5.706  9.749   1.00 10.63 ? 180  THR B CG2 1 
ATOM   1371 N N   . PRO B 1 81 ? -4.059  -2.638  11.369  1.00 10.52 ? 181  PRO B N   1 
ATOM   1372 C CA  . PRO B 1 81 ? -4.578  -1.299  11.664  1.00 11.57 ? 181  PRO B CA  1 
ATOM   1373 C C   . PRO B 1 81 ? -5.857  -0.969  10.900  1.00 11.98 ? 181  PRO B C   1 
ATOM   1374 O O   . PRO B 1 81 ? -6.706  -0.216  11.387  1.00 13.35 ? 181  PRO B O   1 
ATOM   1375 C CB  . PRO B 1 81 ? -3.425  -0.389  11.264  1.00 11.22 ? 181  PRO B CB  1 
ATOM   1376 C CG  . PRO B 1 81 ? -2.228  -1.226  11.517  1.00 14.74 ? 181  PRO B CG  1 
ATOM   1377 C CD  . PRO B 1 81 ? -2.648  -2.566  10.959  1.00 9.53  ? 181  PRO B CD  1 
ATOM   1378 N N   . VAL B 1 82 ? -5.979  -1.525  9.697   1.00 10.33 ? 182  VAL B N   1 
ATOM   1379 C CA  . VAL B 1 82 ? -7.147  -1.310  8.842   1.00 9.50  ? 182  VAL B CA  1 
ATOM   1380 C C   . VAL B 1 82 ? -7.311  -2.500  7.905   1.00 9.06  ? 182  VAL B C   1 
ATOM   1381 O O   . VAL B 1 82 ? -6.362  -3.252  7.689   1.00 8.23  ? 182  VAL B O   1 
ATOM   1382 C CB  . VAL B 1 82 ? -6.992  -0.046  7.957   1.00 12.17 ? 182  VAL B CB  1 
ATOM   1383 C CG1 . VAL B 1 82 ? -6.904  1.203   8.823   1.00 15.41 ? 182  VAL B CG1 1 
ATOM   1384 C CG2 . VAL B 1 82 ? -5.757  -0.180  7.077   1.00 12.29 ? 182  VAL B CG2 1 
ATOM   1385 N N   . ASN B 1 83 ? -8.513  -2.678  7.360   1.00 7.80  ? 183  ASN B N   1 
ATOM   1386 C CA  . ASN B 1 83 ? -8.750  -3.770  6.416   1.00 6.95  ? 183  ASN B CA  1 
ATOM   1387 C C   . ASN B 1 83 ? -7.993  -3.418  5.145   1.00 7.06  ? 183  ASN B C   1 
ATOM   1388 O O   . ASN B 1 83 ? -8.144  -2.320  4.612   1.00 6.89  ? 183  ASN B O   1 
ATOM   1389 C CB  . ASN B 1 83 ? -10.243 -3.920  6.109   1.00 7.49  ? 183  ASN B CB  1 
ATOM   1390 C CG  . ASN B 1 83 ? -11.029 -4.417  7.299   1.00 7.38  ? 183  ASN B CG  1 
ATOM   1391 O OD1 . ASN B 1 83 ? -10.554 -5.261  8.056   1.00 8.80  ? 183  ASN B OD1 1 
ATOM   1392 N ND2 . ASN B 1 83 ? -12.247 -3.907  7.468   1.00 9.31  ? 183  ASN B ND2 1 
ATOM   1393 N N   . ILE B 1 84 ? -7.178  -4.352  4.664   1.00 4.79  ? 184  ILE B N   1 
ATOM   1394 C CA  . ILE B 1 84 ? -6.362  -4.117  3.485   1.00 6.72  ? 184  ILE B CA  1 
ATOM   1395 C C   . ILE B 1 84 ? -6.627  -5.131  2.382   1.00 7.01  ? 184  ILE B C   1 
ATOM   1396 O O   . ILE B 1 84 ? -6.596  -6.336  2.623   1.00 6.81  ? 184  ILE B O   1 
ATOM   1397 C CB  . ILE B 1 84 ? -4.863  -4.188  3.855   1.00 6.22  ? 184  ILE B CB  1 
ATOM   1398 C CG1 . ILE B 1 84 ? -4.517  -3.063  4.828   1.00 7.03  ? 184  ILE B CG1 1 
ATOM   1399 C CG2 . ILE B 1 84 ? -3.999  -4.120  2.591   1.00 10.40 ? 184  ILE B CG2 1 
ATOM   1400 C CD1 . ILE B 1 84 ? -3.149  -3.223  5.483   1.00 7.36  ? 184  ILE B CD1 1 
ATOM   1401 N N   . ILE B 1 85 ? -6.892  -4.632  1.178   1.00 6.98  ? 185  ILE B N   1 
ATOM   1402 C CA  . ILE B 1 85 ? -7.115  -5.492  0.022   1.00 5.69  ? 185  ILE B CA  1 
ATOM   1403 C C   . ILE B 1 85 ? -5.804  -5.452  -0.749  1.00 7.17  ? 185  ILE B C   1 
ATOM   1404 O O   . ILE B 1 85 ? -5.429  -4.406  -1.296  1.00 6.40  ? 185  ILE B O   1 
ATOM   1405 C CB  . ILE B 1 85 ? -8.239  -4.964  -0.891  1.00 7.66  ? 185  ILE B CB  1 
ATOM   1406 C CG1 . ILE B 1 85 ? -9.539  -4.803  -0.095  1.00 7.81  ? 185  ILE B CG1 1 
ATOM   1407 C CG2 . ILE B 1 85 ? -8.455  -5.933  -2.056  1.00 7.68  ? 185  ILE B CG2 1 
ATOM   1408 C CD1 . ILE B 1 85 ? -10.016 -6.066  0.597   1.00 8.94  ? 185  ILE B CD1 1 
ATOM   1409 N N   . GLY B 1 86 ? -5.115  -6.589  -0.780  1.00 5.83  ? 186  GLY B N   1 
ATOM   1410 C CA  . GLY B 1 86 ? -3.830  -6.679  -1.450  1.00 5.94  ? 186  GLY B CA  1 
ATOM   1411 C C   . GLY B 1 86 ? -3.866  -7.158  -2.888  1.00 6.92  ? 186  GLY B C   1 
ATOM   1412 O O   . GLY B 1 86 ? -4.926  -7.459  -3.431  1.00 6.90  ? 186  GLY B O   1 
ATOM   1413 N N   . ARG B 1 87 ? -2.688  -7.241  -3.498  1.00 6.44  ? 187  ARG B N   1 
ATOM   1414 C CA  . ARG B 1 87 ? -2.583  -7.651  -4.893  1.00 6.96  ? 187  ARG B CA  1 
ATOM   1415 C C   . ARG B 1 87 ? -3.194  -9.004  -5.225  1.00 6.28  ? 187  ARG B C   1 
ATOM   1416 O O   . ARG B 1 87 ? -3.638  -9.209  -6.350  1.00 8.13  ? 187  ARG B O   1 
ATOM   1417 C CB  . ARG B 1 87 ? -1.116  -7.624  -5.354  1.00 6.23  ? 187  ARG B CB  1 
ATOM   1418 C CG  . ARG B 1 87 ? -0.506  -6.228  -5.387  1.00 6.12  ? 187  ARG B CG  1 
ATOM   1419 C CD  . ARG B 1 87 ? 0.880   -6.194  -6.036  1.00 8.11  ? 187  ARG B CD  1 
ATOM   1420 N NE  . ARG B 1 87 ? 1.847   -7.010  -5.308  1.00 8.83  ? 187  ARG B NE  1 
ATOM   1421 C CZ  . ARG B 1 87 ? 2.188   -8.253  -5.636  1.00 9.58  ? 187  ARG B CZ  1 
ATOM   1422 N NH1 . ARG B 1 87 ? 1.656   -8.842  -6.701  1.00 7.36  ? 187  ARG B NH1 1 
ATOM   1423 N NH2 . ARG B 1 87 ? 3.043   -8.920  -4.874  1.00 10.67 ? 187  ARG B NH2 1 
ATOM   1424 N N   . ASN B 1 88 ? -3.232  -9.929  -4.268  1.00 6.12  ? 188  ASN B N   1 
ATOM   1425 C CA  . ASN B 1 88 ? -3.803  -11.236 -4.570  1.00 7.77  ? 188  ASN B CA  1 
ATOM   1426 C C   . ASN B 1 88 ? -5.250  -11.090 -5.038  1.00 8.12  ? 188  ASN B C   1 
ATOM   1427 O O   . ASN B 1 88 ? -5.712  -11.847 -5.893  1.00 7.91  ? 188  ASN B O   1 
ATOM   1428 C CB  . ASN B 1 88 ? -3.703  -12.177 -3.357  1.00 8.09  ? 188  ASN B CB  1 
ATOM   1429 C CG  . ASN B 1 88 ? -4.652  -11.805 -2.240  1.00 8.09  ? 188  ASN B CG  1 
ATOM   1430 O OD1 . ASN B 1 88 ? -4.627  -10.687 -1.737  1.00 8.01  ? 188  ASN B OD1 1 
ATOM   1431 N ND2 . ASN B 1 88 ? -5.493  -12.752 -1.842  1.00 8.00  ? 188  ASN B ND2 1 
ATOM   1432 N N   . LEU B 1 89 ? -5.963  -10.103 -4.499  1.00 7.36  ? 189  LEU B N   1 
ATOM   1433 C CA  . LEU B 1 89 ? -7.344  -9.883  -4.904  1.00 7.75  ? 189  LEU B CA  1 
ATOM   1434 C C   . LEU B 1 89 ? -7.476  -8.747  -5.914  1.00 7.87  ? 189  LEU B C   1 
ATOM   1435 O O   . LEU B 1 89 ? -8.400  -8.743  -6.726  1.00 8.10  ? 189  LEU B O   1 
ATOM   1436 C CB  . LEU B 1 89 ? -8.231  -9.604  -3.682  1.00 8.22  ? 189  LEU B CB  1 
ATOM   1437 C CG  . LEU B 1 89 ? -8.308  -10.753 -2.670  1.00 8.98  ? 189  LEU B CG  1 
ATOM   1438 C CD1 . LEU B 1 89 ? -9.312  -10.398 -1.581  1.00 9.83  ? 189  LEU B CD1 1 
ATOM   1439 C CD2 . LEU B 1 89 ? -8.714  -12.047 -3.371  1.00 10.05 ? 189  LEU B CD2 1 
ATOM   1440 N N   . LEU B 1 90 ? -6.564  -7.779  -5.875  1.00 8.01  ? 190  LEU B N   1 
ATOM   1441 C CA  . LEU B 1 90 ? -6.646  -6.685  -6.836  1.00 8.09  ? 190  LEU B CA  1 
ATOM   1442 C C   . LEU B 1 90 ? -6.487  -7.251  -8.251  1.00 9.16  ? 190  LEU B C   1 
ATOM   1443 O O   . LEU B 1 90 ? -7.120  -6.771  -9.194  1.00 8.76  ? 190  LEU B O   1 
ATOM   1444 C CB  . LEU B 1 90 ? -5.578  -5.626  -6.548  1.00 7.98  ? 190  LEU B CB  1 
ATOM   1445 C CG  . LEU B 1 90 ? -5.738  -4.884  -5.212  1.00 5.85  ? 190  LEU B CG  1 
ATOM   1446 C CD1 . LEU B 1 90 ? -4.558  -3.944  -5.007  1.00 8.10  ? 190  LEU B CD1 1 
ATOM   1447 C CD2 . LEU B 1 90 ? -7.056  -4.108  -5.195  1.00 7.57  ? 190  LEU B CD2 1 
ATOM   1448 N N   . THR B 1 91 ? -5.660  -8.285  -8.394  1.00 9.07  ? 191  THR B N   1 
ATOM   1449 C CA  . THR B 1 91 ? -5.466  -8.906  -9.701  1.00 9.13  ? 191  THR B CA  1 
ATOM   1450 C C   . THR B 1 91 ? -6.739  -9.630  -10.132 1.00 9.19  ? 191  THR B C   1 
ATOM   1451 O O   . THR B 1 91 ? -7.081  -9.643  -11.313 1.00 10.53 ? 191  THR B O   1 
ATOM   1452 C CB  . THR B 1 91 ? -4.307  -9.933  -9.702  1.00 9.56  ? 191  THR B CB  1 
ATOM   1453 O OG1 . THR B 1 91 ? -4.491  -10.869 -8.636  1.00 10.16 ? 191  THR B OG1 1 
ATOM   1454 C CG2 . THR B 1 91 ? -2.961  -9.233  -9.559  1.00 9.21  ? 191  THR B CG2 1 
ATOM   1455 N N   . GLN B 1 92 ? -7.444  -10.236 -9.179  1.00 8.79  ? 192  GLN B N   1 
ATOM   1456 C CA  . GLN B 1 92 ? -8.674  -10.946 -9.516  1.00 8.71  ? 192  GLN B CA  1 
ATOM   1457 C C   . GLN B 1 92 ? -9.762  -10.034 -10.064 1.00 10.19 ? 192  GLN B C   1 
ATOM   1458 O O   . GLN B 1 92 ? -10.547 -10.451 -10.915 1.00 12.66 ? 192  GLN B O   1 
ATOM   1459 C CB  . GLN B 1 92 ? -9.216  -11.711 -8.308  1.00 10.05 ? 192  GLN B CB  1 
ATOM   1460 C CG  . GLN B 1 92 ? -8.493  -13.011 -8.044  1.00 9.48  ? 192  GLN B CG  1 
ATOM   1461 C CD  . GLN B 1 92 ? -9.307  -13.961 -7.200  1.00 10.24 ? 192  GLN B CD  1 
ATOM   1462 O OE1 . GLN B 1 92 ? -10.535 -13.950 -7.249  1.00 11.21 ? 192  GLN B OE1 1 
ATOM   1463 N NE2 . GLN B 1 92 ? -8.627  -14.807 -6.440  1.00 10.03 ? 192  GLN B NE2 1 
ATOM   1464 N N   . ILE B 1 93 ? -9.815  -8.792  -9.590  1.00 10.06 ? 193  ILE B N   1 
ATOM   1465 C CA  . ILE B 1 93 ? -10.836 -7.869  -10.073 1.00 11.16 ? 193  ILE B CA  1 
ATOM   1466 C C   . ILE B 1 93 ? -10.366 -7.028  -11.259 1.00 11.93 ? 193  ILE B C   1 
ATOM   1467 O O   . ILE B 1 93 ? -11.076 -6.124  -11.708 1.00 12.17 ? 193  ILE B O   1 
ATOM   1468 C CB  . ILE B 1 93 ? -11.344 -6.938  -8.945  1.00 11.63 ? 193  ILE B CB  1 
ATOM   1469 C CG1 . ILE B 1 93 ? -10.206 -6.063  -8.421  1.00 12.50 ? 193  ILE B CG1 1 
ATOM   1470 C CG2 . ILE B 1 93 ? -11.936 -7.779  -7.817  1.00 12.69 ? 193  ILE B CG2 1 
ATOM   1471 C CD1 . ILE B 1 93 ? -10.657 -5.040  -7.389  1.00 15.23 ? 193  ILE B CD1 1 
ATOM   1472 N N   . GLY B 1 94 ? -9.168  -7.330  -11.756 1.00 11.69 ? 194  GLY B N   1 
ATOM   1473 C CA  . GLY B 1 94 ? -8.619  -6.630  -12.908 1.00 12.08 ? 194  GLY B CA  1 
ATOM   1474 C C   . GLY B 1 94 ? -8.105  -5.226  -12.665 1.00 12.38 ? 194  GLY B C   1 
ATOM   1475 O O   . GLY B 1 94 ? -8.136  -4.386  -13.563 1.00 13.75 ? 194  GLY B O   1 
ATOM   1476 N N   . CYS B 1 95 ? -7.606  -4.973  -11.461 1.00 11.69 ? 195  CYS B N   1 
ATOM   1477 C CA  . CYS B 1 95 ? -7.108  -3.649  -11.105 1.00 11.15 ? 195  CYS B CA  1 
ATOM   1478 C C   . CYS B 1 95 ? -5.684  -3.371  -11.585 1.00 10.68 ? 195  CYS B C   1 
ATOM   1479 O O   . CYS B 1 95 ? -4.817  -4.248  -11.548 1.00 11.13 ? 195  CYS B O   1 
ATOM   1480 C CB  . CYS B 1 95 ? -7.182  -3.473  -9.585  1.00 13.21 ? 195  CYS B CB  1 
ATOM   1481 S SG  . CYS B 1 95 ? -6.844  -1.806  -8.996  1.00 17.23 ? 195  CYS B SG  1 
ATOM   1482 N N   . THR B 1 96 ? -5.453  -2.144  -12.041 1.00 10.42 ? 196  THR B N   1 
ATOM   1483 C CA  . THR B 1 96 ? -4.130  -1.738  -12.506 1.00 10.28 ? 196  THR B CA  1 
ATOM   1484 C C   . THR B 1 96 ? -3.864  -0.297  -12.092 1.00 8.98  ? 196  THR B C   1 
ATOM   1485 O O   . THR B 1 96 ? -4.786  0.427   -11.719 1.00 10.38 ? 196  THR B O   1 
ATOM   1486 C CB  . THR B 1 96 ? -3.997  -1.803  -14.048 1.00 11.24 ? 196  THR B CB  1 
ATOM   1487 O OG1 . THR B 1 96 ? -4.910  -0.878  -14.647 1.00 11.93 ? 196  THR B OG1 1 
ATOM   1488 C CG2 . THR B 1 96 ? -4.288  -3.203  -14.561 1.00 13.03 ? 196  THR B CG2 1 
ATOM   1489 N N   . LEU B 1 97 ? -2.596  0.102   -12.141 1.00 8.96  ? 197  LEU B N   1 
ATOM   1490 C CA  . LEU B 1 97 ? -2.206  1.473   -11.831 1.00 8.83  ? 197  LEU B CA  1 
ATOM   1491 C C   . LEU B 1 97 ? -1.964  2.135   -13.177 1.00 9.06  ? 197  LEU B C   1 
ATOM   1492 O O   . LEU B 1 97 ? -1.396  1.520   -14.080 1.00 10.36 ? 197  LEU B O   1 
ATOM   1493 C CB  . LEU B 1 97 ? -0.925  1.513   -10.997 1.00 9.53  ? 197  LEU B CB  1 
ATOM   1494 C CG  . LEU B 1 97 ? -1.070  1.169   -9.514  1.00 11.02 ? 197  LEU B CG  1 
ATOM   1495 C CD1 . LEU B 1 97 ? 0.308   1.078   -8.883  1.00 9.57  ? 197  LEU B CD1 1 
ATOM   1496 C CD2 . LEU B 1 97 ? -1.923  2.225   -8.816  1.00 11.87 ? 197  LEU B CD2 1 
ATOM   1497 N N   . ASN B 1 98 ? -2.396  3.384   -13.311 1.00 8.26  ? 198  ASN B N   1 
ATOM   1498 C CA  . ASN B 1 98 ? -2.249  4.104   -14.569 1.00 10.03 ? 198  ASN B CA  1 
ATOM   1499 C C   . ASN B 1 98 ? -1.880  5.573   -14.383 1.00 10.80 ? 198  ASN B C   1 
ATOM   1500 O O   . ASN B 1 98 ? -2.383  6.239   -13.482 1.00 10.22 ? 198  ASN B O   1 
ATOM   1501 C CB  . ASN B 1 98 ? -3.566  4.032   -15.349 1.00 8.83  ? 198  ASN B CB  1 
ATOM   1502 C CG  . ASN B 1 98 ? -3.959  2.614   -15.696 1.00 12.61 ? 198  ASN B CG  1 
ATOM   1503 O OD1 . ASN B 1 98 ? -3.668  2.125   -16.789 1.00 14.83 ? 198  ASN B OD1 1 
ATOM   1504 N ND2 . ASN B 1 98 ? -4.611  1.938   -14.761 1.00 8.59  ? 198  ASN B ND2 1 
ATOM   1505 N N   . PHE B 1 99 ? -1.000  6.070   -15.245 1.00 12.20 ? 199  PHE B N   1 
ATOM   1506 C CA  . PHE B 1 99 ? -0.613  7.477   -15.212 1.00 14.29 ? 199  PHE B CA  1 
ATOM   1507 C C   . PHE B 1 99 ? 0.082   7.860   -16.512 1.00 15.33 ? 199  PHE B C   1 
ATOM   1508 O O   . PHE B 1 99 ? 0.490   9.033   -16.652 1.00 16.99 ? 199  PHE B O   1 
ATOM   1509 C CB  . PHE B 1 99 ? 0.285   7.804   -14.002 1.00 13.86 ? 199  PHE B CB  1 
ATOM   1510 C CG  . PHE B 1 99 ? 1.583   7.042   -13.958 1.00 18.11 ? 199  PHE B CG  1 
ATOM   1511 C CD1 . PHE B 1 99 ? 1.649   5.783   -13.372 1.00 18.08 ? 199  PHE B CD1 1 
ATOM   1512 C CD2 . PHE B 1 99 ? 2.750   7.603   -14.472 1.00 18.74 ? 199  PHE B CD2 1 
ATOM   1513 C CE1 . PHE B 1 99 ? 2.860   5.092   -13.294 1.00 18.82 ? 199  PHE B CE1 1 
ATOM   1514 C CE2 . PHE B 1 99 ? 3.966   6.922   -14.402 1.00 18.03 ? 199  PHE B CE2 1 
ATOM   1515 C CZ  . PHE B 1 99 ? 4.021   5.664   -13.810 1.00 19.01 ? 199  PHE B CZ  1 
ATOM   1516 O OXT . PHE B 1 99 ? 0.186   6.975   -17.387 1.00 15.39 ? 199  PHE B OXT 1 
HETATM 1517 C C1  . 4AH C 2 .  ? 2.191   -1.503  3.129   1.00 14.90 ? 1200 4AH B C1  1 
HETATM 1518 C C2  . 4AH C 2 .  ? 2.291   -2.959  3.733   1.00 14.88 ? 1200 4AH B C2  1 
HETATM 1519 O O3  . 4AH C 2 .  ? 2.251   -3.128  4.969   1.00 15.04 ? 1200 4AH B O3  1 
HETATM 1520 N N4  . 4AH C 2 .  ? 2.464   -4.025  2.928   1.00 14.18 ? 1200 4AH B N4  1 
HETATM 1521 C C5  . 4AH C 2 .  ? 2.606   -5.393  3.459   1.00 10.74 ? 1200 4AH B C5  1 
HETATM 1522 C C6  . 4AH C 2 .  ? 1.335   -6.171  3.652   1.00 11.29 ? 1200 4AH B C6  1 
HETATM 1523 C C7  . 4AH C 2 .  ? 0.034   -5.702  4.026   1.00 11.98 ? 1200 4AH B C7  1 
HETATM 1524 C C8  . 4AH C 2 .  ? -1.023  -6.673  4.137   1.00 13.56 ? 1200 4AH B C8  1 
HETATM 1525 C C9  . 4AH C 2 .  ? -0.761  -8.064  3.880   1.00 14.71 ? 1200 4AH B C9  1 
HETATM 1526 C C10 . 4AH C 2 .  ? 0.551   -8.511  3.510   1.00 14.76 ? 1200 4AH B C10 1 
HETATM 1527 C C11 . 4AH C 2 .  ? 1.583   -7.538  3.403   1.00 13.46 ? 1200 4AH B C11 1 
HETATM 1528 C C12 . 4AH C 2 .  ? 3.031   -7.763  3.030   1.00 13.68 ? 1200 4AH B C12 1 
HETATM 1529 C C13 . 4AH C 2 .  ? 3.507   -6.349  2.611   1.00 11.81 ? 1200 4AH B C13 1 
HETATM 1530 O O14 . 4AH C 2 .  ? 3.239   -6.263  1.218   1.00 10.55 ? 1200 4AH B O14 1 
HETATM 1531 C C24 . 4AH C 2 .  ? 3.564   -0.758  3.269   1.00 16.02 ? 1200 4AH B C24 1 
HETATM 1532 C C25 . 4AH C 2 .  ? 4.812   -1.618  3.096   1.00 17.29 ? 1200 4AH B C25 1 
HETATM 1533 C C26 . 4AH C 2 .  ? 5.606   -1.965  4.246   1.00 16.59 ? 1200 4AH B C26 1 
HETATM 1534 C C27 . 4AH C 2 .  ? 6.763   -2.787  4.102   1.00 20.54 ? 1200 4AH B C27 1 
HETATM 1535 C C28 . 4AH C 2 .  ? 7.134   -3.269  2.806   1.00 22.86 ? 1200 4AH B C28 1 
HETATM 1536 C C29 . 4AH C 2 .  ? 6.348   -2.925  1.656   1.00 21.96 ? 1200 4AH B C29 1 
HETATM 1537 C C30 . 4AH C 2 .  ? 5.189   -2.102  1.797   1.00 19.63 ? 1200 4AH B C30 1 
HETATM 1538 O O36 . 4AH C 2 .  ? 1.882   -1.536  1.732   1.00 16.30 ? 1200 4AH B O36 1 
HETATM 1539 C C41 . 4AH C 2 .  ? 1.042   -1.065  4.091   1.00 17.82 ? 1200 4AH B C41 1 
HETATM 1540 N N42 . 4AH C 2 .  ? 0.299   0.143   4.292   1.00 19.36 ? 1200 4AH B N42 1 
HETATM 1541 N N43 . 4AH C 2 .  ? 0.907   1.357   4.500   1.00 13.35 ? 1200 4AH B N43 1 
HETATM 1542 C C44 . 4AH C 2 .  ? -0.942  -0.366  4.916   1.00 16.08 ? 1200 4AH B C44 1 
HETATM 1543 C C45 . 4AH C 2 .  ? 1.711   1.858   5.459   1.00 16.61 ? 1200 4AH B C45 1 
HETATM 1544 O O46 . 4AH C 2 .  ? 2.322   1.151   6.276   1.00 14.15 ? 1200 4AH B O46 1 
HETATM 1545 C C47 . 4AH C 2 .  ? 1.808   3.396   5.468   1.00 14.10 ? 1200 4AH B C47 1 
HETATM 1546 C C48 . 4AH C 2 .  ? 3.227   4.061   5.520   1.00 14.07 ? 1200 4AH B C48 1 
HETATM 1547 C C49 . 4AH C 2 .  ? 3.154   5.611   5.459   1.00 15.09 ? 1200 4AH B C49 1 
HETATM 1548 C C50 . 4AH C 2 .  ? 4.143   3.606   4.372   1.00 14.28 ? 1200 4AH B C50 1 
HETATM 1549 N N51 . 4AH C 2 .  ? 1.006   3.893   6.599   1.00 14.86 ? 1200 4AH B N51 1 
HETATM 1550 C C54 . 4AH C 2 .  ? -0.072  4.689   6.506   1.00 16.71 ? 1200 4AH B C54 1 
HETATM 1551 O O55 . 4AH C 2 .  ? -0.467  5.065   5.386   1.00 11.09 ? 1200 4AH B O55 1 
HETATM 1552 O O56 . 4AH C 2 .  ? -0.680  5.053   7.659   1.00 16.13 ? 1200 4AH B O56 1 
HETATM 1553 C C78 . 4AH C 2 .  ? -1.391  0.418   6.138   1.00 17.98 ? 1200 4AH B C78 1 
HETATM 1554 C C79 . 4AH C 2 .  ? -2.513  1.296   6.031   1.00 17.37 ? 1200 4AH B C79 1 
HETATM 1555 C C80 . 4AH C 2 .  ? -2.942  2.054   7.163   1.00 19.73 ? 1200 4AH B C80 1 
HETATM 1556 C C81 . 4AH C 2 .  ? -2.247  1.946   8.422   1.00 19.36 ? 1200 4AH B C81 1 
HETATM 1557 C C82 . 4AH C 2 .  ? -0.699  0.296   7.387   1.00 16.85 ? 1200 4AH B C82 1 
HETATM 1558 C C83 . 4AH C 2 .  ? -1.120  1.057   8.521   1.00 17.69 ? 1200 4AH B C83 1 
HETATM 1559 C C91 . 4AH C 2 .  ? -1.821  5.904   7.657   1.00 15.22 ? 1200 4AH B C91 1 
HETATM 1560 C C92 . 4AH C 2 .  ? 3.909   3.724   6.850   1.00 14.43 ? 1200 4AH B C92 1 
HETATM 1561 C C93 . 4AH C 2 .  ? -2.410  3.420   11.984  1.00 24.48 ? 1200 4AH B C93 1 
HETATM 1562 C C94 . 4AH C 2 .  ? -1.995  2.658   10.854  1.00 23.80 ? 1200 4AH B C94 1 
HETATM 1563 C C95 . 4AH C 2 .  ? -2.693  2.747   9.602   1.00 21.24 ? 1200 4AH B C95 1 
HETATM 1564 C C96 . 4AH C 2 .  ? -3.823  3.621   9.507   1.00 21.69 ? 1200 4AH B C96 1 
HETATM 1565 N N97 . 4AH C 2 .  ? -4.235  4.378   10.640  1.00 24.18 ? 1200 4AH B N97 1 
HETATM 1566 C C98 . 4AH C 2 .  ? -3.533  4.284   11.877  1.00 24.53 ? 1200 4AH B C98 1 
HETATM 1567 O O   . HOH D 3 .  ? -0.644  4.878   -20.446 1.00 35.99 ? 2001 HOH A O   1 
HETATM 1568 O O   . HOH D 3 .  ? 2.060   0.703   -20.378 1.00 25.24 ? 2002 HOH A O   1 
HETATM 1569 O O   . HOH D 3 .  ? 3.800   -1.069  -17.695 1.00 40.63 ? 2003 HOH A O   1 
HETATM 1570 O O   . HOH D 3 .  ? -1.696  -4.184  -18.920 1.00 32.87 ? 2004 HOH A O   1 
HETATM 1571 O O   . HOH D 3 .  ? 0.956   -3.478  -18.248 1.00 31.37 ? 2005 HOH A O   1 
HETATM 1572 O O   . HOH D 3 .  ? 3.930   -4.549  -11.228 1.00 19.36 ? 2006 HOH A O   1 
HETATM 1573 O O   . HOH D 3 .  ? 2.546   -7.148  -12.895 1.00 28.06 ? 2007 HOH A O   1 
HETATM 1574 O O   . HOH D 3 .  ? -3.122  -6.229  -12.459 1.00 12.64 ? 2008 HOH A O   1 
HETATM 1575 O O   . HOH D 3 .  ? 5.510   -13.211 -11.300 1.00 32.32 ? 2009 HOH A O   1 
HETATM 1576 O O   . HOH D 3 .  ? 6.966   -6.032  -0.799  1.00 30.99 ? 2010 HOH A O   1 
HETATM 1577 O O   . HOH D 3 .  ? 6.737   -9.345  -7.123  1.00 14.50 ? 2011 HOH A O   1 
HETATM 1578 O O   . HOH D 3 .  ? 8.236   -6.190  -9.493  1.00 23.25 ? 2012 HOH A O   1 
HETATM 1579 O O   . HOH D 3 .  ? 10.512  -6.977  -4.630  1.00 27.91 ? 2013 HOH A O   1 
HETATM 1580 O O   . HOH D 3 .  ? 10.817  3.207   -13.698 1.00 30.30 ? 2014 HOH A O   1 
HETATM 1581 O O   . HOH D 3 .  ? 12.139  0.097   -12.865 1.00 38.85 ? 2015 HOH A O   1 
HETATM 1582 O O   . HOH D 3 .  ? 14.894  14.560  -8.469  1.00 47.25 ? 2016 HOH A O   1 
HETATM 1583 O O   . HOH D 3 .  ? 22.314  9.817   0.577   1.00 20.58 ? 2017 HOH A O   1 
HETATM 1584 O O   . HOH D 3 .  ? 16.643  5.553   0.095   1.00 22.81 ? 2018 HOH A O   1 
HETATM 1585 O O   . HOH D 3 .  ? 13.551  -0.376  -10.238 1.00 42.03 ? 2019 HOH A O   1 
HETATM 1586 O O   . HOH D 3 .  ? -3.825  5.164   1.368   1.00 8.09  ? 2020 HOH A O   1 
HETATM 1587 O O   . HOH D 3 .  ? -3.208  4.690   4.034   1.00 14.87 ? 2021 HOH A O   1 
HETATM 1588 O O   . HOH D 3 .  ? -1.399  11.624  1.322   1.00 19.96 ? 2022 HOH A O   1 
HETATM 1589 O O   . HOH D 3 .  ? -1.019  9.702   7.923   1.00 17.88 ? 2023 HOH A O   1 
HETATM 1590 O O   . HOH D 3 .  ? 3.374   13.138  3.678   1.00 18.73 ? 2024 HOH A O   1 
HETATM 1591 O O   . HOH D 3 .  ? -0.172  11.939  5.853   1.00 23.37 ? 2025 HOH A O   1 
HETATM 1592 O O   . HOH D 3 .  ? 1.211   8.075   7.785   1.00 20.29 ? 2026 HOH A O   1 
HETATM 1593 O O   . HOH D 3 .  ? 17.563  2.764   -1.468  1.00 25.01 ? 2027 HOH A O   1 
HETATM 1594 O O   . HOH D 3 .  ? 17.128  4.677   10.178  1.00 20.90 ? 2028 HOH A O   1 
HETATM 1595 O O   . HOH D 3 .  ? 17.419  2.465   6.192   1.00 14.09 ? 2029 HOH A O   1 
HETATM 1596 O O   . HOH D 3 .  ? 22.730  13.539  5.833   1.00 29.00 ? 2030 HOH A O   1 
HETATM 1597 O O   . HOH D 3 .  ? 19.445  18.474  5.723   1.00 23.58 ? 2031 HOH A O   1 
HETATM 1598 O O   . HOH D 3 .  ? 20.782  21.359  3.695   1.00 33.04 ? 2032 HOH A O   1 
HETATM 1599 O O   . HOH D 3 .  ? 14.229  19.779  3.575   1.00 20.49 ? 2033 HOH A O   1 
HETATM 1600 O O   . HOH D 3 .  ? 9.506   22.427  6.129   1.00 43.39 ? 2034 HOH A O   1 
HETATM 1601 O O   . HOH D 3 .  ? 13.333  21.818  0.501   1.00 24.39 ? 2035 HOH A O   1 
HETATM 1602 O O   . HOH D 3 .  ? 11.543  20.508  5.154   1.00 33.61 ? 2036 HOH A O   1 
HETATM 1603 O O   . HOH D 3 .  ? 12.595  21.851  10.982  1.00 29.46 ? 2037 HOH A O   1 
HETATM 1604 O O   . HOH D 3 .  ? 16.340  20.794  10.533  1.00 24.31 ? 2038 HOH A O   1 
HETATM 1605 O O   . HOH D 3 .  ? 4.113   14.144  6.340   1.00 20.29 ? 2039 HOH A O   1 
HETATM 1606 O O   . HOH D 3 .  ? 0.924   6.434   9.877   1.00 15.98 ? 2040 HOH A O   1 
HETATM 1607 O O   . HOH D 3 .  ? 6.486   -4.544  15.908  1.00 32.75 ? 2041 HOH A O   1 
HETATM 1608 O O   . HOH D 3 .  ? 2.326   -3.267  16.964  1.00 30.30 ? 2042 HOH A O   1 
HETATM 1609 O O   . HOH D 3 .  ? 5.294   0.740   17.577  1.00 29.80 ? 2043 HOH A O   1 
HETATM 1610 O O   . HOH D 3 .  ? 14.065  5.267   13.706  1.00 23.19 ? 2044 HOH A O   1 
HETATM 1611 O O   . HOH D 3 .  ? 11.995  3.583   14.901  1.00 12.44 ? 2045 HOH A O   1 
HETATM 1612 O O   . HOH D 3 .  ? 13.481  11.315  13.405  1.00 28.48 ? 2046 HOH A O   1 
HETATM 1613 O O   . HOH D 3 .  ? 3.672   18.068  9.006   1.00 34.73 ? 2047 HOH A O   1 
HETATM 1614 O O   . HOH D 3 .  ? 3.599   15.446  8.572   1.00 35.88 ? 2048 HOH A O   1 
HETATM 1615 O O   . HOH D 3 .  ? 19.977  14.441  5.391   1.00 25.32 ? 2049 HOH A O   1 
HETATM 1616 O O   . HOH D 3 .  ? 19.420  16.361  7.211   1.00 25.76 ? 2050 HOH A O   1 
HETATM 1617 O O   . HOH D 3 .  ? 5.436   20.531  7.337   1.00 22.74 ? 2051 HOH A O   1 
HETATM 1618 O O   . HOH D 3 .  ? 9.815   19.182  7.868   1.00 16.82 ? 2052 HOH A O   1 
HETATM 1619 O O   . HOH D 3 .  ? 6.305   19.327  1.040   1.00 14.16 ? 2053 HOH A O   1 
HETATM 1620 O O   . HOH D 3 .  ? 14.923  18.851  -3.423  1.00 20.57 ? 2054 HOH A O   1 
HETATM 1621 O O   . HOH D 3 .  ? 15.861  15.621  -5.120  1.00 19.70 ? 2055 HOH A O   1 
HETATM 1622 O O   . HOH D 3 .  ? 7.550   15.650  -15.613 1.00 35.55 ? 2056 HOH A O   1 
HETATM 1623 O O   . HOH D 3 .  ? 3.860   17.318  -10.453 1.00 12.21 ? 2057 HOH A O   1 
HETATM 1624 O O   . HOH D 3 .  ? 4.352   15.207  -13.444 1.00 32.37 ? 2058 HOH A O   1 
HETATM 1625 O O   . HOH D 3 .  ? 3.593   17.569  4.445   1.00 29.41 ? 2059 HOH A O   1 
HETATM 1626 O O   . HOH D 3 .  ? 5.688   11.839  2.602   1.00 9.97  ? 2060 HOH A O   1 
HETATM 1627 O O   . HOH D 3 .  ? 15.903  8.807   9.920   1.00 20.71 ? 2061 HOH A O   1 
HETATM 1628 O O   . HOH D 3 .  ? 12.383  -0.427  11.353  1.00 26.29 ? 2062 HOH A O   1 
HETATM 1629 O O   . HOH D 3 .  ? 15.747  0.215   6.141   1.00 21.20 ? 2063 HOH A O   1 
HETATM 1630 O O   . HOH D 3 .  ? 14.256  -3.064  -0.041  1.00 34.23 ? 2064 HOH A O   1 
HETATM 1631 O O   . HOH D 3 .  ? 13.125  -0.502  -2.319  1.00 24.05 ? 2065 HOH A O   1 
HETATM 1632 O O   . HOH D 3 .  ? -2.767  12.309  -1.232  1.00 19.03 ? 2066 HOH A O   1 
HETATM 1633 O O   . HOH D 3 .  ? -1.623  14.457  -2.558  1.00 10.61 ? 2067 HOH A O   1 
HETATM 1634 O O   . HOH D 3 .  ? -3.888  12.558  -9.616  1.00 12.27 ? 2068 HOH A O   1 
HETATM 1635 O O   . HOH D 3 .  ? 0.632   14.719  -13.769 1.00 21.07 ? 2069 HOH A O   1 
HETATM 1636 O O   . HOH D 3 .  ? 4.223   18.280  -7.913  1.00 11.20 ? 2070 HOH A O   1 
HETATM 1637 O O   . HOH D 3 .  ? -4.570  10.392  -8.049  1.00 13.33 ? 2071 HOH A O   1 
HETATM 1638 O O   . HOH D 3 .  ? -4.597  8.147   -14.455 1.00 19.38 ? 2072 HOH A O   1 
HETATM 1639 O O   . HOH D 3 .  ? -11.103 3.556   -15.490 1.00 26.05 ? 2073 HOH A O   1 
HETATM 1640 O O   . HOH D 3 .  ? -12.407 -5.180  -13.829 1.00 22.00 ? 2074 HOH A O   1 
HETATM 1641 O O   . HOH E 3 .  ? -16.520 1.295   -13.642 1.00 44.36 ? 2001 HOH B O   1 
HETATM 1642 O O   . HOH E 3 .  ? -14.906 5.870   -11.784 1.00 27.76 ? 2002 HOH B O   1 
HETATM 1643 O O   . HOH E 3 .  ? -10.001 11.033  -12.624 1.00 38.77 ? 2003 HOH B O   1 
HETATM 1644 O O   . HOH E 3 .  ? -10.554 13.134  -8.060  1.00 29.28 ? 2004 HOH B O   1 
HETATM 1645 O O   . HOH E 3 .  ? -11.881 8.689   -7.255  1.00 18.62 ? 2005 HOH B O   1 
HETATM 1646 O O   . HOH E 3 .  ? -9.348  10.913  -4.279  1.00 10.47 ? 2006 HOH B O   1 
HETATM 1647 O O   . HOH E 3 .  ? -9.088  7.276   -3.178  1.00 15.00 ? 2007 HOH B O   1 
HETATM 1648 O O   . HOH E 3 .  ? -8.632  4.276   6.983   1.00 25.96 ? 2008 HOH B O   1 
HETATM 1649 O O   . HOH E 3 .  ? -11.327 7.912   1.758   1.00 23.96 ? 2009 HOH B O   1 
HETATM 1650 O O   . HOH E 3 .  ? -9.805  6.747   6.812   1.00 32.94 ? 2010 HOH B O   1 
HETATM 1651 O O   . HOH E 3 .  ? -4.683  7.774   10.341  1.00 34.66 ? 2011 HOH B O   1 
HETATM 1652 O O   . HOH E 3 .  ? -8.127  10.065  3.377   1.00 12.56 ? 2012 HOH B O   1 
HETATM 1653 O O   . HOH E 3 .  ? -12.760 6.252   -0.722  1.00 24.50 ? 2013 HOH B O   1 
HETATM 1654 O O   . HOH E 3 .  ? -17.365 0.947   -2.732  1.00 22.29 ? 2014 HOH B O   1 
HETATM 1655 O O   . HOH E 3 .  ? -25.333 -11.654 0.891   1.00 29.42 ? 2015 HOH B O   1 
HETATM 1656 O O   . HOH E 3 .  ? -19.325 -11.770 -0.618  1.00 22.55 ? 2016 HOH B O   1 
HETATM 1657 O O   . HOH E 3 .  ? -18.616 -11.354 8.004   1.00 21.73 ? 2017 HOH B O   1 
HETATM 1658 O O   . HOH E 3 .  ? -23.797 -12.176 7.643   1.00 20.37 ? 2018 HOH B O   1 
HETATM 1659 O O   . HOH E 3 .  ? -20.878 -12.697 1.380   1.00 17.00 ? 2019 HOH B O   1 
HETATM 1660 O O   . HOH E 3 .  ? -26.282 -10.334 5.043   1.00 13.11 ? 2020 HOH B O   1 
HETATM 1661 O O   . HOH E 3 .  ? -23.463 -5.474  6.658   1.00 19.81 ? 2021 HOH B O   1 
HETATM 1662 O O   . HOH E 3 .  ? -17.692 -9.778  10.187  1.00 18.39 ? 2022 HOH B O   1 
HETATM 1663 O O   . HOH E 3 .  ? -17.215 -5.547  10.436  1.00 24.07 ? 2023 HOH B O   1 
HETATM 1664 O O   . HOH E 3 .  ? -17.950 0.612   3.405   1.00 33.69 ? 2024 HOH B O   1 
HETATM 1665 O O   . HOH E 3 .  ? -10.827 -0.613  7.308   1.00 16.26 ? 2025 HOH B O   1 
HETATM 1666 O O   . HOH E 3 .  ? -15.537 -1.807  8.375   1.00 10.82 ? 2026 HOH B O   1 
HETATM 1667 O O   . HOH E 3 .  ? 2.869   -4.967  -3.693  1.00 9.56  ? 2027 HOH B O   1 
HETATM 1668 O O   . HOH E 3 .  ? 4.546   -5.307  -1.468  1.00 23.37 ? 2028 HOH B O   1 
HETATM 1669 O O   . HOH E 3 .  ? 4.620   -11.664 0.523   1.00 19.49 ? 2029 HOH B O   1 
HETATM 1670 O O   . HOH E 3 .  ? 0.198   -11.629 -4.028  1.00 19.92 ? 2030 HOH B O   1 
HETATM 1671 O O   . HOH E 3 .  ? 2.218   -13.445 -0.573  1.00 32.67 ? 2031 HOH B O   1 
HETATM 1672 O O   . HOH E 3 .  ? 3.268   -11.077 2.708   1.00 27.28 ? 2032 HOH B O   1 
HETATM 1673 O O   . HOH E 3 .  ? -2.290  -13.860 -0.345  1.00 23.09 ? 2033 HOH B O   1 
HETATM 1674 O O   . HOH E 3 .  ? -12.689 -7.549  9.417   1.00 15.96 ? 2034 HOH B O   1 
HETATM 1675 O O   . HOH E 3 .  ? -13.686 -4.903  12.495  1.00 33.31 ? 2035 HOH B O   1 
HETATM 1676 O O   . HOH E 3 .  ? -13.057 -6.905  14.594  1.00 23.27 ? 2036 HOH B O   1 
HETATM 1677 O O   . HOH E 3 .  ? -10.269 -15.363 17.133  1.00 29.25 ? 2037 HOH B O   1 
HETATM 1678 O O   . HOH E 3 .  ? -6.999  -11.111 15.461  1.00 29.49 ? 2038 HOH B O   1 
HETATM 1679 O O   . HOH E 3 .  ? -8.473  -7.071  14.746  1.00 14.22 ? 2039 HOH B O   1 
HETATM 1680 O O   . HOH E 3 .  ? -13.766 -13.874 15.415  1.00 33.01 ? 2040 HOH B O   1 
HETATM 1681 O O   . HOH E 3 .  ? -15.406 -8.173  12.581  1.00 29.04 ? 2041 HOH B O   1 
HETATM 1682 O O   . HOH E 3 .  ? -17.949 -14.083 8.521   1.00 29.28 ? 2042 HOH B O   1 
HETATM 1683 O O   . HOH E 3 .  ? -17.257 -12.070 12.155  1.00 17.40 ? 2043 HOH B O   1 
HETATM 1684 O O   . HOH E 3 .  ? -13.095 -17.892 12.619  1.00 22.29 ? 2044 HOH B O   1 
HETATM 1685 O O   . HOH E 3 .  ? -12.011 -22.014 4.278   1.00 35.88 ? 2045 HOH B O   1 
HETATM 1686 O O   . HOH E 3 .  ? -13.314 -21.594 10.990  1.00 12.80 ? 2046 HOH B O   1 
HETATM 1687 O O   . HOH E 3 .  ? -9.106  -22.171 4.557   1.00 25.82 ? 2047 HOH B O   1 
HETATM 1688 O O   . HOH E 3 .  ? -10.905 -25.619 5.414   1.00 23.84 ? 2048 HOH B O   1 
HETATM 1689 O O   . HOH E 3 .  ? -2.925  -27.850 9.710   1.00 18.20 ? 2049 HOH B O   1 
HETATM 1690 O O   . HOH E 3 .  ? -0.732  -16.089 1.572   1.00 29.69 ? 2050 HOH B O   1 
HETATM 1691 O O   . HOH E 3 .  ? 4.897   -17.130 7.252   1.00 17.66 ? 2051 HOH B O   1 
HETATM 1692 O O   . HOH E 3 .  ? 6.912   -7.956  3.736   1.00 32.62 ? 2052 HOH B O   1 
HETATM 1693 O O   . HOH E 3 .  ? 5.178   -10.114 4.469   1.00 13.01 ? 2053 HOH B O   1 
HETATM 1694 O O   . HOH E 3 .  ? 8.799   -5.745  8.233   1.00 23.92 ? 2054 HOH B O   1 
HETATM 1695 O O   . HOH E 3 .  ? 10.182  -2.118  11.392  1.00 22.32 ? 2055 HOH B O   1 
HETATM 1696 O O   . HOH E 3 .  ? 9.018   -7.666  13.857  1.00 27.61 ? 2056 HOH B O   1 
HETATM 1697 O O   . HOH E 3 .  ? 1.458   -10.668 16.019  1.00 24.33 ? 2057 HOH B O   1 
HETATM 1698 O O   . HOH E 3 .  ? 2.825   -17.460 12.175  1.00 19.25 ? 2058 HOH B O   1 
HETATM 1699 O O   . HOH E 3 .  ? -5.213  -15.276 15.683  1.00 21.32 ? 2059 HOH B O   1 
HETATM 1700 O O   . HOH E 3 .  ? -5.703  -21.970 5.003   1.00 21.88 ? 2060 HOH B O   1 
HETATM 1701 O O   . HOH E 3 .  ? -11.408 -20.110 12.449  1.00 16.02 ? 2061 HOH B O   1 
HETATM 1702 O O   . HOH E 3 .  ? -5.954  -24.685 1.104   1.00 33.82 ? 2062 HOH B O   1 
HETATM 1703 O O   . HOH E 3 .  ? -2.728  -22.679 1.173   1.00 32.50 ? 2063 HOH B O   1 
HETATM 1704 O O   . HOH E 3 .  ? -13.105 -21.623 1.944   1.00 25.36 ? 2064 HOH B O   1 
HETATM 1705 O O   . HOH E 3 .  ? -7.229  -19.003 -1.871  1.00 11.28 ? 2065 HOH B O   1 
HETATM 1706 O O   . HOH E 3 .  ? -16.351 -18.142 1.716   1.00 13.85 ? 2066 HOH B O   1 
HETATM 1707 O O   . HOH E 3 .  ? -17.707 -14.809 2.326   1.00 11.91 ? 2067 HOH B O   1 
HETATM 1708 O O   . HOH E 3 .  ? -23.596 -10.178 -3.727  1.00 25.25 ? 2068 HOH B O   1 
HETATM 1709 O O   . HOH E 3 .  ? -23.551 -6.644  -3.493  1.00 22.25 ? 2069 HOH B O   1 
HETATM 1710 O O   . HOH E 3 .  ? -19.779 -2.976  -9.370  1.00 29.60 ? 2070 HOH B O   1 
HETATM 1711 O O   . HOH E 3 .  ? -18.912 -5.046  -2.577  1.00 22.33 ? 2071 HOH B O   1 
HETATM 1712 O O   . HOH E 3 .  ? -21.465 -15.242 -5.048  1.00 31.99 ? 2072 HOH B O   1 
HETATM 1713 O O   . HOH E 3 .  ? -18.212 -9.703  -10.283 1.00 18.74 ? 2073 HOH B O   1 
HETATM 1714 O O   . HOH E 3 .  ? -10.410 -19.414 -5.594  1.00 9.24  ? 2074 HOH B O   1 
HETATM 1715 O O   . HOH E 3 .  ? -5.481  -15.559 -3.426  1.00 5.25  ? 2075 HOH B O   1 
HETATM 1716 O O   . HOH E 3 .  ? -4.193  -12.794 1.227   1.00 6.75  ? 2076 HOH B O   1 
HETATM 1717 O O   . HOH E 3 .  ? -1.188  -5.284  15.902  1.00 20.85 ? 2077 HOH B O   1 
HETATM 1718 O O   . HOH E 3 .  ? -7.127  -4.818  14.130  1.00 14.19 ? 2078 HOH B O   1 
HETATM 1719 O O   . HOH E 3 .  ? -6.517  2.144   13.052  1.00 25.76 ? 2079 HOH B O   1 
HETATM 1720 O O   . HOH E 3 .  ? -14.120 -4.295  9.731   1.00 14.77 ? 2080 HOH B O   1 
HETATM 1721 O O   . HOH E 3 .  ? 4.095   -11.302 -6.511  1.00 27.13 ? 2081 HOH B O   1 
HETATM 1722 O O   . HOH E 3 .  ? -5.669  -14.607 -6.113  1.00 14.56 ? 2082 HOH B O   1 
HETATM 1723 O O   . HOH E 3 .  ? -5.795  -8.600  -14.162 1.00 39.15 ? 2083 HOH B O   1 
HETATM 1724 O O   . HOH E 3 .  ? -2.710  -13.238 -8.525  1.00 20.17 ? 2084 HOH B O   1 
HETATM 1725 O O   . HOH E 3 .  ? -10.086 -4.578  -15.528 1.00 32.26 ? 2085 HOH B O   1 
HETATM 1726 O O   . HOH E 3 .  ? -7.366  -2.142  -15.400 1.00 18.64 ? 2086 HOH B O   1 
HETATM 1727 O O   . HOH E 3 .  ? -2.898  3.843   -18.981 1.00 16.91 ? 2087 HOH B O   1 
HETATM 1728 O O   . HOH E 3 .  ? -0.073  11.339  -15.573 1.00 26.90 ? 2088 HOH B O   1 
HETATM 1729 O O   . HOH E 3 .  ? 1.780   9.123   -19.211 1.00 30.81 ? 2089 HOH B O   1 
HETATM 1730 O O   . HOH E 3 .  ? -3.211  6.828   -18.432 1.00 42.95 ? 2090 HOH B O   1 
HETATM 1731 O O   . HOH E 3 .  ? 2.928   -1.541  6.876   1.00 8.00  ? 2091 HOH B O   1 
HETATM 1732 O O   . HOH E 3 .  ? -6.871  5.262   10.186  1.00 33.45 ? 2092 HOH B O   1 
# 
loop_
_pdbx_poly_seq_scheme.asym_id 
_pdbx_poly_seq_scheme.entity_id 
_pdbx_poly_seq_scheme.seq_id 
_pdbx_poly_seq_scheme.mon_id 
_pdbx_poly_seq_scheme.ndb_seq_num 
_pdbx_poly_seq_scheme.pdb_seq_num 
_pdbx_poly_seq_scheme.auth_seq_num 
_pdbx_poly_seq_scheme.pdb_mon_id 
_pdbx_poly_seq_scheme.auth_mon_id 
_pdbx_poly_seq_scheme.pdb_strand_id 
_pdbx_poly_seq_scheme.pdb_ins_code 
_pdbx_poly_seq_scheme.hetero 
A 1 1  PRO 1  1   1   PRO PRO A . n 
A 1 2  GLN 2  2   2   GLN GLN A . n 
A 1 3  ILE 3  3   3   ILE ILE A . n 
A 1 4  THR 4  4   4   THR THR A . n 
A 1 5  LEU 5  5   5   LEU LEU A . n 
A 1 6  TRP 6  6   6   TRP TRP A . n 
A 1 7  GLN 7  7   7   GLN GLN A . n 
A 1 8  ARG 8  8   8   ARG ARG A . n 
A 1 9  PRO 9  9   9   PRO PRO A . n 
A 1 10 LEU 10 10  10  LEU LEU A . n 
A 1 11 VAL 11 11  11  VAL VAL A . n 
A 1 12 THR 12 12  12  THR THR A . n 
A 1 13 ILE 13 13  13  ILE ILE A . n 
A 1 14 LYS 14 14  14  LYS LYS A . n 
A 1 15 ILE 15 15  15  ILE ILE A . n 
A 1 16 GLY 16 16  16  GLY GLY A . n 
A 1 17 GLY 17 17  17  GLY GLY A . n 
A 1 18 GLN 18 18  18  GLN GLN A . n 
A 1 19 LEU 19 19  19  LEU LEU A . n 
A 1 20 LYS 20 20  20  LYS LYS A . n 
A 1 21 GLU 21 21  21  GLU GLU A . n 
A 1 22 ALA 22 22  22  ALA ALA A . n 
A 1 23 LEU 23 23  23  LEU LEU A . n 
A 1 24 LEU 24 24  24  LEU LEU A . n 
A 1 25 ASP 25 25  25  ASP ASP A . n 
A 1 26 THR 26 26  26  THR THR A . n 
A 1 27 GLY 27 27  27  GLY GLY A . n 
A 1 28 ALA 28 28  28  ALA ALA A . n 
A 1 29 ASP 29 29  29  ASP ASP A . n 
A 1 30 ASP 30 30  30  ASP ASP A . n 
A 1 31 THR 31 31  31  THR THR A . n 
A 1 32 VAL 32 32  32  VAL VAL A . n 
A 1 33 LEU 33 33  33  LEU LEU A . n 
A 1 34 GLU 34 34  34  GLU GLU A . n 
A 1 35 GLU 35 35  35  GLU GLU A . n 
A 1 36 MET 36 36  36  MET MET A . n 
A 1 37 SER 37 37  37  SER SER A . n 
A 1 38 LEU 38 38  38  LEU LEU A . n 
A 1 39 PRO 39 39  39  PRO PRO A . n 
A 1 40 GLY 40 40  40  GLY GLY A . n 
A 1 41 ARG 41 41  41  ARG ARG A . n 
A 1 42 TRP 42 42  42  TRP TRP A . n 
A 1 43 LYS 43 43  43  LYS LYS A . n 
A 1 44 PRO 44 44  44  PRO PRO A . n 
A 1 45 LYS 45 45  45  LYS LYS A . n 
A 1 46 MET 46 46  46  MET MET A . n 
A 1 47 ILE 47 47  47  ILE ILE A . n 
A 1 48 GLY 48 48  48  GLY GLY A . n 
A 1 49 GLY 49 49  49  GLY GLY A . n 
A 1 50 ILE 50 50  50  ILE ILE A . n 
A 1 51 GLY 51 51  51  GLY GLY A . n 
A 1 52 GLY 52 52  52  GLY GLY A . n 
A 1 53 PHE 53 53  53  PHE PHE A . n 
A 1 54 ILE 54 54  54  ILE ILE A . n 
A 1 55 LYS 55 55  55  LYS LYS A . n 
A 1 56 VAL 56 56  56  VAL VAL A . n 
A 1 57 ARG 57 57  57  ARG ARG A . n 
A 1 58 GLN 58 58  58  GLN GLN A . n 
A 1 59 TYR 59 59  59  TYR TYR A . n 
A 1 60 ASP 60 60  60  ASP ASP A . n 
A 1 61 GLN 61 61  61  GLN GLN A . n 
A 1 62 ILE 62 62  62  ILE ILE A . n 
A 1 63 LEU 63 63  63  LEU LEU A . n 
A 1 64 ILE 64 64  64  ILE ILE A . n 
A 1 65 GLU 65 65  65  GLU GLU A . n 
A 1 66 ILE 66 66  66  ILE ILE A . n 
A 1 67 CYS 67 67  67  CYS CYS A . n 
A 1 68 GLY 68 68  68  GLY GLY A . n 
A 1 69 HIS 69 69  69  HIS HIS A . n 
A 1 70 LYS 70 70  70  LYS LYS A . n 
A 1 71 ALA 71 71  71  ALA ALA A . n 
A 1 72 ILE 72 72  72  ILE ILE A . n 
A 1 73 GLY 73 73  73  GLY GLY A . n 
A 1 74 THR 74 74  74  THR THR A . n 
A 1 75 VAL 75 75  75  VAL VAL A . n 
A 1 76 LEU 76 76  76  LEU LEU A . n 
A 1 77 VAL 77 77  77  VAL VAL A . n 
A 1 78 GLY 78 78  78  GLY GLY A . n 
A 1 79 PRO 79 79  79  PRO PRO A . n 
A 1 80 THR 80 80  80  THR THR A . n 
A 1 81 PRO 81 81  81  PRO PRO A . n 
A 1 82 VAL 82 82  82  VAL VAL A . n 
A 1 83 ASN 83 83  83  ASN ASN A . n 
A 1 84 ILE 84 84  84  ILE ILE A . n 
A 1 85 ILE 85 85  85  ILE ILE A . n 
A 1 86 GLY 86 86  86  GLY GLY A . n 
A 1 87 ARG 87 87  87  ARG ARG A . n 
A 1 88 ASN 88 88  88  ASN ASN A . n 
A 1 89 LEU 89 89  89  LEU LEU A . n 
A 1 90 LEU 90 90  90  LEU LEU A . n 
A 1 91 THR 91 91  91  THR THR A . n 
A 1 92 GLN 92 92  92  GLN GLN A . n 
A 1 93 ILE 93 93  93  ILE ILE A . n 
A 1 94 GLY 94 94  94  GLY GLY A . n 
A 1 95 CYS 95 95  95  CYS CYS A . n 
A 1 96 THR 96 96  96  THR THR A . n 
A 1 97 LEU 97 97  97  LEU LEU A . n 
A 1 98 ASN 98 98  98  ASN ASN A . n 
A 1 99 PHE 99 99  99  PHE PHE A . n 
B 1 1  PRO 1  101 101 PRO PRO B . n 
B 1 2  GLN 2  102 102 GLN GLN B . n 
B 1 3  ILE 3  103 103 ILE ILE B . n 
B 1 4  THR 4  104 104 THR THR B . n 
B 1 5  LEU 5  105 105 LEU LEU B . n 
B 1 6  TRP 6  106 106 TRP TRP B . n 
B 1 7  GLN 7  107 107 GLN GLN B . n 
B 1 8  ARG 8  108 108 ARG ARG B . n 
B 1 9  PRO 9  109 109 PRO PRO B . n 
B 1 10 LEU 10 110 110 LEU LEU B . n 
B 1 11 VAL 11 111 111 VAL VAL B . n 
B 1 12 THR 12 112 112 THR THR B . n 
B 1 13 ILE 13 113 113 ILE ILE B . n 
B 1 14 LYS 14 114 114 LYS LYS B . n 
B 1 15 ILE 15 115 115 ILE ILE B . n 
B 1 16 GLY 16 116 116 GLY GLY B . n 
B 1 17 GLY 17 117 117 GLY GLY B . n 
B 1 18 GLN 18 118 118 GLN GLN B . n 
B 1 19 LEU 19 119 119 LEU LEU B . n 
B 1 20 LYS 20 120 120 LYS LYS B . n 
B 1 21 GLU 21 121 121 GLU GLU B . n 
B 1 22 ALA 22 122 122 ALA ALA B . n 
B 1 23 LEU 23 123 123 LEU LEU B . n 
B 1 24 LEU 24 124 124 LEU LEU B . n 
B 1 25 ASP 25 125 125 ASP ASP B . n 
B 1 26 THR 26 126 126 THR THR B . n 
B 1 27 GLY 27 127 127 GLY GLY B . n 
B 1 28 ALA 28 128 128 ALA ALA B . n 
B 1 29 ASP 29 129 129 ASP ASP B . n 
B 1 30 ASP 30 130 130 ASP ASP B . n 
B 1 31 THR 31 131 131 THR THR B . n 
B 1 32 VAL 32 132 132 VAL VAL B . n 
B 1 33 LEU 33 133 133 LEU LEU B . n 
B 1 34 GLU 34 134 134 GLU GLU B . n 
B 1 35 GLU 35 135 135 GLU GLU B . n 
B 1 36 MET 36 136 136 MET MET B . n 
B 1 37 SER 37 137 137 SER SER B . n 
B 1 38 LEU 38 138 138 LEU LEU B . n 
B 1 39 PRO 39 139 139 PRO PRO B . n 
B 1 40 GLY 40 140 140 GLY GLY B . n 
B 1 41 ARG 41 141 141 ARG ARG B . n 
B 1 42 TRP 42 142 142 TRP TRP B . n 
B 1 43 LYS 43 143 143 LYS LYS B . n 
B 1 44 PRO 44 144 144 PRO PRO B . n 
B 1 45 LYS 45 145 145 LYS LYS B . n 
B 1 46 MET 46 146 146 MET MET B . n 
B 1 47 ILE 47 147 147 ILE ILE B . n 
B 1 48 GLY 48 148 148 GLY GLY B . n 
B 1 49 GLY 49 149 149 GLY GLY B . n 
B 1 50 ILE 50 150 150 ILE ILE B . n 
B 1 51 GLY 51 151 151 GLY GLY B . n 
B 1 52 GLY 52 152 152 GLY GLY B . n 
B 1 53 PHE 53 153 153 PHE PHE B . n 
B 1 54 ILE 54 154 154 ILE ILE B . n 
B 1 55 LYS 55 155 155 LYS LYS B . n 
B 1 56 VAL 56 156 156 VAL VAL B . n 
B 1 57 ARG 57 157 157 ARG ARG B . n 
B 1 58 GLN 58 158 158 GLN GLN B . n 
B 1 59 TYR 59 159 159 TYR TYR B . n 
B 1 60 ASP 60 160 160 ASP ASP B . n 
B 1 61 GLN 61 161 161 GLN GLN B . n 
B 1 62 ILE 62 162 162 ILE ILE B . n 
B 1 63 LEU 63 163 163 LEU LEU B . n 
B 1 64 ILE 64 164 164 ILE ILE B . n 
B 1 65 GLU 65 165 165 GLU GLU B . n 
B 1 66 ILE 66 166 166 ILE ILE B . n 
B 1 67 CYS 67 167 167 CYS CYS B . n 
B 1 68 GLY 68 168 168 GLY GLY B . n 
B 1 69 HIS 69 169 169 HIS HIS B . n 
B 1 70 LYS 70 170 170 LYS LYS B . n 
B 1 71 ALA 71 171 171 ALA ALA B . n 
B 1 72 ILE 72 172 172 ILE ILE B . n 
B 1 73 GLY 73 173 173 GLY GLY B . n 
B 1 74 THR 74 174 174 THR THR B . n 
B 1 75 VAL 75 175 175 VAL VAL B . n 
B 1 76 LEU 76 176 176 LEU LEU B . n 
B 1 77 VAL 77 177 177 VAL VAL B . n 
B 1 78 GLY 78 178 178 GLY GLY B . n 
B 1 79 PRO 79 179 179 PRO PRO B . n 
B 1 80 THR 80 180 180 THR THR B . n 
B 1 81 PRO 81 181 181 PRO PRO B . n 
B 1 82 VAL 82 182 182 VAL VAL B . n 
B 1 83 ASN 83 183 183 ASN ASN B . n 
B 1 84 ILE 84 184 184 ILE ILE B . n 
B 1 85 ILE 85 185 185 ILE ILE B . n 
B 1 86 GLY 86 186 186 GLY GLY B . n 
B 1 87 ARG 87 187 187 ARG ARG B . n 
B 1 88 ASN 88 188 188 ASN ASN B . n 
B 1 89 LEU 89 189 189 LEU LEU B . n 
B 1 90 LEU 90 190 190 LEU LEU B . n 
B 1 91 THR 91 191 191 THR THR B . n 
B 1 92 GLN 92 192 192 GLN GLN B . n 
B 1 93 ILE 93 193 193 ILE ILE B . n 
B 1 94 GLY 94 194 194 GLY GLY B . n 
B 1 95 CYS 95 195 195 CYS CYS B . n 
B 1 96 THR 96 196 196 THR THR B . n 
B 1 97 LEU 97 197 197 LEU LEU B . n 
B 1 98 ASN 98 198 198 ASN ASN B . n 
B 1 99 PHE 99 199 199 PHE PHE B . n 
# 
loop_
_pdbx_nonpoly_scheme.asym_id 
_pdbx_nonpoly_scheme.entity_id 
_pdbx_nonpoly_scheme.mon_id 
_pdbx_nonpoly_scheme.ndb_seq_num 
_pdbx_nonpoly_scheme.pdb_seq_num 
_pdbx_nonpoly_scheme.auth_seq_num 
_pdbx_nonpoly_scheme.pdb_mon_id 
_pdbx_nonpoly_scheme.auth_mon_id 
_pdbx_nonpoly_scheme.pdb_strand_id 
_pdbx_nonpoly_scheme.pdb_ins_code 
C 2 4AH 1  1200 1200 4AH 4AH B . 
D 3 HOH 1  2001 2001 HOH HOH A . 
D 3 HOH 2  2002 2002 HOH HOH A . 
D 3 HOH 3  2003 2003 HOH HOH A . 
D 3 HOH 4  2004 2004 HOH HOH A . 
D 3 HOH 5  2005 2005 HOH HOH A . 
D 3 HOH 6  2006 2006 HOH HOH A . 
D 3 HOH 7  2007 2007 HOH HOH A . 
D 3 HOH 8  2008 2008 HOH HOH A . 
D 3 HOH 9  2009 2009 HOH HOH A . 
D 3 HOH 10 2010 2010 HOH HOH A . 
D 3 HOH 11 2011 2011 HOH HOH A . 
D 3 HOH 12 2012 2012 HOH HOH A . 
D 3 HOH 13 2013 2013 HOH HOH A . 
D 3 HOH 14 2014 2014 HOH HOH A . 
D 3 HOH 15 2015 2015 HOH HOH A . 
D 3 HOH 16 2016 2016 HOH HOH A . 
D 3 HOH 17 2017 2017 HOH HOH A . 
D 3 HOH 18 2018 2018 HOH HOH A . 
D 3 HOH 19 2019 2019 HOH HOH A . 
D 3 HOH 20 2020 2020 HOH HOH A . 
D 3 HOH 21 2021 2021 HOH HOH A . 
D 3 HOH 22 2022 2022 HOH HOH A . 
D 3 HOH 23 2023 2023 HOH HOH A . 
D 3 HOH 24 2024 2024 HOH HOH A . 
D 3 HOH 25 2025 2025 HOH HOH A . 
D 3 HOH 26 2026 2026 HOH HOH A . 
D 3 HOH 27 2027 2027 HOH HOH A . 
D 3 HOH 28 2028 2028 HOH HOH A . 
D 3 HOH 29 2029 2029 HOH HOH A . 
D 3 HOH 30 2030 2030 HOH HOH A . 
D 3 HOH 31 2031 2031 HOH HOH A . 
D 3 HOH 32 2032 2032 HOH HOH A . 
D 3 HOH 33 2033 2033 HOH HOH A . 
D 3 HOH 34 2034 2034 HOH HOH A . 
D 3 HOH 35 2035 2035 HOH HOH A . 
D 3 HOH 36 2036 2036 HOH HOH A . 
D 3 HOH 37 2037 2037 HOH HOH A . 
D 3 HOH 38 2038 2038 HOH HOH A . 
D 3 HOH 39 2039 2039 HOH HOH A . 
D 3 HOH 40 2040 2040 HOH HOH A . 
D 3 HOH 41 2041 2041 HOH HOH A . 
D 3 HOH 42 2042 2042 HOH HOH A . 
D 3 HOH 43 2043 2043 HOH HOH A . 
D 3 HOH 44 2044 2044 HOH HOH A . 
D 3 HOH 45 2045 2045 HOH HOH A . 
D 3 HOH 46 2046 2046 HOH HOH A . 
D 3 HOH 47 2047 2047 HOH HOH A . 
D 3 HOH 48 2048 2048 HOH HOH A . 
D 3 HOH 49 2049 2049 HOH HOH A . 
D 3 HOH 50 2050 2050 HOH HOH A . 
D 3 HOH 51 2051 2051 HOH HOH A . 
D 3 HOH 52 2052 2052 HOH HOH A . 
D 3 HOH 53 2053 2053 HOH HOH A . 
D 3 HOH 54 2054 2054 HOH HOH A . 
D 3 HOH 55 2055 2055 HOH HOH A . 
D 3 HOH 56 2056 2056 HOH HOH A . 
D 3 HOH 57 2057 2057 HOH HOH A . 
D 3 HOH 58 2058 2058 HOH HOH A . 
D 3 HOH 59 2059 2059 HOH HOH A . 
D 3 HOH 60 2060 2060 HOH HOH A . 
D 3 HOH 61 2061 2061 HOH HOH A . 
D 3 HOH 62 2062 2062 HOH HOH A . 
D 3 HOH 63 2063 2063 HOH HOH A . 
D 3 HOH 64 2064 2064 HOH HOH A . 
D 3 HOH 65 2065 2065 HOH HOH A . 
D 3 HOH 66 2066 2066 HOH HOH A . 
D 3 HOH 67 2067 2067 HOH HOH A . 
D 3 HOH 68 2068 2068 HOH HOH A . 
D 3 HOH 69 2069 2069 HOH HOH A . 
D 3 HOH 70 2070 2070 HOH HOH A . 
D 3 HOH 71 2071 2071 HOH HOH A . 
D 3 HOH 72 2072 2072 HOH HOH A . 
D 3 HOH 73 2073 2073 HOH HOH A . 
D 3 HOH 74 2074 2074 HOH HOH A . 
E 3 HOH 1  2001 2001 HOH HOH B . 
E 3 HOH 2  2002 2002 HOH HOH B . 
E 3 HOH 3  2003 2003 HOH HOH B . 
E 3 HOH 4  2004 2004 HOH HOH B . 
E 3 HOH 5  2005 2005 HOH HOH B . 
E 3 HOH 6  2006 2006 HOH HOH B . 
E 3 HOH 7  2007 2007 HOH HOH B . 
E 3 HOH 8  2008 2008 HOH HOH B . 
E 3 HOH 9  2009 2009 HOH HOH B . 
E 3 HOH 10 2010 2010 HOH HOH B . 
E 3 HOH 11 2011 2011 HOH HOH B . 
E 3 HOH 12 2012 2012 HOH HOH B . 
E 3 HOH 13 2013 2013 HOH HOH B . 
E 3 HOH 14 2014 2014 HOH HOH B . 
E 3 HOH 15 2015 2015 HOH HOH B . 
E 3 HOH 16 2016 2016 HOH HOH B . 
E 3 HOH 17 2017 2017 HOH HOH B . 
E 3 HOH 18 2018 2018 HOH HOH B . 
E 3 HOH 19 2019 2019 HOH HOH B . 
E 3 HOH 20 2020 2020 HOH HOH B . 
E 3 HOH 21 2021 2021 HOH HOH B . 
E 3 HOH 22 2022 2022 HOH HOH B . 
E 3 HOH 23 2023 2023 HOH HOH B . 
E 3 HOH 24 2024 2024 HOH HOH B . 
E 3 HOH 25 2025 2025 HOH HOH B . 
E 3 HOH 26 2026 2026 HOH HOH B . 
E 3 HOH 27 2027 2027 HOH HOH B . 
E 3 HOH 28 2028 2028 HOH HOH B . 
E 3 HOH 29 2029 2029 HOH HOH B . 
E 3 HOH 30 2030 2030 HOH HOH B . 
E 3 HOH 31 2031 2031 HOH HOH B . 
E 3 HOH 32 2032 2032 HOH HOH B . 
E 3 HOH 33 2033 2033 HOH HOH B . 
E 3 HOH 34 2034 2034 HOH HOH B . 
E 3 HOH 35 2035 2035 HOH HOH B . 
E 3 HOH 36 2036 2036 HOH HOH B . 
E 3 HOH 37 2037 2037 HOH HOH B . 
E 3 HOH 38 2038 2038 HOH HOH B . 
E 3 HOH 39 2039 2039 HOH HOH B . 
E 3 HOH 40 2040 2040 HOH HOH B . 
E 3 HOH 41 2041 2041 HOH HOH B . 
E 3 HOH 42 2042 2042 HOH HOH B . 
E 3 HOH 43 2043 2043 HOH HOH B . 
E 3 HOH 44 2044 2044 HOH HOH B . 
E 3 HOH 45 2045 2045 HOH HOH B . 
E 3 HOH 46 2046 2046 HOH HOH B . 
E 3 HOH 47 2047 2047 HOH HOH B . 
E 3 HOH 48 2048 2048 HOH HOH B . 
E 3 HOH 49 2049 2049 HOH HOH B . 
E 3 HOH 50 2050 2050 HOH HOH B . 
E 3 HOH 51 2051 2051 HOH HOH B . 
E 3 HOH 52 2052 2052 HOH HOH B . 
E 3 HOH 53 2053 2053 HOH HOH B . 
E 3 HOH 54 2054 2054 HOH HOH B . 
E 3 HOH 55 2055 2055 HOH HOH B . 
E 3 HOH 56 2056 2056 HOH HOH B . 
E 3 HOH 57 2057 2057 HOH HOH B . 
E 3 HOH 58 2058 2058 HOH HOH B . 
E 3 HOH 59 2059 2059 HOH HOH B . 
E 3 HOH 60 2060 2060 HOH HOH B . 
E 3 HOH 61 2061 2061 HOH HOH B . 
E 3 HOH 62 2062 2062 HOH HOH B . 
E 3 HOH 63 2063 2063 HOH HOH B . 
E 3 HOH 64 2064 2064 HOH HOH B . 
E 3 HOH 65 2065 2065 HOH HOH B . 
E 3 HOH 66 2066 2066 HOH HOH B . 
E 3 HOH 67 2067 2067 HOH HOH B . 
E 3 HOH 68 2068 2068 HOH HOH B . 
E 3 HOH 69 2069 2069 HOH HOH B . 
E 3 HOH 70 2070 2070 HOH HOH B . 
E 3 HOH 71 2071 2071 HOH HOH B . 
E 3 HOH 72 2072 2072 HOH HOH B . 
E 3 HOH 73 2073 2073 HOH HOH B . 
E 3 HOH 74 2074 2074 HOH HOH B . 
E 3 HOH 75 2075 2075 HOH HOH B . 
E 3 HOH 76 2076 2076 HOH HOH B . 
E 3 HOH 77 2077 2077 HOH HOH B . 
E 3 HOH 78 2078 2078 HOH HOH B . 
E 3 HOH 79 2079 2079 HOH HOH B . 
E 3 HOH 80 2080 2080 HOH HOH B . 
E 3 HOH 81 2081 2081 HOH HOH B . 
E 3 HOH 82 2082 2082 HOH HOH B . 
E 3 HOH 83 2083 2083 HOH HOH B . 
E 3 HOH 84 2084 2084 HOH HOH B . 
E 3 HOH 85 2085 2085 HOH HOH B . 
E 3 HOH 86 2086 2086 HOH HOH B . 
E 3 HOH 87 2087 2087 HOH HOH B . 
E 3 HOH 88 2088 2088 HOH HOH B . 
E 3 HOH 89 2089 2089 HOH HOH B . 
E 3 HOH 90 2090 2090 HOH HOH B . 
E 3 HOH 91 2091 2091 HOH HOH B . 
E 3 HOH 92 2092 2092 HOH HOH B . 
# 
_pdbx_struct_assembly.id                   1 
_pdbx_struct_assembly.details              author_and_software_defined_assembly 
_pdbx_struct_assembly.method_details       PQS 
_pdbx_struct_assembly.oligomeric_details   dimeric 
_pdbx_struct_assembly.oligomeric_count     2 
# 
_pdbx_struct_assembly_gen.assembly_id       1 
_pdbx_struct_assembly_gen.oper_expression   1 
_pdbx_struct_assembly_gen.asym_id_list      A,B,C,D,E 
# 
_pdbx_struct_oper_list.id                   1 
_pdbx_struct_oper_list.type                 'identity operation' 
_pdbx_struct_oper_list.name                 1_555 
_pdbx_struct_oper_list.symmetry_operation   x,y,z 
_pdbx_struct_oper_list.matrix[1][1]         1.0000000000 
_pdbx_struct_oper_list.matrix[1][2]         0.0000000000 
_pdbx_struct_oper_list.matrix[1][3]         0.0000000000 
_pdbx_struct_oper_list.vector[1]            0.0000000000 
_pdbx_struct_oper_list.matrix[2][1]         0.0000000000 
_pdbx_struct_oper_list.matrix[2][2]         1.0000000000 
_pdbx_struct_oper_list.matrix[2][3]         0.0000000000 
_pdbx_struct_oper_list.vector[2]            0.0000000000 
_pdbx_struct_oper_list.matrix[3][1]         0.0000000000 
_pdbx_struct_oper_list.matrix[3][2]         0.0000000000 
_pdbx_struct_oper_list.matrix[3][3]         1.0000000000 
_pdbx_struct_oper_list.vector[3]            0.0000000000 
# 
loop_
_pdbx_audit_revision_history.ordinal 
_pdbx_audit_revision_history.data_content_type 
_pdbx_audit_revision_history.major_revision 
_pdbx_audit_revision_history.minor_revision 
_pdbx_audit_revision_history.revision_date 
1 'Structure model' 1 0 2007-02-13 
2 'Structure model' 1 1 2011-05-08 
3 'Structure model' 1 2 2011-07-13 
4 'Structure model' 1 3 2018-01-17 
5 'Structure model' 1 4 2023-12-13 
# 
_pdbx_audit_revision_details.ordinal             1 
_pdbx_audit_revision_details.revision_ordinal    1 
_pdbx_audit_revision_details.data_content_type   'Structure model' 
_pdbx_audit_revision_details.provider            repository 
_pdbx_audit_revision_details.type                'Initial release' 
_pdbx_audit_revision_details.description         ? 
_pdbx_audit_revision_details.details             ? 
# 
loop_
_pdbx_audit_revision_group.ordinal 
_pdbx_audit_revision_group.revision_ordinal 
_pdbx_audit_revision_group.data_content_type 
_pdbx_audit_revision_group.group 
1 2 'Structure model' 'Version format compliance' 
2 3 'Structure model' 'Version format compliance' 
3 4 'Structure model' 'Data collection'           
4 5 'Structure model' 'Data collection'           
5 5 'Structure model' 'Database references'       
6 5 'Structure model' Other                       
7 5 'Structure model' 'Refinement description'    
# 
loop_
_pdbx_audit_revision_category.ordinal 
_pdbx_audit_revision_category.revision_ordinal 
_pdbx_audit_revision_category.data_content_type 
_pdbx_audit_revision_category.category 
1 4 'Structure model' diffrn_source                 
2 5 'Structure model' chem_comp_atom                
3 5 'Structure model' chem_comp_bond                
4 5 'Structure model' database_2                    
5 5 'Structure model' pdbx_database_status          
6 5 'Structure model' pdbx_initial_refinement_model 
# 
loop_
_pdbx_audit_revision_item.ordinal 
_pdbx_audit_revision_item.revision_ordinal 
_pdbx_audit_revision_item.data_content_type 
_pdbx_audit_revision_item.item 
1 4 'Structure model' '_diffrn_source.pdbx_synchrotron_site' 
2 5 'Structure model' '_database_2.pdbx_DOI'                 
3 5 'Structure model' '_database_2.pdbx_database_accession'  
4 5 'Structure model' '_pdbx_database_status.status_code_sf' 
# 
loop_
_software.name 
_software.classification 
_software.version 
_software.citation_id 
_software.pdbx_ordinal 
CNS    refinement       1.1 ? 1 
MOSFLM 'data reduction' .   ? 2 
SCALA  'data scaling'   .   ? 3 
CNS    phasing          .   ? 4 
# 
_pdbx_database_remark.id     700 
_pdbx_database_remark.text   
;
SHEET
DETERMINATION METHOD: DSSP
THE SHEETS PRESENTED AS "AB" AND "BA" IN EACH CHAIN ON SHEET
RECORDS BELOW ARE ACTUALLY 7-STRANDED BARRELS REPRESENTED BY
AN  8-STRANDED SHEET IN WHICH THE FIRST AND LAST STRANDS
ARE IDENTICAL.
;
# 
_pdbx_validate_torsion.id              1 
_pdbx_validate_torsion.PDB_model_num   1 
_pdbx_validate_torsion.auth_comp_id    GLU 
_pdbx_validate_torsion.auth_asym_id    B 
_pdbx_validate_torsion.auth_seq_id     135 
_pdbx_validate_torsion.PDB_ins_code    ? 
_pdbx_validate_torsion.label_alt_id    ? 
_pdbx_validate_torsion.phi             -38.04 
_pdbx_validate_torsion.psi             128.03 
# 
loop_
_chem_comp_atom.comp_id 
_chem_comp_atom.atom_id 
_chem_comp_atom.type_symbol 
_chem_comp_atom.pdbx_aromatic_flag 
_chem_comp_atom.pdbx_stereo_config 
_chem_comp_atom.pdbx_ordinal 
4AH C1   C N S 1   
4AH C2   C N N 2   
4AH O3   O N N 3   
4AH N4   N N N 4   
4AH C5   C N S 5   
4AH C6   C Y N 6   
4AH C7   C Y N 7   
4AH C8   C Y N 8   
4AH C9   C Y N 9   
4AH C10  C Y N 10  
4AH C11  C Y N 11  
4AH C12  C N N 12  
4AH C13  C N R 13  
4AH O14  O N N 14  
4AH C24  C N N 15  
4AH C25  C Y N 16  
4AH C26  C Y N 17  
4AH C27  C Y N 18  
4AH C28  C Y N 19  
4AH C29  C Y N 20  
4AH C30  C Y N 21  
4AH O36  O N N 22  
4AH C41  C N N 23  
4AH N42  N N N 24  
4AH N43  N N N 25  
4AH C44  C N N 26  
4AH C45  C N N 27  
4AH O46  O N N 28  
4AH C47  C N S 29  
4AH C48  C N N 30  
4AH C49  C N N 31  
4AH C50  C N N 32  
4AH N51  N N N 33  
4AH C54  C N N 34  
4AH O55  O N N 35  
4AH O56  O N N 36  
4AH C78  C Y N 37  
4AH C79  C Y N 38  
4AH C80  C Y N 39  
4AH C81  C Y N 40  
4AH C82  C Y N 41  
4AH C83  C Y N 42  
4AH C91  C N N 43  
4AH C92  C N N 44  
4AH C93  C Y N 45  
4AH C94  C Y N 46  
4AH C95  C Y N 47  
4AH C96  C Y N 48  
4AH N97  N Y N 49  
4AH C98  C Y N 50  
4AH H4   H N N 51  
4AH H5   H N N 52  
4AH H7   H N N 53  
4AH H8   H N N 54  
4AH H9   H N N 55  
4AH H10  H N N 56  
4AH H121 H N N 57  
4AH H122 H N N 58  
4AH H13  H N N 59  
4AH H14  H N N 60  
4AH H241 H N N 61  
4AH H242 H N N 62  
4AH H26  H N N 63  
4AH H27  H N N 64  
4AH H28  H N N 65  
4AH H29  H N N 66  
4AH H30  H N N 67  
4AH H36  H N N 68  
4AH H411 H N N 69  
4AH H412 H N N 70  
4AH H43  H N N 71  
4AH H441 H N N 72  
4AH H442 H N N 73  
4AH H47  H N N 74  
4AH H491 H N N 75  
4AH H492 H N N 76  
4AH H493 H N N 77  
4AH H501 H N N 78  
4AH H502 H N N 79  
4AH H503 H N N 80  
4AH H51  H N N 81  
4AH H79  H N N 82  
4AH H80  H N N 83  
4AH H82  H N N 84  
4AH H83  H N N 85  
4AH H911 H N N 86  
4AH H912 H N N 87  
4AH H913 H N N 88  
4AH H921 H N N 89  
4AH H922 H N N 90  
4AH H923 H N N 91  
4AH H93  H N N 92  
4AH H94  H N N 93  
4AH H96  H N N 94  
4AH H98  H N N 95  
ALA N    N N N 96  
ALA CA   C N S 97  
ALA C    C N N 98  
ALA O    O N N 99  
ALA CB   C N N 100 
ALA OXT  O N N 101 
ALA H    H N N 102 
ALA H2   H N N 103 
ALA HA   H N N 104 
ALA HB1  H N N 105 
ALA HB2  H N N 106 
ALA HB3  H N N 107 
ALA HXT  H N N 108 
ARG N    N N N 109 
ARG CA   C N S 110 
ARG C    C N N 111 
ARG O    O N N 112 
ARG CB   C N N 113 
ARG CG   C N N 114 
ARG CD   C N N 115 
ARG NE   N N N 116 
ARG CZ   C N N 117 
ARG NH1  N N N 118 
ARG NH2  N N N 119 
ARG OXT  O N N 120 
ARG H    H N N 121 
ARG H2   H N N 122 
ARG HA   H N N 123 
ARG HB2  H N N 124 
ARG HB3  H N N 125 
ARG HG2  H N N 126 
ARG HG3  H N N 127 
ARG HD2  H N N 128 
ARG HD3  H N N 129 
ARG HE   H N N 130 
ARG HH11 H N N 131 
ARG HH12 H N N 132 
ARG HH21 H N N 133 
ARG HH22 H N N 134 
ARG HXT  H N N 135 
ASN N    N N N 136 
ASN CA   C N S 137 
ASN C    C N N 138 
ASN O    O N N 139 
ASN CB   C N N 140 
ASN CG   C N N 141 
ASN OD1  O N N 142 
ASN ND2  N N N 143 
ASN OXT  O N N 144 
ASN H    H N N 145 
ASN H2   H N N 146 
ASN HA   H N N 147 
ASN HB2  H N N 148 
ASN HB3  H N N 149 
ASN HD21 H N N 150 
ASN HD22 H N N 151 
ASN HXT  H N N 152 
ASP N    N N N 153 
ASP CA   C N S 154 
ASP C    C N N 155 
ASP O    O N N 156 
ASP CB   C N N 157 
ASP CG   C N N 158 
ASP OD1  O N N 159 
ASP OD2  O N N 160 
ASP OXT  O N N 161 
ASP H    H N N 162 
ASP H2   H N N 163 
ASP HA   H N N 164 
ASP HB2  H N N 165 
ASP HB3  H N N 166 
ASP HD2  H N N 167 
ASP HXT  H N N 168 
CYS N    N N N 169 
CYS CA   C N R 170 
CYS C    C N N 171 
CYS O    O N N 172 
CYS CB   C N N 173 
CYS SG   S N N 174 
CYS OXT  O N N 175 
CYS H    H N N 176 
CYS H2   H N N 177 
CYS HA   H N N 178 
CYS HB2  H N N 179 
CYS HB3  H N N 180 
CYS HG   H N N 181 
CYS HXT  H N N 182 
GLN N    N N N 183 
GLN CA   C N S 184 
GLN C    C N N 185 
GLN O    O N N 186 
GLN CB   C N N 187 
GLN CG   C N N 188 
GLN CD   C N N 189 
GLN OE1  O N N 190 
GLN NE2  N N N 191 
GLN OXT  O N N 192 
GLN H    H N N 193 
GLN H2   H N N 194 
GLN HA   H N N 195 
GLN HB2  H N N 196 
GLN HB3  H N N 197 
GLN HG2  H N N 198 
GLN HG3  H N N 199 
GLN HE21 H N N 200 
GLN HE22 H N N 201 
GLN HXT  H N N 202 
GLU N    N N N 203 
GLU CA   C N S 204 
GLU C    C N N 205 
GLU O    O N N 206 
GLU CB   C N N 207 
GLU CG   C N N 208 
GLU CD   C N N 209 
GLU OE1  O N N 210 
GLU OE2  O N N 211 
GLU OXT  O N N 212 
GLU H    H N N 213 
GLU H2   H N N 214 
GLU HA   H N N 215 
GLU HB2  H N N 216 
GLU HB3  H N N 217 
GLU HG2  H N N 218 
GLU HG3  H N N 219 
GLU HE2  H N N 220 
GLU HXT  H N N 221 
GLY N    N N N 222 
GLY CA   C N N 223 
GLY C    C N N 224 
GLY O    O N N 225 
GLY OXT  O N N 226 
GLY H    H N N 227 
GLY H2   H N N 228 
GLY HA2  H N N 229 
GLY HA3  H N N 230 
GLY HXT  H N N 231 
HIS N    N N N 232 
HIS CA   C N S 233 
HIS C    C N N 234 
HIS O    O N N 235 
HIS CB   C N N 236 
HIS CG   C Y N 237 
HIS ND1  N Y N 238 
HIS CD2  C Y N 239 
HIS CE1  C Y N 240 
HIS NE2  N Y N 241 
HIS OXT  O N N 242 
HIS H    H N N 243 
HIS H2   H N N 244 
HIS HA   H N N 245 
HIS HB2  H N N 246 
HIS HB3  H N N 247 
HIS HD1  H N N 248 
HIS HD2  H N N 249 
HIS HE1  H N N 250 
HIS HE2  H N N 251 
HIS HXT  H N N 252 
HOH O    O N N 253 
HOH H1   H N N 254 
HOH H2   H N N 255 
ILE N    N N N 256 
ILE CA   C N S 257 
ILE C    C N N 258 
ILE O    O N N 259 
ILE CB   C N S 260 
ILE CG1  C N N 261 
ILE CG2  C N N 262 
ILE CD1  C N N 263 
ILE OXT  O N N 264 
ILE H    H N N 265 
ILE H2   H N N 266 
ILE HA   H N N 267 
ILE HB   H N N 268 
ILE HG12 H N N 269 
ILE HG13 H N N 270 
ILE HG21 H N N 271 
ILE HG22 H N N 272 
ILE HG23 H N N 273 
ILE HD11 H N N 274 
ILE HD12 H N N 275 
ILE HD13 H N N 276 
ILE HXT  H N N 277 
LEU N    N N N 278 
LEU CA   C N S 279 
LEU C    C N N 280 
LEU O    O N N 281 
LEU CB   C N N 282 
LEU CG   C N N 283 
LEU CD1  C N N 284 
LEU CD2  C N N 285 
LEU OXT  O N N 286 
LEU H    H N N 287 
LEU H2   H N N 288 
LEU HA   H N N 289 
LEU HB2  H N N 290 
LEU HB3  H N N 291 
LEU HG   H N N 292 
LEU HD11 H N N 293 
LEU HD12 H N N 294 
LEU HD13 H N N 295 
LEU HD21 H N N 296 
LEU HD22 H N N 297 
LEU HD23 H N N 298 
LEU HXT  H N N 299 
LYS N    N N N 300 
LYS CA   C N S 301 
LYS C    C N N 302 
LYS O    O N N 303 
LYS CB   C N N 304 
LYS CG   C N N 305 
LYS CD   C N N 306 
LYS CE   C N N 307 
LYS NZ   N N N 308 
LYS OXT  O N N 309 
LYS H    H N N 310 
LYS H2   H N N 311 
LYS HA   H N N 312 
LYS HB2  H N N 313 
LYS HB3  H N N 314 
LYS HG2  H N N 315 
LYS HG3  H N N 316 
LYS HD2  H N N 317 
LYS HD3  H N N 318 
LYS HE2  H N N 319 
LYS HE3  H N N 320 
LYS HZ1  H N N 321 
LYS HZ2  H N N 322 
LYS HZ3  H N N 323 
LYS HXT  H N N 324 
MET N    N N N 325 
MET CA   C N S 326 
MET C    C N N 327 
MET O    O N N 328 
MET CB   C N N 329 
MET CG   C N N 330 
MET SD   S N N 331 
MET CE   C N N 332 
MET OXT  O N N 333 
MET H    H N N 334 
MET H2   H N N 335 
MET HA   H N N 336 
MET HB2  H N N 337 
MET HB3  H N N 338 
MET HG2  H N N 339 
MET HG3  H N N 340 
MET HE1  H N N 341 
MET HE2  H N N 342 
MET HE3  H N N 343 
MET HXT  H N N 344 
PHE N    N N N 345 
PHE CA   C N S 346 
PHE C    C N N 347 
PHE O    O N N 348 
PHE CB   C N N 349 
PHE CG   C Y N 350 
PHE CD1  C Y N 351 
PHE CD2  C Y N 352 
PHE CE1  C Y N 353 
PHE CE2  C Y N 354 
PHE CZ   C Y N 355 
PHE OXT  O N N 356 
PHE H    H N N 357 
PHE H2   H N N 358 
PHE HA   H N N 359 
PHE HB2  H N N 360 
PHE HB3  H N N 361 
PHE HD1  H N N 362 
PHE HD2  H N N 363 
PHE HE1  H N N 364 
PHE HE2  H N N 365 
PHE HZ   H N N 366 
PHE HXT  H N N 367 
PRO N    N N N 368 
PRO CA   C N S 369 
PRO C    C N N 370 
PRO O    O N N 371 
PRO CB   C N N 372 
PRO CG   C N N 373 
PRO CD   C N N 374 
PRO OXT  O N N 375 
PRO H    H N N 376 
PRO HA   H N N 377 
PRO HB2  H N N 378 
PRO HB3  H N N 379 
PRO HG2  H N N 380 
PRO HG3  H N N 381 
PRO HD2  H N N 382 
PRO HD3  H N N 383 
PRO HXT  H N N 384 
SER N    N N N 385 
SER CA   C N S 386 
SER C    C N N 387 
SER O    O N N 388 
SER CB   C N N 389 
SER OG   O N N 390 
SER OXT  O N N 391 
SER H    H N N 392 
SER H2   H N N 393 
SER HA   H N N 394 
SER HB2  H N N 395 
SER HB3  H N N 396 
SER HG   H N N 397 
SER HXT  H N N 398 
THR N    N N N 399 
THR CA   C N S 400 
THR C    C N N 401 
THR O    O N N 402 
THR CB   C N R 403 
THR OG1  O N N 404 
THR CG2  C N N 405 
THR OXT  O N N 406 
THR H    H N N 407 
THR H2   H N N 408 
THR HA   H N N 409 
THR HB   H N N 410 
THR HG1  H N N 411 
THR HG21 H N N 412 
THR HG22 H N N 413 
THR HG23 H N N 414 
THR HXT  H N N 415 
TRP N    N N N 416 
TRP CA   C N S 417 
TRP C    C N N 418 
TRP O    O N N 419 
TRP CB   C N N 420 
TRP CG   C Y N 421 
TRP CD1  C Y N 422 
TRP CD2  C Y N 423 
TRP NE1  N Y N 424 
TRP CE2  C Y N 425 
TRP CE3  C Y N 426 
TRP CZ2  C Y N 427 
TRP CZ3  C Y N 428 
TRP CH2  C Y N 429 
TRP OXT  O N N 430 
TRP H    H N N 431 
TRP H2   H N N 432 
TRP HA   H N N 433 
TRP HB2  H N N 434 
TRP HB3  H N N 435 
TRP HD1  H N N 436 
TRP HE1  H N N 437 
TRP HE3  H N N 438 
TRP HZ2  H N N 439 
TRP HZ3  H N N 440 
TRP HH2  H N N 441 
TRP HXT  H N N 442 
TYR N    N N N 443 
TYR CA   C N S 444 
TYR C    C N N 445 
TYR O    O N N 446 
TYR CB   C N N 447 
TYR CG   C Y N 448 
TYR CD1  C Y N 449 
TYR CD2  C Y N 450 
TYR CE1  C Y N 451 
TYR CE2  C Y N 452 
TYR CZ   C Y N 453 
TYR OH   O N N 454 
TYR OXT  O N N 455 
TYR H    H N N 456 
TYR H2   H N N 457 
TYR HA   H N N 458 
TYR HB2  H N N 459 
TYR HB3  H N N 460 
TYR HD1  H N N 461 
TYR HD2  H N N 462 
TYR HE1  H N N 463 
TYR HE2  H N N 464 
TYR HH   H N N 465 
TYR HXT  H N N 466 
VAL N    N N N 467 
VAL CA   C N S 468 
VAL C    C N N 469 
VAL O    O N N 470 
VAL CB   C N N 471 
VAL CG1  C N N 472 
VAL CG2  C N N 473 
VAL OXT  O N N 474 
VAL H    H N N 475 
VAL H2   H N N 476 
VAL HA   H N N 477 
VAL HB   H N N 478 
VAL HG11 H N N 479 
VAL HG12 H N N 480 
VAL HG13 H N N 481 
VAL HG21 H N N 482 
VAL HG22 H N N 483 
VAL HG23 H N N 484 
VAL HXT  H N N 485 
# 
loop_
_chem_comp_bond.comp_id 
_chem_comp_bond.atom_id_1 
_chem_comp_bond.atom_id_2 
_chem_comp_bond.value_order 
_chem_comp_bond.pdbx_aromatic_flag 
_chem_comp_bond.pdbx_stereo_config 
_chem_comp_bond.pdbx_ordinal 
4AH C1  C2   sing N N 1   
4AH C1  C24  sing N N 2   
4AH C1  O36  sing N N 3   
4AH C1  C41  sing N N 4   
4AH C2  O3   doub N N 5   
4AH C2  N4   sing N N 6   
4AH N4  C5   sing N N 7   
4AH N4  H4   sing N N 8   
4AH C5  C6   sing N N 9   
4AH C5  C13  sing N N 10  
4AH C5  H5   sing N N 11  
4AH C6  C7   doub Y N 12  
4AH C6  C11  sing Y N 13  
4AH C7  C8   sing Y N 14  
4AH C7  H7   sing N N 15  
4AH C8  C9   doub Y N 16  
4AH C8  H8   sing N N 17  
4AH C9  C10  sing Y N 18  
4AH C9  H9   sing N N 19  
4AH C10 C11  doub Y N 20  
4AH C10 H10  sing N N 21  
4AH C11 C12  sing N N 22  
4AH C12 C13  sing N N 23  
4AH C12 H121 sing N N 24  
4AH C12 H122 sing N N 25  
4AH C13 O14  sing N N 26  
4AH C13 H13  sing N N 27  
4AH O14 H14  sing N N 28  
4AH C24 C25  sing N N 29  
4AH C24 H241 sing N N 30  
4AH C24 H242 sing N N 31  
4AH C25 C26  doub Y N 32  
4AH C25 C30  sing Y N 33  
4AH C26 C27  sing Y N 34  
4AH C26 H26  sing N N 35  
4AH C27 C28  doub Y N 36  
4AH C27 H27  sing N N 37  
4AH C28 C29  sing Y N 38  
4AH C28 H28  sing N N 39  
4AH C29 C30  doub Y N 40  
4AH C29 H29  sing N N 41  
4AH C30 H30  sing N N 42  
4AH O36 H36  sing N N 43  
4AH C41 N42  sing N N 44  
4AH C41 H411 sing N N 45  
4AH C41 H412 sing N N 46  
4AH N42 N43  sing N N 47  
4AH N42 C44  sing N N 48  
4AH N43 C45  sing N N 49  
4AH N43 H43  sing N N 50  
4AH C44 C78  sing N N 51  
4AH C44 H441 sing N N 52  
4AH C44 H442 sing N N 53  
4AH C45 O46  doub N N 54  
4AH C45 C47  sing N N 55  
4AH C47 C48  sing N N 56  
4AH C47 N51  sing N N 57  
4AH C47 H47  sing N N 58  
4AH C48 C49  sing N N 59  
4AH C48 C50  sing N N 60  
4AH C48 C92  sing N N 61  
4AH C49 H491 sing N N 62  
4AH C49 H492 sing N N 63  
4AH C49 H493 sing N N 64  
4AH C50 H501 sing N N 65  
4AH C50 H502 sing N N 66  
4AH C50 H503 sing N N 67  
4AH N51 C54  sing N N 68  
4AH N51 H51  sing N N 69  
4AH C54 O55  doub N N 70  
4AH C54 O56  sing N N 71  
4AH O56 C91  sing N N 72  
4AH C78 C79  doub Y N 73  
4AH C78 C82  sing Y N 74  
4AH C79 C80  sing Y N 75  
4AH C79 H79  sing N N 76  
4AH C80 C81  doub Y N 77  
4AH C80 H80  sing N N 78  
4AH C81 C83  sing Y N 79  
4AH C81 C95  sing Y N 80  
4AH C82 C83  doub Y N 81  
4AH C82 H82  sing N N 82  
4AH C83 H83  sing N N 83  
4AH C91 H911 sing N N 84  
4AH C91 H912 sing N N 85  
4AH C91 H913 sing N N 86  
4AH C92 H921 sing N N 87  
4AH C92 H922 sing N N 88  
4AH C92 H923 sing N N 89  
4AH C93 C94  sing Y N 90  
4AH C93 C98  doub Y N 91  
4AH C93 H93  sing N N 92  
4AH C94 C95  doub Y N 93  
4AH C94 H94  sing N N 94  
4AH C95 C96  sing Y N 95  
4AH C96 N97  doub Y N 96  
4AH C96 H96  sing N N 97  
4AH N97 C98  sing Y N 98  
4AH C98 H98  sing N N 99  
ALA N   CA   sing N N 100 
ALA N   H    sing N N 101 
ALA N   H2   sing N N 102 
ALA CA  C    sing N N 103 
ALA CA  CB   sing N N 104 
ALA CA  HA   sing N N 105 
ALA C   O    doub N N 106 
ALA C   OXT  sing N N 107 
ALA CB  HB1  sing N N 108 
ALA CB  HB2  sing N N 109 
ALA CB  HB3  sing N N 110 
ALA OXT HXT  sing N N 111 
ARG N   CA   sing N N 112 
ARG N   H    sing N N 113 
ARG N   H2   sing N N 114 
ARG CA  C    sing N N 115 
ARG CA  CB   sing N N 116 
ARG CA  HA   sing N N 117 
ARG C   O    doub N N 118 
ARG C   OXT  sing N N 119 
ARG CB  CG   sing N N 120 
ARG CB  HB2  sing N N 121 
ARG CB  HB3  sing N N 122 
ARG CG  CD   sing N N 123 
ARG CG  HG2  sing N N 124 
ARG CG  HG3  sing N N 125 
ARG CD  NE   sing N N 126 
ARG CD  HD2  sing N N 127 
ARG CD  HD3  sing N N 128 
ARG NE  CZ   sing N N 129 
ARG NE  HE   sing N N 130 
ARG CZ  NH1  sing N N 131 
ARG CZ  NH2  doub N N 132 
ARG NH1 HH11 sing N N 133 
ARG NH1 HH12 sing N N 134 
ARG NH2 HH21 sing N N 135 
ARG NH2 HH22 sing N N 136 
ARG OXT HXT  sing N N 137 
ASN N   CA   sing N N 138 
ASN N   H    sing N N 139 
ASN N   H2   sing N N 140 
ASN CA  C    sing N N 141 
ASN CA  CB   sing N N 142 
ASN CA  HA   sing N N 143 
ASN C   O    doub N N 144 
ASN C   OXT  sing N N 145 
ASN CB  CG   sing N N 146 
ASN CB  HB2  sing N N 147 
ASN CB  HB3  sing N N 148 
ASN CG  OD1  doub N N 149 
ASN CG  ND2  sing N N 150 
ASN ND2 HD21 sing N N 151 
ASN ND2 HD22 sing N N 152 
ASN OXT HXT  sing N N 153 
ASP N   CA   sing N N 154 
ASP N   H    sing N N 155 
ASP N   H2   sing N N 156 
ASP CA  C    sing N N 157 
ASP CA  CB   sing N N 158 
ASP CA  HA   sing N N 159 
ASP C   O    doub N N 160 
ASP C   OXT  sing N N 161 
ASP CB  CG   sing N N 162 
ASP CB  HB2  sing N N 163 
ASP CB  HB3  sing N N 164 
ASP CG  OD1  doub N N 165 
ASP CG  OD2  sing N N 166 
ASP OD2 HD2  sing N N 167 
ASP OXT HXT  sing N N 168 
CYS N   CA   sing N N 169 
CYS N   H    sing N N 170 
CYS N   H2   sing N N 171 
CYS CA  C    sing N N 172 
CYS CA  CB   sing N N 173 
CYS CA  HA   sing N N 174 
CYS C   O    doub N N 175 
CYS C   OXT  sing N N 176 
CYS CB  SG   sing N N 177 
CYS CB  HB2  sing N N 178 
CYS CB  HB3  sing N N 179 
CYS SG  HG   sing N N 180 
CYS OXT HXT  sing N N 181 
GLN N   CA   sing N N 182 
GLN N   H    sing N N 183 
GLN N   H2   sing N N 184 
GLN CA  C    sing N N 185 
GLN CA  CB   sing N N 186 
GLN CA  HA   sing N N 187 
GLN C   O    doub N N 188 
GLN C   OXT  sing N N 189 
GLN CB  CG   sing N N 190 
GLN CB  HB2  sing N N 191 
GLN CB  HB3  sing N N 192 
GLN CG  CD   sing N N 193 
GLN CG  HG2  sing N N 194 
GLN CG  HG3  sing N N 195 
GLN CD  OE1  doub N N 196 
GLN CD  NE2  sing N N 197 
GLN NE2 HE21 sing N N 198 
GLN NE2 HE22 sing N N 199 
GLN OXT HXT  sing N N 200 
GLU N   CA   sing N N 201 
GLU N   H    sing N N 202 
GLU N   H2   sing N N 203 
GLU CA  C    sing N N 204 
GLU CA  CB   sing N N 205 
GLU CA  HA   sing N N 206 
GLU C   O    doub N N 207 
GLU C   OXT  sing N N 208 
GLU CB  CG   sing N N 209 
GLU CB  HB2  sing N N 210 
GLU CB  HB3  sing N N 211 
GLU CG  CD   sing N N 212 
GLU CG  HG2  sing N N 213 
GLU CG  HG3  sing N N 214 
GLU CD  OE1  doub N N 215 
GLU CD  OE2  sing N N 216 
GLU OE2 HE2  sing N N 217 
GLU OXT HXT  sing N N 218 
GLY N   CA   sing N N 219 
GLY N   H    sing N N 220 
GLY N   H2   sing N N 221 
GLY CA  C    sing N N 222 
GLY CA  HA2  sing N N 223 
GLY CA  HA3  sing N N 224 
GLY C   O    doub N N 225 
GLY C   OXT  sing N N 226 
GLY OXT HXT  sing N N 227 
HIS N   CA   sing N N 228 
HIS N   H    sing N N 229 
HIS N   H2   sing N N 230 
HIS CA  C    sing N N 231 
HIS CA  CB   sing N N 232 
HIS CA  HA   sing N N 233 
HIS C   O    doub N N 234 
HIS C   OXT  sing N N 235 
HIS CB  CG   sing N N 236 
HIS CB  HB2  sing N N 237 
HIS CB  HB3  sing N N 238 
HIS CG  ND1  sing Y N 239 
HIS CG  CD2  doub Y N 240 
HIS ND1 CE1  doub Y N 241 
HIS ND1 HD1  sing N N 242 
HIS CD2 NE2  sing Y N 243 
HIS CD2 HD2  sing N N 244 
HIS CE1 NE2  sing Y N 245 
HIS CE1 HE1  sing N N 246 
HIS NE2 HE2  sing N N 247 
HIS OXT HXT  sing N N 248 
HOH O   H1   sing N N 249 
HOH O   H2   sing N N 250 
ILE N   CA   sing N N 251 
ILE N   H    sing N N 252 
ILE N   H2   sing N N 253 
ILE CA  C    sing N N 254 
ILE CA  CB   sing N N 255 
ILE CA  HA   sing N N 256 
ILE C   O    doub N N 257 
ILE C   OXT  sing N N 258 
ILE CB  CG1  sing N N 259 
ILE CB  CG2  sing N N 260 
ILE CB  HB   sing N N 261 
ILE CG1 CD1  sing N N 262 
ILE CG1 HG12 sing N N 263 
ILE CG1 HG13 sing N N 264 
ILE CG2 HG21 sing N N 265 
ILE CG2 HG22 sing N N 266 
ILE CG2 HG23 sing N N 267 
ILE CD1 HD11 sing N N 268 
ILE CD1 HD12 sing N N 269 
ILE CD1 HD13 sing N N 270 
ILE OXT HXT  sing N N 271 
LEU N   CA   sing N N 272 
LEU N   H    sing N N 273 
LEU N   H2   sing N N 274 
LEU CA  C    sing N N 275 
LEU CA  CB   sing N N 276 
LEU CA  HA   sing N N 277 
LEU C   O    doub N N 278 
LEU C   OXT  sing N N 279 
LEU CB  CG   sing N N 280 
LEU CB  HB2  sing N N 281 
LEU CB  HB3  sing N N 282 
LEU CG  CD1  sing N N 283 
LEU CG  CD2  sing N N 284 
LEU CG  HG   sing N N 285 
LEU CD1 HD11 sing N N 286 
LEU CD1 HD12 sing N N 287 
LEU CD1 HD13 sing N N 288 
LEU CD2 HD21 sing N N 289 
LEU CD2 HD22 sing N N 290 
LEU CD2 HD23 sing N N 291 
LEU OXT HXT  sing N N 292 
LYS N   CA   sing N N 293 
LYS N   H    sing N N 294 
LYS N   H2   sing N N 295 
LYS CA  C    sing N N 296 
LYS CA  CB   sing N N 297 
LYS CA  HA   sing N N 298 
LYS C   O    doub N N 299 
LYS C   OXT  sing N N 300 
LYS CB  CG   sing N N 301 
LYS CB  HB2  sing N N 302 
LYS CB  HB3  sing N N 303 
LYS CG  CD   sing N N 304 
LYS CG  HG2  sing N N 305 
LYS CG  HG3  sing N N 306 
LYS CD  CE   sing N N 307 
LYS CD  HD2  sing N N 308 
LYS CD  HD3  sing N N 309 
LYS CE  NZ   sing N N 310 
LYS CE  HE2  sing N N 311 
LYS CE  HE3  sing N N 312 
LYS NZ  HZ1  sing N N 313 
LYS NZ  HZ2  sing N N 314 
LYS NZ  HZ3  sing N N 315 
LYS OXT HXT  sing N N 316 
MET N   CA   sing N N 317 
MET N   H    sing N N 318 
MET N   H2   sing N N 319 
MET CA  C    sing N N 320 
MET CA  CB   sing N N 321 
MET CA  HA   sing N N 322 
MET C   O    doub N N 323 
MET C   OXT  sing N N 324 
MET CB  CG   sing N N 325 
MET CB  HB2  sing N N 326 
MET CB  HB3  sing N N 327 
MET CG  SD   sing N N 328 
MET CG  HG2  sing N N 329 
MET CG  HG3  sing N N 330 
MET SD  CE   sing N N 331 
MET CE  HE1  sing N N 332 
MET CE  HE2  sing N N 333 
MET CE  HE3  sing N N 334 
MET OXT HXT  sing N N 335 
PHE N   CA   sing N N 336 
PHE N   H    sing N N 337 
PHE N   H2   sing N N 338 
PHE CA  C    sing N N 339 
PHE CA  CB   sing N N 340 
PHE CA  HA   sing N N 341 
PHE C   O    doub N N 342 
PHE C   OXT  sing N N 343 
PHE CB  CG   sing N N 344 
PHE CB  HB2  sing N N 345 
PHE CB  HB3  sing N N 346 
PHE CG  CD1  doub Y N 347 
PHE CG  CD2  sing Y N 348 
PHE CD1 CE1  sing Y N 349 
PHE CD1 HD1  sing N N 350 
PHE CD2 CE2  doub Y N 351 
PHE CD2 HD2  sing N N 352 
PHE CE1 CZ   doub Y N 353 
PHE CE1 HE1  sing N N 354 
PHE CE2 CZ   sing Y N 355 
PHE CE2 HE2  sing N N 356 
PHE CZ  HZ   sing N N 357 
PHE OXT HXT  sing N N 358 
PRO N   CA   sing N N 359 
PRO N   CD   sing N N 360 
PRO N   H    sing N N 361 
PRO CA  C    sing N N 362 
PRO CA  CB   sing N N 363 
PRO CA  HA   sing N N 364 
PRO C   O    doub N N 365 
PRO C   OXT  sing N N 366 
PRO CB  CG   sing N N 367 
PRO CB  HB2  sing N N 368 
PRO CB  HB3  sing N N 369 
PRO CG  CD   sing N N 370 
PRO CG  HG2  sing N N 371 
PRO CG  HG3  sing N N 372 
PRO CD  HD2  sing N N 373 
PRO CD  HD3  sing N N 374 
PRO OXT HXT  sing N N 375 
SER N   CA   sing N N 376 
SER N   H    sing N N 377 
SER N   H2   sing N N 378 
SER CA  C    sing N N 379 
SER CA  CB   sing N N 380 
SER CA  HA   sing N N 381 
SER C   O    doub N N 382 
SER C   OXT  sing N N 383 
SER CB  OG   sing N N 384 
SER CB  HB2  sing N N 385 
SER CB  HB3  sing N N 386 
SER OG  HG   sing N N 387 
SER OXT HXT  sing N N 388 
THR N   CA   sing N N 389 
THR N   H    sing N N 390 
THR N   H2   sing N N 391 
THR CA  C    sing N N 392 
THR CA  CB   sing N N 393 
THR CA  HA   sing N N 394 
THR C   O    doub N N 395 
THR C   OXT  sing N N 396 
THR CB  OG1  sing N N 397 
THR CB  CG2  sing N N 398 
THR CB  HB   sing N N 399 
THR OG1 HG1  sing N N 400 
THR CG2 HG21 sing N N 401 
THR CG2 HG22 sing N N 402 
THR CG2 HG23 sing N N 403 
THR OXT HXT  sing N N 404 
TRP N   CA   sing N N 405 
TRP N   H    sing N N 406 
TRP N   H2   sing N N 407 
TRP CA  C    sing N N 408 
TRP CA  CB   sing N N 409 
TRP CA  HA   sing N N 410 
TRP C   O    doub N N 411 
TRP C   OXT  sing N N 412 
TRP CB  CG   sing N N 413 
TRP CB  HB2  sing N N 414 
TRP CB  HB3  sing N N 415 
TRP CG  CD1  doub Y N 416 
TRP CG  CD2  sing Y N 417 
TRP CD1 NE1  sing Y N 418 
TRP CD1 HD1  sing N N 419 
TRP CD2 CE2  doub Y N 420 
TRP CD2 CE3  sing Y N 421 
TRP NE1 CE2  sing Y N 422 
TRP NE1 HE1  sing N N 423 
TRP CE2 CZ2  sing Y N 424 
TRP CE3 CZ3  doub Y N 425 
TRP CE3 HE3  sing N N 426 
TRP CZ2 CH2  doub Y N 427 
TRP CZ2 HZ2  sing N N 428 
TRP CZ3 CH2  sing Y N 429 
TRP CZ3 HZ3  sing N N 430 
TRP CH2 HH2  sing N N 431 
TRP OXT HXT  sing N N 432 
TYR N   CA   sing N N 433 
TYR N   H    sing N N 434 
TYR N   H2   sing N N 435 
TYR CA  C    sing N N 436 
TYR CA  CB   sing N N 437 
TYR CA  HA   sing N N 438 
TYR C   O    doub N N 439 
TYR C   OXT  sing N N 440 
TYR CB  CG   sing N N 441 
TYR CB  HB2  sing N N 442 
TYR CB  HB3  sing N N 443 
TYR CG  CD1  doub Y N 444 
TYR CG  CD2  sing Y N 445 
TYR CD1 CE1  sing Y N 446 
TYR CD1 HD1  sing N N 447 
TYR CD2 CE2  doub Y N 448 
TYR CD2 HD2  sing N N 449 
TYR CE1 CZ   doub Y N 450 
TYR CE1 HE1  sing N N 451 
TYR CE2 CZ   sing Y N 452 
TYR CE2 HE2  sing N N 453 
TYR CZ  OH   sing N N 454 
TYR OH  HH   sing N N 455 
TYR OXT HXT  sing N N 456 
VAL N   CA   sing N N 457 
VAL N   H    sing N N 458 
VAL N   H2   sing N N 459 
VAL CA  C    sing N N 460 
VAL CA  CB   sing N N 461 
VAL CA  HA   sing N N 462 
VAL C   O    doub N N 463 
VAL C   OXT  sing N N 464 
VAL CB  CG1  sing N N 465 
VAL CB  CG2  sing N N 466 
VAL CB  HB   sing N N 467 
VAL CG1 HG11 sing N N 468 
VAL CG1 HG12 sing N N 469 
VAL CG1 HG13 sing N N 470 
VAL CG2 HG21 sing N N 471 
VAL CG2 HG22 sing N N 472 
VAL CG2 HG23 sing N N 473 
VAL OXT HXT  sing N N 474 
# 
loop_
_pdbx_entity_nonpoly.entity_id 
_pdbx_entity_nonpoly.name 
_pdbx_entity_nonpoly.comp_id 
2 
;{(1S)-1-[N'-[(2S)-2-HYDROXY-2-((1S,2R)-2-HYDROXY-INDAN-1-YLCARBAMOYL)-3-PHENYL-PROPYL]-N'-[4-(PYRIDINE-2-YL)-BENZYL]-HYDRAZINOCARBONYL]-2,2-DIMETHYL-PROPYL}-CARBAMIC ACID METHYL ESTER
;
4AH 
3 water HOH 
# 
_pdbx_initial_refinement_model.id               1 
_pdbx_initial_refinement_model.entity_id_list   ? 
_pdbx_initial_refinement_model.type             'experimental model' 
_pdbx_initial_refinement_model.source_name      PDB 
_pdbx_initial_refinement_model.accession_code   1EBW 
_pdbx_initial_refinement_model.details          'PDB ENTRY 1EBW' 
# 
